data_4L9H
# 
_entry.id   4L9H 
# 
_audit_conform.dict_name       mmcif_pdbx.dic 
_audit_conform.dict_version    5.399 
_audit_conform.dict_location   http://mmcif.pdb.org/dictionaries/ascii/mmcif_pdbx.dic 
# 
loop_
_database_2.database_id 
_database_2.database_code 
_database_2.pdbx_database_accession 
_database_2.pdbx_DOI 
PDB   4L9H         pdb_00004l9h 10.2210/pdb4l9h/pdb 
RCSB  RCSB080349   ?            ?                   
WWPDB D_1000080349 ?            ?                   
# 
loop_
_pdbx_audit_revision_history.ordinal 
_pdbx_audit_revision_history.data_content_type 
_pdbx_audit_revision_history.major_revision 
_pdbx_audit_revision_history.minor_revision 
_pdbx_audit_revision_history.revision_date 
1 'Structure model' 1 0 2014-01-15 
2 'Structure model' 1 1 2014-09-24 
3 'Structure model' 1 2 2014-10-08 
4 'Structure model' 1 3 2024-11-20 
# 
_pdbx_audit_revision_details.ordinal             1 
_pdbx_audit_revision_details.revision_ordinal    1 
_pdbx_audit_revision_details.data_content_type   'Structure model' 
_pdbx_audit_revision_details.provider            repository 
_pdbx_audit_revision_details.type                'Initial release' 
_pdbx_audit_revision_details.description         ? 
_pdbx_audit_revision_details.details             ? 
# 
loop_
_pdbx_audit_revision_group.ordinal 
_pdbx_audit_revision_group.revision_ordinal 
_pdbx_audit_revision_group.data_content_type 
_pdbx_audit_revision_group.group 
1 2 'Structure model' 'Database references'  
2 3 'Structure model' 'Structure summary'    
3 4 'Structure model' 'Data collection'      
4 4 'Structure model' 'Database references'  
5 4 'Structure model' 'Derived calculations' 
6 4 'Structure model' 'Structure summary'    
# 
loop_
_pdbx_audit_revision_category.ordinal 
_pdbx_audit_revision_category.revision_ordinal 
_pdbx_audit_revision_category.data_content_type 
_pdbx_audit_revision_category.category 
1 4 'Structure model' chem_comp_atom            
2 4 'Structure model' chem_comp_bond            
3 4 'Structure model' database_2                
4 4 'Structure model' pdbx_entry_details        
5 4 'Structure model' pdbx_modification_feature 
6 4 'Structure model' struct_conn               
7 4 'Structure model' struct_ref_seq_dif        
# 
loop_
_pdbx_audit_revision_item.ordinal 
_pdbx_audit_revision_item.revision_ordinal 
_pdbx_audit_revision_item.data_content_type 
_pdbx_audit_revision_item.item 
1 4 'Structure model' '_database_2.pdbx_DOI'                
2 4 'Structure model' '_database_2.pdbx_database_accession' 
3 4 'Structure model' '_struct_conn.pdbx_leaving_atom_flag' 
4 4 'Structure model' '_struct_ref_seq_dif.details'         
# 
_pdbx_database_status.entry_id                        4L9H 
_pdbx_database_status.status_code                     REL 
_pdbx_database_status.deposit_site                    RCSB 
_pdbx_database_status.process_site                    RCSB 
_pdbx_database_status.recvd_initial_deposition_date   2013-06-18 
_pdbx_database_status.status_code_sf                  REL 
_pdbx_database_status.status_code_mr                  ? 
_pdbx_database_status.SG_entry                        ? 
_pdbx_database_status.status_code_cs                  ? 
_pdbx_database_status.methods_development_category    ? 
_pdbx_database_status.pdb_format_compatible           Y 
_pdbx_database_status.status_code_nmr_data            ? 
# 
_pdbx_database_related.db_name        PDB 
_pdbx_database_related.db_id          4L9C 
_pdbx_database_related.details        . 
_pdbx_database_related.content_type   unspecified 
# 
loop_
_audit_author.name 
_audit_author.pdbx_ordinal 
'Du, Z.'    1 
'Huang, X.' 2 
'Shang, J.' 3 
'Yang, Y.'  4 
'Wang, G.'  5 
# 
_citation.id                        primary 
_citation.title                     'Structure of the FP domain of Fbxo7 reveals a novel mode of protein-protein interaction.' 
_citation.journal_abbrev            'Acta Crystallogr.,Sect.D' 
_citation.journal_volume            70 
_citation.page_first                155 
_citation.page_last                 164 
_citation.year                      2014 
_citation.journal_id_ASTM           ABCRE6 
_citation.country                   DK 
_citation.journal_id_ISSN           0907-4449 
_citation.journal_id_CSD            0766 
_citation.book_publisher            ? 
_citation.pdbx_database_id_PubMed   24419388 
_citation.pdbx_database_id_DOI      10.1107/S1399004713025820 
# 
loop_
_citation_author.citation_id 
_citation_author.name 
_citation_author.ordinal 
_citation_author.identifier_ORCID 
primary 'Shang, J.' 1 ? 
primary 'Wang, G.'  2 ? 
primary 'Yang, Y.'  3 ? 
primary 'Huang, X.' 4 ? 
primary 'Du, Z.'    5 ? 
# 
loop_
_entity.id 
_entity.type 
_entity.src_method 
_entity.pdbx_description 
_entity.formula_weight 
_entity.pdbx_number_of_molecules 
_entity.pdbx_ec 
_entity.pdbx_mutation 
_entity.pdbx_fragment 
_entity.details 
1 polymer man 'F-box only protein 7' 17902.430 1  ? ? 'unp residues 180-335' ? 
2 water   nat water                  18.015    56 ? ? ?                      ? 
# 
_entity_poly.entity_id                      1 
_entity_poly.type                           'polypeptide(L)' 
_entity_poly.nstd_linkage                   no 
_entity_poly.nstd_monomer                   yes 
_entity_poly.pdbx_seq_one_letter_code       
;GPSSPHSLETLYQSADCSDANDALIVLIHLL(MSE)LESGYIPQGTEAKALS(MSE)PEKWKLSGVYKLQY(MSE)HPLC
EGSSATLTCVPLGNLIVVNATLKINNEIRSVKRLQLLPESFICKEKLGENVANIYKDLQKLSRLFKDQLVYPLLAFTRQA
LNLPDVFGLVVL
;
_entity_poly.pdbx_seq_one_letter_code_can   
;GPSSPHSLETLYQSADCSDANDALIVLIHLLMLESGYIPQGTEAKALSMPEKWKLSGVYKLQYMHPLCEGSSATLTCVPL
GNLIVVNATLKINNEIRSVKRLQLLPESFICKEKLGENVANIYKDLQKLSRLFKDQLVYPLLAFTRQALNLPDVFGLVVL
;
_entity_poly.pdbx_strand_id                 A 
_entity_poly.pdbx_target_identifier         ? 
# 
_pdbx_entity_nonpoly.entity_id   2 
_pdbx_entity_nonpoly.name        water 
_pdbx_entity_nonpoly.comp_id     HOH 
# 
loop_
_entity_poly_seq.entity_id 
_entity_poly_seq.num 
_entity_poly_seq.mon_id 
_entity_poly_seq.hetero 
1 1   GLY n 
1 2   PRO n 
1 3   SER n 
1 4   SER n 
1 5   PRO n 
1 6   HIS n 
1 7   SER n 
1 8   LEU n 
1 9   GLU n 
1 10  THR n 
1 11  LEU n 
1 12  TYR n 
1 13  GLN n 
1 14  SER n 
1 15  ALA n 
1 16  ASP n 
1 17  CYS n 
1 18  SER n 
1 19  ASP n 
1 20  ALA n 
1 21  ASN n 
1 22  ASP n 
1 23  ALA n 
1 24  LEU n 
1 25  ILE n 
1 26  VAL n 
1 27  LEU n 
1 28  ILE n 
1 29  HIS n 
1 30  LEU n 
1 31  LEU n 
1 32  MSE n 
1 33  LEU n 
1 34  GLU n 
1 35  SER n 
1 36  GLY n 
1 37  TYR n 
1 38  ILE n 
1 39  PRO n 
1 40  GLN n 
1 41  GLY n 
1 42  THR n 
1 43  GLU n 
1 44  ALA n 
1 45  LYS n 
1 46  ALA n 
1 47  LEU n 
1 48  SER n 
1 49  MSE n 
1 50  PRO n 
1 51  GLU n 
1 52  LYS n 
1 53  TRP n 
1 54  LYS n 
1 55  LEU n 
1 56  SER n 
1 57  GLY n 
1 58  VAL n 
1 59  TYR n 
1 60  LYS n 
1 61  LEU n 
1 62  GLN n 
1 63  TYR n 
1 64  MSE n 
1 65  HIS n 
1 66  PRO n 
1 67  LEU n 
1 68  CYS n 
1 69  GLU n 
1 70  GLY n 
1 71  SER n 
1 72  SER n 
1 73  ALA n 
1 74  THR n 
1 75  LEU n 
1 76  THR n 
1 77  CYS n 
1 78  VAL n 
1 79  PRO n 
1 80  LEU n 
1 81  GLY n 
1 82  ASN n 
1 83  LEU n 
1 84  ILE n 
1 85  VAL n 
1 86  VAL n 
1 87  ASN n 
1 88  ALA n 
1 89  THR n 
1 90  LEU n 
1 91  LYS n 
1 92  ILE n 
1 93  ASN n 
1 94  ASN n 
1 95  GLU n 
1 96  ILE n 
1 97  ARG n 
1 98  SER n 
1 99  VAL n 
1 100 LYS n 
1 101 ARG n 
1 102 LEU n 
1 103 GLN n 
1 104 LEU n 
1 105 LEU n 
1 106 PRO n 
1 107 GLU n 
1 108 SER n 
1 109 PHE n 
1 110 ILE n 
1 111 CYS n 
1 112 LYS n 
1 113 GLU n 
1 114 LYS n 
1 115 LEU n 
1 116 GLY n 
1 117 GLU n 
1 118 ASN n 
1 119 VAL n 
1 120 ALA n 
1 121 ASN n 
1 122 ILE n 
1 123 TYR n 
1 124 LYS n 
1 125 ASP n 
1 126 LEU n 
1 127 GLN n 
1 128 LYS n 
1 129 LEU n 
1 130 SER n 
1 131 ARG n 
1 132 LEU n 
1 133 PHE n 
1 134 LYS n 
1 135 ASP n 
1 136 GLN n 
1 137 LEU n 
1 138 VAL n 
1 139 TYR n 
1 140 PRO n 
1 141 LEU n 
1 142 LEU n 
1 143 ALA n 
1 144 PHE n 
1 145 THR n 
1 146 ARG n 
1 147 GLN n 
1 148 ALA n 
1 149 LEU n 
1 150 ASN n 
1 151 LEU n 
1 152 PRO n 
1 153 ASP n 
1 154 VAL n 
1 155 PHE n 
1 156 GLY n 
1 157 LEU n 
1 158 VAL n 
1 159 VAL n 
1 160 LEU n 
# 
_entity_src_gen.entity_id                          1 
_entity_src_gen.pdbx_src_id                        1 
_entity_src_gen.pdbx_alt_source_flag               sample 
_entity_src_gen.pdbx_seq_type                      ? 
_entity_src_gen.pdbx_beg_seq_num                   ? 
_entity_src_gen.pdbx_end_seq_num                   ? 
_entity_src_gen.gene_src_common_name               human 
_entity_src_gen.gene_src_genus                     ? 
_entity_src_gen.pdbx_gene_src_gene                 'FBX7, FBXO7, HUMAN FBXO7' 
_entity_src_gen.gene_src_species                   ? 
_entity_src_gen.gene_src_strain                    ? 
_entity_src_gen.gene_src_tissue                    ? 
_entity_src_gen.gene_src_tissue_fraction           ? 
_entity_src_gen.gene_src_details                   ? 
_entity_src_gen.pdbx_gene_src_fragment             ? 
_entity_src_gen.pdbx_gene_src_scientific_name      'Homo sapiens' 
_entity_src_gen.pdbx_gene_src_ncbi_taxonomy_id     9606 
_entity_src_gen.pdbx_gene_src_variant              ? 
_entity_src_gen.pdbx_gene_src_cell_line            ? 
_entity_src_gen.pdbx_gene_src_atcc                 ? 
_entity_src_gen.pdbx_gene_src_organ                ? 
_entity_src_gen.pdbx_gene_src_organelle            ? 
_entity_src_gen.pdbx_gene_src_cell                 ? 
_entity_src_gen.pdbx_gene_src_cellular_location    ? 
_entity_src_gen.host_org_common_name               ? 
_entity_src_gen.pdbx_host_org_scientific_name      'Escherichia coli' 
_entity_src_gen.pdbx_host_org_ncbi_taxonomy_id     469008 
_entity_src_gen.host_org_genus                     ? 
_entity_src_gen.pdbx_host_org_gene                 ? 
_entity_src_gen.pdbx_host_org_organ                ? 
_entity_src_gen.host_org_species                   ? 
_entity_src_gen.pdbx_host_org_tissue               ? 
_entity_src_gen.pdbx_host_org_tissue_fraction      ? 
_entity_src_gen.pdbx_host_org_strain               'BL21(DE3)' 
_entity_src_gen.pdbx_host_org_variant              ? 
_entity_src_gen.pdbx_host_org_cell_line            ? 
_entity_src_gen.pdbx_host_org_atcc                 ? 
_entity_src_gen.pdbx_host_org_culture_collection   ? 
_entity_src_gen.pdbx_host_org_cell                 ? 
_entity_src_gen.pdbx_host_org_organelle            ? 
_entity_src_gen.pdbx_host_org_cellular_location    ? 
_entity_src_gen.pdbx_host_org_vector_type          plasmid 
_entity_src_gen.pdbx_host_org_vector               ? 
_entity_src_gen.host_org_details                   ? 
_entity_src_gen.expression_system_id               ? 
_entity_src_gen.plasmid_name                       ? 
_entity_src_gen.plasmid_details                    ? 
_entity_src_gen.pdbx_description                   ? 
# 
loop_
_chem_comp.id 
_chem_comp.type 
_chem_comp.mon_nstd_flag 
_chem_comp.name 
_chem_comp.pdbx_synonyms 
_chem_comp.formula 
_chem_comp.formula_weight 
ALA 'L-peptide linking' y ALANINE          ? 'C3 H7 N O2'     89.093  
ARG 'L-peptide linking' y ARGININE         ? 'C6 H15 N4 O2 1' 175.209 
ASN 'L-peptide linking' y ASPARAGINE       ? 'C4 H8 N2 O3'    132.118 
ASP 'L-peptide linking' y 'ASPARTIC ACID'  ? 'C4 H7 N O4'     133.103 
CYS 'L-peptide linking' y CYSTEINE         ? 'C3 H7 N O2 S'   121.158 
GLN 'L-peptide linking' y GLUTAMINE        ? 'C5 H10 N2 O3'   146.144 
GLU 'L-peptide linking' y 'GLUTAMIC ACID'  ? 'C5 H9 N O4'     147.129 
GLY 'peptide linking'   y GLYCINE          ? 'C2 H5 N O2'     75.067  
HIS 'L-peptide linking' y HISTIDINE        ? 'C6 H10 N3 O2 1' 156.162 
HOH non-polymer         . WATER            ? 'H2 O'           18.015  
ILE 'L-peptide linking' y ISOLEUCINE       ? 'C6 H13 N O2'    131.173 
LEU 'L-peptide linking' y LEUCINE          ? 'C6 H13 N O2'    131.173 
LYS 'L-peptide linking' y LYSINE           ? 'C6 H15 N2 O2 1' 147.195 
MSE 'L-peptide linking' n SELENOMETHIONINE ? 'C5 H11 N O2 Se' 196.106 
PHE 'L-peptide linking' y PHENYLALANINE    ? 'C9 H11 N O2'    165.189 
PRO 'L-peptide linking' y PROLINE          ? 'C5 H9 N O2'     115.130 
SER 'L-peptide linking' y SERINE           ? 'C3 H7 N O3'     105.093 
THR 'L-peptide linking' y THREONINE        ? 'C4 H9 N O3'     119.119 
TRP 'L-peptide linking' y TRYPTOPHAN       ? 'C11 H12 N2 O2'  204.225 
TYR 'L-peptide linking' y TYROSINE         ? 'C9 H11 N O3'    181.189 
VAL 'L-peptide linking' y VALINE           ? 'C5 H11 N O2'    117.146 
# 
loop_
_pdbx_poly_seq_scheme.asym_id 
_pdbx_poly_seq_scheme.entity_id 
_pdbx_poly_seq_scheme.seq_id 
_pdbx_poly_seq_scheme.mon_id 
_pdbx_poly_seq_scheme.ndb_seq_num 
_pdbx_poly_seq_scheme.pdb_seq_num 
_pdbx_poly_seq_scheme.auth_seq_num 
_pdbx_poly_seq_scheme.pdb_mon_id 
_pdbx_poly_seq_scheme.auth_mon_id 
_pdbx_poly_seq_scheme.pdb_strand_id 
_pdbx_poly_seq_scheme.pdb_ins_code 
_pdbx_poly_seq_scheme.hetero 
A 1 1   GLY 1   176 176 GLY GLY A . n 
A 1 2   PRO 2   177 177 PRO PRO A . n 
A 1 3   SER 3   178 178 SER SER A . n 
A 1 4   SER 4   179 179 SER SER A . n 
A 1 5   PRO 5   180 180 PRO PRO A . n 
A 1 6   HIS 6   181 181 HIS HIS A . n 
A 1 7   SER 7   182 182 SER SER A . n 
A 1 8   LEU 8   183 183 LEU LEU A . n 
A 1 9   GLU 9   184 184 GLU GLU A . n 
A 1 10  THR 10  185 185 THR THR A . n 
A 1 11  LEU 11  186 186 LEU LEU A . n 
A 1 12  TYR 12  187 187 TYR TYR A . n 
A 1 13  GLN 13  188 188 GLN GLN A . n 
A 1 14  SER 14  189 189 SER SER A . n 
A 1 15  ALA 15  190 190 ALA ALA A . n 
A 1 16  ASP 16  191 191 ASP ASP A . n 
A 1 17  CYS 17  192 192 CYS CYS A . n 
A 1 18  SER 18  193 193 SER SER A . n 
A 1 19  ASP 19  194 194 ASP ASP A . n 
A 1 20  ALA 20  195 195 ALA ALA A . n 
A 1 21  ASN 21  196 196 ASN ASN A . n 
A 1 22  ASP 22  197 197 ASP ASP A . n 
A 1 23  ALA 23  198 198 ALA ALA A . n 
A 1 24  LEU 24  199 199 LEU LEU A . n 
A 1 25  ILE 25  200 200 ILE ILE A . n 
A 1 26  VAL 26  201 201 VAL VAL A . n 
A 1 27  LEU 27  202 202 LEU LEU A . n 
A 1 28  ILE 28  203 203 ILE ILE A . n 
A 1 29  HIS 29  204 204 HIS HIS A . n 
A 1 30  LEU 30  205 205 LEU LEU A . n 
A 1 31  LEU 31  206 206 LEU LEU A . n 
A 1 32  MSE 32  207 207 MSE MSE A . n 
A 1 33  LEU 33  208 208 LEU LEU A . n 
A 1 34  GLU 34  209 209 GLU GLU A . n 
A 1 35  SER 35  210 210 SER SER A . n 
A 1 36  GLY 36  211 211 GLY GLY A . n 
A 1 37  TYR 37  212 212 TYR TYR A . n 
A 1 38  ILE 38  213 213 ILE ILE A . n 
A 1 39  PRO 39  214 214 PRO PRO A . n 
A 1 40  GLN 40  215 215 GLN GLN A . n 
A 1 41  GLY 41  216 216 GLY GLY A . n 
A 1 42  THR 42  217 217 THR THR A . n 
A 1 43  GLU 43  218 218 GLU GLU A . n 
A 1 44  ALA 44  219 219 ALA ALA A . n 
A 1 45  LYS 45  220 220 LYS LYS A . n 
A 1 46  ALA 46  221 221 ALA ALA A . n 
A 1 47  LEU 47  222 222 LEU LEU A . n 
A 1 48  SER 48  223 223 SER SER A . n 
A 1 49  MSE 49  224 224 MSE MSE A . n 
A 1 50  PRO 50  225 225 PRO PRO A . n 
A 1 51  GLU 51  226 226 GLU GLU A . n 
A 1 52  LYS 52  227 227 LYS LYS A . n 
A 1 53  TRP 53  228 228 TRP TRP A . n 
A 1 54  LYS 54  229 229 LYS LYS A . n 
A 1 55  LEU 55  230 230 LEU LEU A . n 
A 1 56  SER 56  231 231 SER SER A . n 
A 1 57  GLY 57  232 232 GLY GLY A . n 
A 1 58  VAL 58  233 233 VAL VAL A . n 
A 1 59  TYR 59  234 234 TYR TYR A . n 
A 1 60  LYS 60  235 235 LYS LYS A . n 
A 1 61  LEU 61  236 236 LEU LEU A . n 
A 1 62  GLN 62  237 237 GLN GLN A . n 
A 1 63  TYR 63  238 238 TYR TYR A . n 
A 1 64  MSE 64  239 239 MSE MSE A . n 
A 1 65  HIS 65  240 240 HIS HIS A . n 
A 1 66  PRO 66  241 241 PRO PRO A . n 
A 1 67  LEU 67  242 242 LEU LEU A . n 
A 1 68  CYS 68  243 243 CYS CYS A . n 
A 1 69  GLU 69  244 244 GLU GLU A . n 
A 1 70  GLY 70  245 245 GLY GLY A . n 
A 1 71  SER 71  246 246 SER SER A . n 
A 1 72  SER 72  247 247 SER SER A . n 
A 1 73  ALA 73  248 248 ALA ALA A . n 
A 1 74  THR 74  249 249 THR THR A . n 
A 1 75  LEU 75  250 250 LEU LEU A . n 
A 1 76  THR 76  251 251 THR THR A . n 
A 1 77  CYS 77  252 252 CYS CYS A . n 
A 1 78  VAL 78  253 253 VAL VAL A . n 
A 1 79  PRO 79  254 254 PRO PRO A . n 
A 1 80  LEU 80  255 255 LEU LEU A . n 
A 1 81  GLY 81  256 256 GLY GLY A . n 
A 1 82  ASN 82  257 257 ASN ASN A . n 
A 1 83  LEU 83  258 258 LEU LEU A . n 
A 1 84  ILE 84  259 259 ILE ILE A . n 
A 1 85  VAL 85  260 260 VAL VAL A . n 
A 1 86  VAL 86  261 261 VAL VAL A . n 
A 1 87  ASN 87  262 262 ASN ASN A . n 
A 1 88  ALA 88  263 263 ALA ALA A . n 
A 1 89  THR 89  264 264 THR THR A . n 
A 1 90  LEU 90  265 265 LEU LEU A . n 
A 1 91  LYS 91  266 266 LYS LYS A . n 
A 1 92  ILE 92  267 267 ILE ILE A . n 
A 1 93  ASN 93  268 268 ASN ASN A . n 
A 1 94  ASN 94  269 269 ASN ASN A . n 
A 1 95  GLU 95  270 270 GLU GLU A . n 
A 1 96  ILE 96  271 271 ILE ILE A . n 
A 1 97  ARG 97  272 272 ARG ARG A . n 
A 1 98  SER 98  273 273 SER SER A . n 
A 1 99  VAL 99  274 274 VAL VAL A . n 
A 1 100 LYS 100 275 275 LYS LYS A . n 
A 1 101 ARG 101 276 276 ARG ARG A . n 
A 1 102 LEU 102 277 277 LEU LEU A . n 
A 1 103 GLN 103 278 278 GLN GLN A . n 
A 1 104 LEU 104 279 279 LEU LEU A . n 
A 1 105 LEU 105 280 280 LEU LEU A . n 
A 1 106 PRO 106 281 281 PRO PRO A . n 
A 1 107 GLU 107 282 282 GLU GLU A . n 
A 1 108 SER 108 283 283 SER SER A . n 
A 1 109 PHE 109 284 284 PHE PHE A . n 
A 1 110 ILE 110 285 285 ILE ILE A . n 
A 1 111 CYS 111 286 286 CYS CYS A . n 
A 1 112 LYS 112 287 287 LYS LYS A . n 
A 1 113 GLU 113 288 288 GLU GLU A . n 
A 1 114 LYS 114 289 289 LYS LYS A . n 
A 1 115 LEU 115 290 290 LEU LEU A . n 
A 1 116 GLY 116 291 291 GLY GLY A . n 
A 1 117 GLU 117 292 292 GLU GLU A . n 
A 1 118 ASN 118 293 293 ASN ASN A . n 
A 1 119 VAL 119 294 294 VAL VAL A . n 
A 1 120 ALA 120 295 295 ALA ALA A . n 
A 1 121 ASN 121 296 296 ASN ASN A . n 
A 1 122 ILE 122 297 297 ILE ILE A . n 
A 1 123 TYR 123 298 298 TYR TYR A . n 
A 1 124 LYS 124 299 299 LYS LYS A . n 
A 1 125 ASP 125 300 300 ASP ASP A . n 
A 1 126 LEU 126 301 301 LEU LEU A . n 
A 1 127 GLN 127 302 302 GLN GLN A . n 
A 1 128 LYS 128 303 303 LYS LYS A . n 
A 1 129 LEU 129 304 304 LEU LEU A . n 
A 1 130 SER 130 305 305 SER SER A . n 
A 1 131 ARG 131 306 306 ARG ARG A . n 
A 1 132 LEU 132 307 307 LEU LEU A . n 
A 1 133 PHE 133 308 308 PHE PHE A . n 
A 1 134 LYS 134 309 309 LYS LYS A . n 
A 1 135 ASP 135 310 310 ASP ASP A . n 
A 1 136 GLN 136 311 311 GLN GLN A . n 
A 1 137 LEU 137 312 312 LEU LEU A . n 
A 1 138 VAL 138 313 313 VAL VAL A . n 
A 1 139 TYR 139 314 314 TYR TYR A . n 
A 1 140 PRO 140 315 315 PRO PRO A . n 
A 1 141 LEU 141 316 316 LEU LEU A . n 
A 1 142 LEU 142 317 317 LEU LEU A . n 
A 1 143 ALA 143 318 318 ALA ALA A . n 
A 1 144 PHE 144 319 319 PHE PHE A . n 
A 1 145 THR 145 320 320 THR THR A . n 
A 1 146 ARG 146 321 321 ARG ARG A . n 
A 1 147 GLN 147 322 322 GLN GLN A . n 
A 1 148 ALA 148 323 323 ALA ALA A . n 
A 1 149 LEU 149 324 324 LEU LEU A . n 
A 1 150 ASN 150 325 325 ASN ASN A . n 
A 1 151 LEU 151 326 326 LEU LEU A . n 
A 1 152 PRO 152 327 327 PRO PRO A . n 
A 1 153 ASP 153 328 328 ASP ASP A . n 
A 1 154 VAL 154 329 329 VAL VAL A . n 
A 1 155 PHE 155 330 330 PHE PHE A . n 
A 1 156 GLY 156 331 ?   ?   ?   A . n 
A 1 157 LEU 157 332 ?   ?   ?   A . n 
A 1 158 VAL 158 333 ?   ?   ?   A . n 
A 1 159 VAL 159 334 ?   ?   ?   A . n 
A 1 160 LEU 160 335 ?   ?   ?   A . n 
# 
loop_
_pdbx_nonpoly_scheme.asym_id 
_pdbx_nonpoly_scheme.entity_id 
_pdbx_nonpoly_scheme.mon_id 
_pdbx_nonpoly_scheme.ndb_seq_num 
_pdbx_nonpoly_scheme.pdb_seq_num 
_pdbx_nonpoly_scheme.auth_seq_num 
_pdbx_nonpoly_scheme.pdb_mon_id 
_pdbx_nonpoly_scheme.auth_mon_id 
_pdbx_nonpoly_scheme.pdb_strand_id 
_pdbx_nonpoly_scheme.pdb_ins_code 
B 2 HOH 1  401 1  HOH HOH A . 
B 2 HOH 2  402 2  HOH HOH A . 
B 2 HOH 3  403 3  HOH HOH A . 
B 2 HOH 4  404 4  HOH HOH A . 
B 2 HOH 5  405 5  HOH HOH A . 
B 2 HOH 6  406 6  HOH HOH A . 
B 2 HOH 7  407 7  HOH HOH A . 
B 2 HOH 8  408 8  HOH HOH A . 
B 2 HOH 9  409 9  HOH HOH A . 
B 2 HOH 10 410 10 HOH HOH A . 
B 2 HOH 11 411 11 HOH HOH A . 
B 2 HOH 12 412 12 HOH HOH A . 
B 2 HOH 13 413 13 HOH HOH A . 
B 2 HOH 14 414 14 HOH HOH A . 
B 2 HOH 15 415 15 HOH HOH A . 
B 2 HOH 16 416 16 HOH HOH A . 
B 2 HOH 17 417 17 HOH HOH A . 
B 2 HOH 18 418 18 HOH HOH A . 
B 2 HOH 19 419 19 HOH HOH A . 
B 2 HOH 20 420 20 HOH HOH A . 
B 2 HOH 21 421 21 HOH HOH A . 
B 2 HOH 22 422 22 HOH HOH A . 
B 2 HOH 23 423 23 HOH HOH A . 
B 2 HOH 24 424 24 HOH HOH A . 
B 2 HOH 25 425 25 HOH HOH A . 
B 2 HOH 26 426 26 HOH HOH A . 
B 2 HOH 27 427 27 HOH HOH A . 
B 2 HOH 28 428 28 HOH HOH A . 
B 2 HOH 29 429 29 HOH HOH A . 
B 2 HOH 30 430 30 HOH HOH A . 
B 2 HOH 31 431 31 HOH HOH A . 
B 2 HOH 32 432 32 HOH HOH A . 
B 2 HOH 33 433 33 HOH HOH A . 
B 2 HOH 34 434 34 HOH HOH A . 
B 2 HOH 35 435 35 HOH HOH A . 
B 2 HOH 36 436 36 HOH HOH A . 
B 2 HOH 37 437 37 HOH HOH A . 
B 2 HOH 38 438 38 HOH HOH A . 
B 2 HOH 39 439 39 HOH HOH A . 
B 2 HOH 40 440 40 HOH HOH A . 
B 2 HOH 41 441 41 HOH HOH A . 
B 2 HOH 42 442 42 HOH HOH A . 
B 2 HOH 43 443 43 HOH HOH A . 
B 2 HOH 44 444 44 HOH HOH A . 
B 2 HOH 45 445 45 HOH HOH A . 
B 2 HOH 46 446 46 HOH HOH A . 
B 2 HOH 47 447 47 HOH HOH A . 
B 2 HOH 48 448 48 HOH HOH A . 
B 2 HOH 49 449 49 HOH HOH A . 
B 2 HOH 50 450 50 HOH HOH A . 
B 2 HOH 51 451 51 HOH HOH A . 
B 2 HOH 52 452 52 HOH HOH A . 
B 2 HOH 53 453 53 HOH HOH A . 
B 2 HOH 54 454 54 HOH HOH A . 
B 2 HOH 55 455 55 HOH HOH A . 
B 2 HOH 56 456 56 HOH HOH A . 
# 
loop_
_software.pdbx_ordinal 
_software.name 
_software.version 
_software.date 
_software.type 
_software.contact_author 
_software.contact_author_email 
_software.classification 
_software.location 
_software.language 
_software.citation_id 
1 MOSFLM      .          ?                package 'Andrew G.W. Leslie' andrew@mrc-lmb.cam.ac.uk 'data reduction'  
http://www.mrc-lmb.cam.ac.uk/harry/mosflm/ ?          ? 
2 SCALA       .          ?                other   'Phil R. Evans'      pre@mrc-lmb.cam.ac.uk    'data scaling'    
http://www.ccp4.ac.uk/dist/html/scala.html Fortran_77 ? 
3 PHENIX      1.8.2_1309 ?                package 'Paul D. Adams'      PDAdams@lbl.gov          refinement        
http://www.phenix-online.org/              C++        ? 
4 PDB_EXTRACT 3.11       'April 22, 2011' package PDB                  deposit@deposit.rcsb.org 'data extraction' 
http://sw-tools.pdb.org/apps/PDB_EXTRACT/  C++        ? 
# 
_cell.length_a           57.650 
_cell.length_b           57.650 
_cell.length_c           89.320 
_cell.angle_alpha        90.000 
_cell.angle_beta         90.000 
_cell.angle_gamma        90.000 
_cell.entry_id           4L9H 
_cell.pdbx_unique_axis   ? 
_cell.Z_PDB              8 
_cell.length_a_esd       ? 
_cell.length_b_esd       ? 
_cell.length_c_esd       ? 
_cell.angle_alpha_esd    ? 
_cell.angle_beta_esd     ? 
_cell.angle_gamma_esd    ? 
# 
_symmetry.space_group_name_H-M             'P 43 21 2' 
_symmetry.entry_id                         4L9H 
_symmetry.pdbx_full_space_group_name_H-M   ? 
_symmetry.Int_Tables_number                96 
_symmetry.cell_setting                     ? 
_symmetry.space_group_name_Hall            ? 
# 
_exptl.crystals_number   1 
_exptl.entry_id          4L9H 
_exptl.method            'X-RAY DIFFRACTION' 
# 
_exptl_crystal.id                    1 
_exptl_crystal.density_Matthews      2.07 
_exptl_crystal.density_meas          ? 
_exptl_crystal.density_percent_sol   40.66 
_exptl_crystal.description           ? 
_exptl_crystal.F_000                 ? 
_exptl_crystal.preparation           ? 
# 
_exptl_crystal_grow.crystal_id      1 
_exptl_crystal_grow.method          'VAPOR DIFFUSION, HANGING DROP' 
_exptl_crystal_grow.pH              8.0 
_exptl_crystal_grow.temp            298 
_exptl_crystal_grow.pdbx_details    'PEG 3350, MOPS 7.0, KBr, pH 8.0, vapor diffusion, hanging drop, temperature 298K' 
_exptl_crystal_grow.temp_details    ? 
_exptl_crystal_grow.pdbx_pH_range   ? 
# 
_diffrn.id                     1 
_diffrn.ambient_temp           100 
_diffrn.ambient_temp_details   ? 
_diffrn.crystal_id             1 
# 
_diffrn_detector.diffrn_id              1 
_diffrn_detector.detector               CCD 
_diffrn_detector.type                   'MARMOSAIC 225 mm CCD' 
_diffrn_detector.pdbx_collection_date   ? 
_diffrn_detector.details                ? 
# 
_diffrn_radiation.diffrn_id                        1 
_diffrn_radiation.pdbx_diffrn_protocol             'SINGLE WAVELENGTH' 
_diffrn_radiation.monochromator                    ? 
_diffrn_radiation.wavelength_id                    1 
_diffrn_radiation.pdbx_monochromatic_or_laue_m_l   M 
_diffrn_radiation.pdbx_scattering_type             x-ray 
# 
_diffrn_radiation_wavelength.id           1 
_diffrn_radiation_wavelength.wavelength   0.97872 
_diffrn_radiation_wavelength.wt           1.0 
# 
_diffrn_source.diffrn_id                   1 
_diffrn_source.source                      SYNCHROTRON 
_diffrn_source.type                        'APS BEAMLINE 21-ID-D' 
_diffrn_source.pdbx_wavelength_list        0.97872 
_diffrn_source.pdbx_wavelength             ? 
_diffrn_source.pdbx_synchrotron_site       APS 
_diffrn_source.pdbx_synchrotron_beamline   21-ID-D 
# 
_reflns.entry_id                     4L9H 
_reflns.observed_criterion_sigma_F   ? 
_reflns.observed_criterion_sigma_I   ? 
_reflns.d_resolution_high            2.0 
_reflns.d_resolution_low             99.9907 
_reflns.number_all                   ? 
_reflns.number_obs                   10718 
_reflns.percent_possible_obs         ? 
_reflns.pdbx_Rmerge_I_obs            ? 
_reflns.pdbx_Rsym_value              ? 
_reflns.pdbx_netI_over_sigmaI        ? 
_reflns.B_iso_Wilson_estimate        ? 
_reflns.pdbx_redundancy              ? 
_reflns.R_free_details               ? 
_reflns.limit_h_max                  ? 
_reflns.limit_h_min                  ? 
_reflns.limit_k_max                  ? 
_reflns.limit_k_min                  ? 
_reflns.limit_l_max                  ? 
_reflns.limit_l_min                  ? 
_reflns.observed_criterion_F_max     ? 
_reflns.observed_criterion_F_min     ? 
_reflns.pdbx_chi_squared             ? 
_reflns.pdbx_scaling_rejects         ? 
_reflns.pdbx_ordinal                 1 
_reflns.pdbx_diffrn_id               1 
# 
_refine.entry_id                                 4L9H 
_refine.pdbx_refine_id                           'X-RAY DIFFRACTION' 
_refine.ls_d_res_high                            2.0000 
_refine.ls_d_res_low                             40.7650 
_refine.pdbx_ls_sigma_F                          1.530 
_refine.pdbx_data_cutoff_high_absF               ? 
_refine.pdbx_data_cutoff_low_absF                ? 
_refine.ls_percent_reflns_obs                    99.9700 
_refine.ls_number_reflns_obs                     10718 
_refine.ls_number_reflns_all                     ? 
_refine.pdbx_ls_cross_valid_method               ? 
_refine.ls_matrix_type                           ? 
_refine.pdbx_R_Free_selection_details            ? 
_refine.details                                  ? 
_refine.ls_R_factor_all                          ? 
_refine.ls_R_factor_obs                          0.2048 
_refine.ls_R_factor_R_work                       0.2014 
_refine.ls_wR_factor_R_work                      ? 
_refine.ls_R_factor_R_free                       0.2345 
_refine.ls_wR_factor_R_free                      ? 
_refine.ls_percent_reflns_R_free                 10.0000 
_refine.ls_number_reflns_R_free                  1072 
_refine.ls_number_reflns_R_work                  9646 
_refine.ls_R_factor_R_free_error                 ? 
_refine.B_iso_mean                               28.4295 
_refine.solvent_model_param_bsol                 ? 
_refine.solvent_model_param_ksol                 ? 
_refine.pdbx_isotropic_thermal_model             ? 
_refine.aniso_B[1][1]                            ? 
_refine.aniso_B[2][2]                            ? 
_refine.aniso_B[3][3]                            ? 
_refine.aniso_B[1][2]                            ? 
_refine.aniso_B[1][3]                            ? 
_refine.aniso_B[2][3]                            ? 
_refine.correlation_coeff_Fo_to_Fc               ? 
_refine.correlation_coeff_Fo_to_Fc_free          ? 
_refine.overall_SU_R_Cruickshank_DPI             ? 
_refine.pdbx_overall_SU_R_free_Cruickshank_DPI   ? 
_refine.pdbx_overall_SU_R_Blow_DPI               ? 
_refine.pdbx_overall_SU_R_free_Blow_DPI          ? 
_refine.overall_SU_R_free                        ? 
_refine.pdbx_overall_ESU_R                       ? 
_refine.pdbx_overall_ESU_R_Free                  ? 
_refine.overall_SU_ML                            0.1800 
_refine.overall_SU_B                             ? 
_refine.solvent_model_details                    'FLAT BULK SOLVENT MODEL' 
_refine.pdbx_solvent_vdw_probe_radii             1.1100 
_refine.pdbx_solvent_ion_probe_radii             ? 
_refine.pdbx_solvent_shrinkage_radii             0.9000 
_refine.ls_number_parameters                     ? 
_refine.ls_number_restraints                     ? 
_refine.pdbx_starting_model                      ? 
_refine.pdbx_method_to_determine_struct          ? 
_refine.pdbx_stereochemistry_target_values       MLHL 
_refine.pdbx_stereochem_target_val_spec_case     ? 
_refine.overall_FOM_work_R_set                   0.8306 
_refine.B_iso_max                                76.250 
_refine.B_iso_min                                9.750 
_refine.pdbx_overall_phase_error                 22.8200 
_refine.occupancy_max                            1.000 
_refine.occupancy_min                            0.480 
_refine.pdbx_diffrn_id                           1 
_refine.pdbx_ls_sigma_I                          ? 
_refine.ls_redundancy_reflns_obs                 ? 
_refine.ls_R_factor_R_free_error_details         ? 
_refine.pdbx_data_cutoff_high_rms_absF           ? 
_refine.overall_FOM_free_R_set                   ? 
_refine.pdbx_TLS_residual_ADP_flag               ? 
# 
_refine_hist.pdbx_refine_id                   'X-RAY DIFFRACTION' 
_refine_hist.cycle_id                         LAST 
_refine_hist.pdbx_number_atoms_protein        1211 
_refine_hist.pdbx_number_atoms_nucleic_acid   0 
_refine_hist.pdbx_number_atoms_ligand         0 
_refine_hist.number_atoms_solvent             56 
_refine_hist.number_atoms_total               1267 
_refine_hist.d_res_high                       2.0000 
_refine_hist.d_res_low                        40.7650 
# 
loop_
_refine_ls_restr.pdbx_refine_id 
_refine_ls_restr.type 
_refine_ls_restr.number 
_refine_ls_restr.dev_ideal 
_refine_ls_restr.dev_ideal_target 
_refine_ls_restr.weight 
_refine_ls_restr.pdbx_restraint_function 
'X-RAY DIFFRACTION' f_bond_d           1234 0.004  ? ? ? 
'X-RAY DIFFRACTION' f_angle_d          1674 0.879  ? ? ? 
'X-RAY DIFFRACTION' f_chiral_restr     198  0.056  ? ? ? 
'X-RAY DIFFRACTION' f_plane_restr      211  0.007  ? ? ? 
'X-RAY DIFFRACTION' f_dihedral_angle_d 466  14.066 ? ? ? 
# 
loop_
_refine_ls_shell.d_res_high 
_refine_ls_shell.d_res_low 
_refine_ls_shell.pdbx_total_number_of_bins_used 
_refine_ls_shell.percent_reflns_obs 
_refine_ls_shell.number_reflns_R_work 
_refine_ls_shell.R_factor_all 
_refine_ls_shell.R_factor_R_work 
_refine_ls_shell.R_factor_R_free 
_refine_ls_shell.percent_reflns_R_free 
_refine_ls_shell.number_reflns_R_free 
_refine_ls_shell.R_factor_R_free_error 
_refine_ls_shell.number_reflns_all 
_refine_ls_shell.number_reflns_obs 
_refine_ls_shell.pdbx_refine_id 
_refine_ls_shell.redundancy_reflns_obs 
2.0002 2.0912  8 100.0000 1179 . 0.2412 0.3301 . 131 . 1310 . 'X-RAY DIFFRACTION' . 
2.0912 2.2014  8 100.0000 1168 . 0.2191 0.2559 . 130 . 1298 . 'X-RAY DIFFRACTION' . 
2.2014 2.3394  8 100.0000 1177 . 0.2169 0.3015 . 130 . 1307 . 'X-RAY DIFFRACTION' . 
2.3394 2.5199  8 100.0000 1188 . 0.2159 0.2570 . 132 . 1320 . 'X-RAY DIFFRACTION' . 
2.5199 2.7735  8 100.0000 1182 . 0.2010 0.2143 . 131 . 1313 . 'X-RAY DIFFRACTION' . 
2.7735 3.1747  8 100.0000 1210 . 0.2228 0.2155 . 135 . 1345 . 'X-RAY DIFFRACTION' . 
3.1747 3.9992  8 100.0000 1222 . 0.1870 0.2019 . 136 . 1358 . 'X-RAY DIFFRACTION' . 
3.9992 40.7732 8 100.0000 1320 . 0.1836 0.2301 . 147 . 1467 . 'X-RAY DIFFRACTION' . 
# 
_struct.entry_id                  4L9H 
_struct.title                     'Crystal structure of the FP domain of human F-box protein Fbxo7(SeMet)' 
_struct.pdbx_model_details        ? 
_struct.pdbx_CASP_flag            ? 
_struct.pdbx_model_type_details   ? 
# 
_struct_keywords.entry_id        4L9H 
_struct_keywords.text            'alpha/beta fold, PROTEIN BINDING' 
_struct_keywords.pdbx_keywords   'PROTEIN BINDING' 
# 
loop_
_struct_asym.id 
_struct_asym.pdbx_blank_PDB_chainid_flag 
_struct_asym.pdbx_modified 
_struct_asym.entity_id 
_struct_asym.details 
A N N 1 ? 
B N N 2 ? 
# 
_struct_ref.id                         1 
_struct_ref.db_name                    UNP 
_struct_ref.db_code                    FBX7_HUMAN 
_struct_ref.pdbx_db_accession          Q9Y3I1 
_struct_ref.entity_id                  1 
_struct_ref.pdbx_seq_one_letter_code   
;PHSLETLYQSADCSDANDALIVLIHLLMLESGYIPQGTEAKALSMPEKWKLSGVYKLQYMHPLCEGSSATLTCVPLGNLI
VVNATLKINNEIRSVKRLQLLPESFICKEKLGENVANIYKDLQKLSRLFKDQLVYPLLAFTRQALNLPDVFGLVVL
;
_struct_ref.pdbx_align_begin           180 
_struct_ref.pdbx_db_isoform            ? 
# 
_struct_ref_seq.align_id                      1 
_struct_ref_seq.ref_id                        1 
_struct_ref_seq.pdbx_PDB_id_code              4L9H 
_struct_ref_seq.pdbx_strand_id                A 
_struct_ref_seq.seq_align_beg                 5 
_struct_ref_seq.pdbx_seq_align_beg_ins_code   ? 
_struct_ref_seq.seq_align_end                 160 
_struct_ref_seq.pdbx_seq_align_end_ins_code   ? 
_struct_ref_seq.pdbx_db_accession             Q9Y3I1 
_struct_ref_seq.db_align_beg                  180 
_struct_ref_seq.pdbx_db_align_beg_ins_code    ? 
_struct_ref_seq.db_align_end                  335 
_struct_ref_seq.pdbx_db_align_end_ins_code    ? 
_struct_ref_seq.pdbx_auth_seq_align_beg       180 
_struct_ref_seq.pdbx_auth_seq_align_end       335 
# 
loop_
_struct_ref_seq_dif.align_id 
_struct_ref_seq_dif.pdbx_pdb_id_code 
_struct_ref_seq_dif.mon_id 
_struct_ref_seq_dif.pdbx_pdb_strand_id 
_struct_ref_seq_dif.seq_num 
_struct_ref_seq_dif.pdbx_pdb_ins_code 
_struct_ref_seq_dif.pdbx_seq_db_name 
_struct_ref_seq_dif.pdbx_seq_db_accession_code 
_struct_ref_seq_dif.db_mon_id 
_struct_ref_seq_dif.pdbx_seq_db_seq_num 
_struct_ref_seq_dif.details 
_struct_ref_seq_dif.pdbx_auth_seq_num 
_struct_ref_seq_dif.pdbx_ordinal 
1 4L9H GLY A 1 ? UNP Q9Y3I1 ? ? 'expression tag' 176 1 
1 4L9H PRO A 2 ? UNP Q9Y3I1 ? ? 'expression tag' 177 2 
1 4L9H SER A 3 ? UNP Q9Y3I1 ? ? 'expression tag' 178 3 
1 4L9H SER A 4 ? UNP Q9Y3I1 ? ? 'expression tag' 179 4 
# 
_pdbx_struct_assembly.id                   1 
_pdbx_struct_assembly.details              author_and_software_defined_assembly 
_pdbx_struct_assembly.method_details       PISA 
_pdbx_struct_assembly.oligomeric_details   monomeric 
_pdbx_struct_assembly.oligomeric_count     1 
# 
_pdbx_struct_assembly_gen.assembly_id       1 
_pdbx_struct_assembly_gen.oper_expression   1 
_pdbx_struct_assembly_gen.asym_id_list      A,B 
# 
_pdbx_struct_oper_list.id                   1 
_pdbx_struct_oper_list.type                 'identity operation' 
_pdbx_struct_oper_list.name                 1_555 
_pdbx_struct_oper_list.symmetry_operation   x,y,z 
_pdbx_struct_oper_list.matrix[1][1]         1.0000000000 
_pdbx_struct_oper_list.matrix[1][2]         0.0000000000 
_pdbx_struct_oper_list.matrix[1][3]         0.0000000000 
_pdbx_struct_oper_list.vector[1]            0.0000000000 
_pdbx_struct_oper_list.matrix[2][1]         0.0000000000 
_pdbx_struct_oper_list.matrix[2][2]         1.0000000000 
_pdbx_struct_oper_list.matrix[2][3]         0.0000000000 
_pdbx_struct_oper_list.vector[2]            0.0000000000 
_pdbx_struct_oper_list.matrix[3][1]         0.0000000000 
_pdbx_struct_oper_list.matrix[3][2]         0.0000000000 
_pdbx_struct_oper_list.matrix[3][3]         1.0000000000 
_pdbx_struct_oper_list.vector[3]            0.0000000000 
# 
_struct_biol.id        1 
_struct_biol.details   ? 
# 
loop_
_struct_conf.conf_type_id 
_struct_conf.id 
_struct_conf.pdbx_PDB_helix_id 
_struct_conf.beg_label_comp_id 
_struct_conf.beg_label_asym_id 
_struct_conf.beg_label_seq_id 
_struct_conf.pdbx_beg_PDB_ins_code 
_struct_conf.end_label_comp_id 
_struct_conf.end_label_asym_id 
_struct_conf.end_label_seq_id 
_struct_conf.pdbx_end_PDB_ins_code 
_struct_conf.beg_auth_comp_id 
_struct_conf.beg_auth_asym_id 
_struct_conf.beg_auth_seq_id 
_struct_conf.end_auth_comp_id 
_struct_conf.end_auth_asym_id 
_struct_conf.end_auth_seq_id 
_struct_conf.pdbx_PDB_helix_class 
_struct_conf.details 
_struct_conf.pdbx_PDB_helix_length 
HELX_P HELX_P1 1 PRO A 5   ? ASP A 16  ? PRO A 180 ASP A 191 1 ? 12 
HELX_P HELX_P2 2 ASP A 19  ? SER A 35  ? ASP A 194 SER A 210 1 ? 17 
HELX_P HELX_P3 3 LEU A 105 ? PHE A 109 ? LEU A 280 PHE A 284 5 ? 5  
HELX_P HELX_P4 4 CYS A 111 ? LEU A 115 ? CYS A 286 LEU A 290 5 ? 5  
HELX_P HELX_P5 5 ASN A 118 ? TYR A 123 ? ASN A 293 TYR A 298 1 ? 6  
HELX_P HELX_P6 6 ASP A 125 ? LEU A 137 ? ASP A 300 LEU A 312 1 ? 13 
HELX_P HELX_P7 7 LEU A 137 ? LEU A 149 ? LEU A 312 LEU A 324 1 ? 13 
# 
_struct_conf_type.id          HELX_P 
_struct_conf_type.criteria    ? 
_struct_conf_type.reference   ? 
# 
loop_
_struct_conn.id 
_struct_conn.conn_type_id 
_struct_conn.pdbx_leaving_atom_flag 
_struct_conn.pdbx_PDB_id 
_struct_conn.ptnr1_label_asym_id 
_struct_conn.ptnr1_label_comp_id 
_struct_conn.ptnr1_label_seq_id 
_struct_conn.ptnr1_label_atom_id 
_struct_conn.pdbx_ptnr1_label_alt_id 
_struct_conn.pdbx_ptnr1_PDB_ins_code 
_struct_conn.pdbx_ptnr1_standard_comp_id 
_struct_conn.ptnr1_symmetry 
_struct_conn.ptnr2_label_asym_id 
_struct_conn.ptnr2_label_comp_id 
_struct_conn.ptnr2_label_seq_id 
_struct_conn.ptnr2_label_atom_id 
_struct_conn.pdbx_ptnr2_label_alt_id 
_struct_conn.pdbx_ptnr2_PDB_ins_code 
_struct_conn.ptnr1_auth_asym_id 
_struct_conn.ptnr1_auth_comp_id 
_struct_conn.ptnr1_auth_seq_id 
_struct_conn.ptnr2_auth_asym_id 
_struct_conn.ptnr2_auth_comp_id 
_struct_conn.ptnr2_auth_seq_id 
_struct_conn.ptnr2_symmetry 
_struct_conn.pdbx_ptnr3_label_atom_id 
_struct_conn.pdbx_ptnr3_label_seq_id 
_struct_conn.pdbx_ptnr3_label_comp_id 
_struct_conn.pdbx_ptnr3_label_asym_id 
_struct_conn.pdbx_ptnr3_label_alt_id 
_struct_conn.pdbx_ptnr3_PDB_ins_code 
_struct_conn.details 
_struct_conn.pdbx_dist_value 
_struct_conn.pdbx_value_order 
_struct_conn.pdbx_role 
covale1 covale both ? A LEU 31 C ? ? ? 1_555 A MSE 32 N ? ? A LEU 206 A MSE 207 1_555 ? ? ? ? ? ? ? 1.332 ? ? 
covale2 covale both ? A MSE 32 C ? ? ? 1_555 A LEU 33 N ? ? A MSE 207 A LEU 208 1_555 ? ? ? ? ? ? ? 1.331 ? ? 
covale3 covale both ? A SER 48 C ? ? ? 1_555 A MSE 49 N ? ? A SER 223 A MSE 224 1_555 ? ? ? ? ? ? ? 1.330 ? ? 
covale4 covale both ? A MSE 49 C ? ? ? 1_555 A PRO 50 N ? ? A MSE 224 A PRO 225 1_555 ? ? ? ? ? ? ? 1.341 ? ? 
covale5 covale both ? A TYR 63 C ? ? ? 1_555 A MSE 64 N ? ? A TYR 238 A MSE 239 1_555 ? ? ? ? ? ? ? 1.327 ? ? 
covale6 covale both ? A MSE 64 C ? ? ? 1_555 A HIS 65 N ? ? A MSE 239 A HIS 240 1_555 ? ? ? ? ? ? ? 1.329 ? ? 
# 
_struct_conn_type.id          covale 
_struct_conn_type.criteria    ? 
_struct_conn_type.reference   ? 
# 
loop_
_pdbx_modification_feature.ordinal 
_pdbx_modification_feature.label_comp_id 
_pdbx_modification_feature.label_asym_id 
_pdbx_modification_feature.label_seq_id 
_pdbx_modification_feature.label_alt_id 
_pdbx_modification_feature.modified_residue_label_comp_id 
_pdbx_modification_feature.modified_residue_label_asym_id 
_pdbx_modification_feature.modified_residue_label_seq_id 
_pdbx_modification_feature.modified_residue_label_alt_id 
_pdbx_modification_feature.auth_comp_id 
_pdbx_modification_feature.auth_asym_id 
_pdbx_modification_feature.auth_seq_id 
_pdbx_modification_feature.PDB_ins_code 
_pdbx_modification_feature.symmetry 
_pdbx_modification_feature.modified_residue_auth_comp_id 
_pdbx_modification_feature.modified_residue_auth_asym_id 
_pdbx_modification_feature.modified_residue_auth_seq_id 
_pdbx_modification_feature.modified_residue_PDB_ins_code 
_pdbx_modification_feature.modified_residue_symmetry 
_pdbx_modification_feature.comp_id_linking_atom 
_pdbx_modification_feature.modified_residue_id_linking_atom 
_pdbx_modification_feature.modified_residue_id 
_pdbx_modification_feature.ref_pcm_id 
_pdbx_modification_feature.ref_comp_id 
_pdbx_modification_feature.type 
_pdbx_modification_feature.category 
1 MSE A 32 ? . . . . MSE A 207 ? 1_555 . . . . . . . MET 1 MSE Selenomethionine 'Named protein modification' 
2 MSE A 49 ? . . . . MSE A 224 ? 1_555 . . . . . . . MET 1 MSE Selenomethionine 'Named protein modification' 
3 MSE A 64 ? . . . . MSE A 239 ? 1_555 . . . . . . . MET 1 MSE Selenomethionine 'Named protein modification' 
# 
loop_
_struct_sheet.id 
_struct_sheet.type 
_struct_sheet.number_strands 
_struct_sheet.details 
A ? 3 ? 
B ? 5 ? 
# 
loop_
_struct_sheet_order.sheet_id 
_struct_sheet_order.range_id_1 
_struct_sheet_order.range_id_2 
_struct_sheet_order.offset 
_struct_sheet_order.sense 
A 1 2 ? anti-parallel 
A 2 3 ? anti-parallel 
B 1 2 ? anti-parallel 
B 2 3 ? anti-parallel 
B 3 4 ? anti-parallel 
B 4 5 ? anti-parallel 
# 
loop_
_struct_sheet_range.sheet_id 
_struct_sheet_range.id 
_struct_sheet_range.beg_label_comp_id 
_struct_sheet_range.beg_label_asym_id 
_struct_sheet_range.beg_label_seq_id 
_struct_sheet_range.pdbx_beg_PDB_ins_code 
_struct_sheet_range.end_label_comp_id 
_struct_sheet_range.end_label_asym_id 
_struct_sheet_range.end_label_seq_id 
_struct_sheet_range.pdbx_end_PDB_ins_code 
_struct_sheet_range.beg_auth_comp_id 
_struct_sheet_range.beg_auth_asym_id 
_struct_sheet_range.beg_auth_seq_id 
_struct_sheet_range.end_auth_comp_id 
_struct_sheet_range.end_auth_asym_id 
_struct_sheet_range.end_auth_seq_id 
A 1 ILE A 38 ? PRO A 39  ? ILE A 213 PRO A 214 
A 2 VAL A 58 ? MSE A 64  ? VAL A 233 MSE A 239 
A 3 LYS A 54 ? LEU A 55  ? LYS A 229 LEU A 230 
B 1 ILE A 38 ? PRO A 39  ? ILE A 213 PRO A 214 
B 2 VAL A 58 ? MSE A 64  ? VAL A 233 MSE A 239 
B 3 SER A 72 ? LEU A 80  ? SER A 247 LEU A 255 
B 4 LEU A 83 ? ILE A 92  ? LEU A 258 ILE A 267 
B 5 GLU A 95 ? LEU A 104 ? GLU A 270 LEU A 279 
# 
loop_
_pdbx_struct_sheet_hbond.sheet_id 
_pdbx_struct_sheet_hbond.range_id_1 
_pdbx_struct_sheet_hbond.range_id_2 
_pdbx_struct_sheet_hbond.range_1_label_atom_id 
_pdbx_struct_sheet_hbond.range_1_label_comp_id 
_pdbx_struct_sheet_hbond.range_1_label_asym_id 
_pdbx_struct_sheet_hbond.range_1_label_seq_id 
_pdbx_struct_sheet_hbond.range_1_PDB_ins_code 
_pdbx_struct_sheet_hbond.range_1_auth_atom_id 
_pdbx_struct_sheet_hbond.range_1_auth_comp_id 
_pdbx_struct_sheet_hbond.range_1_auth_asym_id 
_pdbx_struct_sheet_hbond.range_1_auth_seq_id 
_pdbx_struct_sheet_hbond.range_2_label_atom_id 
_pdbx_struct_sheet_hbond.range_2_label_comp_id 
_pdbx_struct_sheet_hbond.range_2_label_asym_id 
_pdbx_struct_sheet_hbond.range_2_label_seq_id 
_pdbx_struct_sheet_hbond.range_2_PDB_ins_code 
_pdbx_struct_sheet_hbond.range_2_auth_atom_id 
_pdbx_struct_sheet_hbond.range_2_auth_comp_id 
_pdbx_struct_sheet_hbond.range_2_auth_asym_id 
_pdbx_struct_sheet_hbond.range_2_auth_seq_id 
A 1 2 N ILE A 38 ? N ILE A 213 O MSE A 64 ? O MSE A 239 
A 2 3 O VAL A 58 ? O VAL A 233 N LEU A 55 ? N LEU A 230 
B 1 2 N ILE A 38 ? N ILE A 213 O MSE A 64 ? O MSE A 239 
B 2 3 N TYR A 63 ? N TYR A 238 O ALA A 73 ? O ALA A 248 
B 3 4 N VAL A 78 ? N VAL A 253 O VAL A 85 ? O VAL A 260 
B 4 5 N LEU A 90 ? N LEU A 265 O ARG A 97 ? O ARG A 272 
# 
_pdbx_entry_details.entry_id                   4L9H 
_pdbx_entry_details.compound_details           ? 
_pdbx_entry_details.source_details             ? 
_pdbx_entry_details.nonpolymer_details         ? 
_pdbx_entry_details.sequence_details           ? 
_pdbx_entry_details.has_ligand_of_interest     ? 
_pdbx_entry_details.has_protein_modification   Y 
# 
_pdbx_validate_close_contact.id               1 
_pdbx_validate_close_contact.PDB_model_num    1 
_pdbx_validate_close_contact.auth_atom_id_1   O 
_pdbx_validate_close_contact.auth_asym_id_1   A 
_pdbx_validate_close_contact.auth_comp_id_1   HOH 
_pdbx_validate_close_contact.auth_seq_id_1    448 
_pdbx_validate_close_contact.PDB_ins_code_1   ? 
_pdbx_validate_close_contact.label_alt_id_1   ? 
_pdbx_validate_close_contact.auth_atom_id_2   O 
_pdbx_validate_close_contact.auth_asym_id_2   A 
_pdbx_validate_close_contact.auth_comp_id_2   HOH 
_pdbx_validate_close_contact.auth_seq_id_2    450 
_pdbx_validate_close_contact.PDB_ins_code_2   ? 
_pdbx_validate_close_contact.label_alt_id_2   ? 
_pdbx_validate_close_contact.dist             2.16 
# 
loop_
_pdbx_validate_torsion.id 
_pdbx_validate_torsion.PDB_model_num 
_pdbx_validate_torsion.auth_comp_id 
_pdbx_validate_torsion.auth_asym_id 
_pdbx_validate_torsion.auth_seq_id 
_pdbx_validate_torsion.PDB_ins_code 
_pdbx_validate_torsion.label_alt_id 
_pdbx_validate_torsion.phi 
_pdbx_validate_torsion.psi 
1 1 ASN A 269 ? ? 47.51   22.82   
2 1 GLU A 292 ? ? -119.68 -143.41 
3 1 LEU A 312 ? ? -133.77 -59.83  
# 
loop_
_pdbx_struct_mod_residue.id 
_pdbx_struct_mod_residue.label_asym_id 
_pdbx_struct_mod_residue.label_comp_id 
_pdbx_struct_mod_residue.label_seq_id 
_pdbx_struct_mod_residue.auth_asym_id 
_pdbx_struct_mod_residue.auth_comp_id 
_pdbx_struct_mod_residue.auth_seq_id 
_pdbx_struct_mod_residue.PDB_ins_code 
_pdbx_struct_mod_residue.parent_comp_id 
_pdbx_struct_mod_residue.details 
1 A MSE 32 A MSE 207 ? MET SELENOMETHIONINE 
2 A MSE 49 A MSE 224 ? MET SELENOMETHIONINE 
3 A MSE 64 A MSE 239 ? MET SELENOMETHIONINE 
# 
loop_
_pdbx_unobs_or_zero_occ_residues.id 
_pdbx_unobs_or_zero_occ_residues.PDB_model_num 
_pdbx_unobs_or_zero_occ_residues.polymer_flag 
_pdbx_unobs_or_zero_occ_residues.occupancy_flag 
_pdbx_unobs_or_zero_occ_residues.auth_asym_id 
_pdbx_unobs_or_zero_occ_residues.auth_comp_id 
_pdbx_unobs_or_zero_occ_residues.auth_seq_id 
_pdbx_unobs_or_zero_occ_residues.PDB_ins_code 
_pdbx_unobs_or_zero_occ_residues.label_asym_id 
_pdbx_unobs_or_zero_occ_residues.label_comp_id 
_pdbx_unobs_or_zero_occ_residues.label_seq_id 
1 1 Y 1 A GLY 331 ? A GLY 156 
2 1 Y 1 A LEU 332 ? A LEU 157 
3 1 Y 1 A VAL 333 ? A VAL 158 
4 1 Y 1 A VAL 334 ? A VAL 159 
5 1 Y 1 A LEU 335 ? A LEU 160 
# 
loop_
_chem_comp_atom.comp_id 
_chem_comp_atom.atom_id 
_chem_comp_atom.type_symbol 
_chem_comp_atom.pdbx_aromatic_flag 
_chem_comp_atom.pdbx_stereo_config 
_chem_comp_atom.pdbx_ordinal 
ALA N    N  N N 1   
ALA CA   C  N S 2   
ALA C    C  N N 3   
ALA O    O  N N 4   
ALA CB   C  N N 5   
ALA OXT  O  N N 6   
ALA H    H  N N 7   
ALA H2   H  N N 8   
ALA HA   H  N N 9   
ALA HB1  H  N N 10  
ALA HB2  H  N N 11  
ALA HB3  H  N N 12  
ALA HXT  H  N N 13  
ARG N    N  N N 14  
ARG CA   C  N S 15  
ARG C    C  N N 16  
ARG O    O  N N 17  
ARG CB   C  N N 18  
ARG CG   C  N N 19  
ARG CD   C  N N 20  
ARG NE   N  N N 21  
ARG CZ   C  N N 22  
ARG NH1  N  N N 23  
ARG NH2  N  N N 24  
ARG OXT  O  N N 25  
ARG H    H  N N 26  
ARG H2   H  N N 27  
ARG HA   H  N N 28  
ARG HB2  H  N N 29  
ARG HB3  H  N N 30  
ARG HG2  H  N N 31  
ARG HG3  H  N N 32  
ARG HD2  H  N N 33  
ARG HD3  H  N N 34  
ARG HE   H  N N 35  
ARG HH11 H  N N 36  
ARG HH12 H  N N 37  
ARG HH21 H  N N 38  
ARG HH22 H  N N 39  
ARG HXT  H  N N 40  
ASN N    N  N N 41  
ASN CA   C  N S 42  
ASN C    C  N N 43  
ASN O    O  N N 44  
ASN CB   C  N N 45  
ASN CG   C  N N 46  
ASN OD1  O  N N 47  
ASN ND2  N  N N 48  
ASN OXT  O  N N 49  
ASN H    H  N N 50  
ASN H2   H  N N 51  
ASN HA   H  N N 52  
ASN HB2  H  N N 53  
ASN HB3  H  N N 54  
ASN HD21 H  N N 55  
ASN HD22 H  N N 56  
ASN HXT  H  N N 57  
ASP N    N  N N 58  
ASP CA   C  N S 59  
ASP C    C  N N 60  
ASP O    O  N N 61  
ASP CB   C  N N 62  
ASP CG   C  N N 63  
ASP OD1  O  N N 64  
ASP OD2  O  N N 65  
ASP OXT  O  N N 66  
ASP H    H  N N 67  
ASP H2   H  N N 68  
ASP HA   H  N N 69  
ASP HB2  H  N N 70  
ASP HB3  H  N N 71  
ASP HD2  H  N N 72  
ASP HXT  H  N N 73  
CYS N    N  N N 74  
CYS CA   C  N R 75  
CYS C    C  N N 76  
CYS O    O  N N 77  
CYS CB   C  N N 78  
CYS SG   S  N N 79  
CYS OXT  O  N N 80  
CYS H    H  N N 81  
CYS H2   H  N N 82  
CYS HA   H  N N 83  
CYS HB2  H  N N 84  
CYS HB3  H  N N 85  
CYS HG   H  N N 86  
CYS HXT  H  N N 87  
GLN N    N  N N 88  
GLN CA   C  N S 89  
GLN C    C  N N 90  
GLN O    O  N N 91  
GLN CB   C  N N 92  
GLN CG   C  N N 93  
GLN CD   C  N N 94  
GLN OE1  O  N N 95  
GLN NE2  N  N N 96  
GLN OXT  O  N N 97  
GLN H    H  N N 98  
GLN H2   H  N N 99  
GLN HA   H  N N 100 
GLN HB2  H  N N 101 
GLN HB3  H  N N 102 
GLN HG2  H  N N 103 
GLN HG3  H  N N 104 
GLN HE21 H  N N 105 
GLN HE22 H  N N 106 
GLN HXT  H  N N 107 
GLU N    N  N N 108 
GLU CA   C  N S 109 
GLU C    C  N N 110 
GLU O    O  N N 111 
GLU CB   C  N N 112 
GLU CG   C  N N 113 
GLU CD   C  N N 114 
GLU OE1  O  N N 115 
GLU OE2  O  N N 116 
GLU OXT  O  N N 117 
GLU H    H  N N 118 
GLU H2   H  N N 119 
GLU HA   H  N N 120 
GLU HB2  H  N N 121 
GLU HB3  H  N N 122 
GLU HG2  H  N N 123 
GLU HG3  H  N N 124 
GLU HE2  H  N N 125 
GLU HXT  H  N N 126 
GLY N    N  N N 127 
GLY CA   C  N N 128 
GLY C    C  N N 129 
GLY O    O  N N 130 
GLY OXT  O  N N 131 
GLY H    H  N N 132 
GLY H2   H  N N 133 
GLY HA2  H  N N 134 
GLY HA3  H  N N 135 
GLY HXT  H  N N 136 
HIS N    N  N N 137 
HIS CA   C  N S 138 
HIS C    C  N N 139 
HIS O    O  N N 140 
HIS CB   C  N N 141 
HIS CG   C  Y N 142 
HIS ND1  N  Y N 143 
HIS CD2  C  Y N 144 
HIS CE1  C  Y N 145 
HIS NE2  N  Y N 146 
HIS OXT  O  N N 147 
HIS H    H  N N 148 
HIS H2   H  N N 149 
HIS HA   H  N N 150 
HIS HB2  H  N N 151 
HIS HB3  H  N N 152 
HIS HD1  H  N N 153 
HIS HD2  H  N N 154 
HIS HE1  H  N N 155 
HIS HE2  H  N N 156 
HIS HXT  H  N N 157 
HOH O    O  N N 158 
HOH H1   H  N N 159 
HOH H2   H  N N 160 
ILE N    N  N N 161 
ILE CA   C  N S 162 
ILE C    C  N N 163 
ILE O    O  N N 164 
ILE CB   C  N S 165 
ILE CG1  C  N N 166 
ILE CG2  C  N N 167 
ILE CD1  C  N N 168 
ILE OXT  O  N N 169 
ILE H    H  N N 170 
ILE H2   H  N N 171 
ILE HA   H  N N 172 
ILE HB   H  N N 173 
ILE HG12 H  N N 174 
ILE HG13 H  N N 175 
ILE HG21 H  N N 176 
ILE HG22 H  N N 177 
ILE HG23 H  N N 178 
ILE HD11 H  N N 179 
ILE HD12 H  N N 180 
ILE HD13 H  N N 181 
ILE HXT  H  N N 182 
LEU N    N  N N 183 
LEU CA   C  N S 184 
LEU C    C  N N 185 
LEU O    O  N N 186 
LEU CB   C  N N 187 
LEU CG   C  N N 188 
LEU CD1  C  N N 189 
LEU CD2  C  N N 190 
LEU OXT  O  N N 191 
LEU H    H  N N 192 
LEU H2   H  N N 193 
LEU HA   H  N N 194 
LEU HB2  H  N N 195 
LEU HB3  H  N N 196 
LEU HG   H  N N 197 
LEU HD11 H  N N 198 
LEU HD12 H  N N 199 
LEU HD13 H  N N 200 
LEU HD21 H  N N 201 
LEU HD22 H  N N 202 
LEU HD23 H  N N 203 
LEU HXT  H  N N 204 
LYS N    N  N N 205 
LYS CA   C  N S 206 
LYS C    C  N N 207 
LYS O    O  N N 208 
LYS CB   C  N N 209 
LYS CG   C  N N 210 
LYS CD   C  N N 211 
LYS CE   C  N N 212 
LYS NZ   N  N N 213 
LYS OXT  O  N N 214 
LYS H    H  N N 215 
LYS H2   H  N N 216 
LYS HA   H  N N 217 
LYS HB2  H  N N 218 
LYS HB3  H  N N 219 
LYS HG2  H  N N 220 
LYS HG3  H  N N 221 
LYS HD2  H  N N 222 
LYS HD3  H  N N 223 
LYS HE2  H  N N 224 
LYS HE3  H  N N 225 
LYS HZ1  H  N N 226 
LYS HZ2  H  N N 227 
LYS HZ3  H  N N 228 
LYS HXT  H  N N 229 
MSE N    N  N N 230 
MSE CA   C  N S 231 
MSE C    C  N N 232 
MSE O    O  N N 233 
MSE OXT  O  N N 234 
MSE CB   C  N N 235 
MSE CG   C  N N 236 
MSE SE   SE N N 237 
MSE CE   C  N N 238 
MSE H    H  N N 239 
MSE H2   H  N N 240 
MSE HA   H  N N 241 
MSE HXT  H  N N 242 
MSE HB2  H  N N 243 
MSE HB3  H  N N 244 
MSE HG2  H  N N 245 
MSE HG3  H  N N 246 
MSE HE1  H  N N 247 
MSE HE2  H  N N 248 
MSE HE3  H  N N 249 
PHE N    N  N N 250 
PHE CA   C  N S 251 
PHE C    C  N N 252 
PHE O    O  N N 253 
PHE CB   C  N N 254 
PHE CG   C  Y N 255 
PHE CD1  C  Y N 256 
PHE CD2  C  Y N 257 
PHE CE1  C  Y N 258 
PHE CE2  C  Y N 259 
PHE CZ   C  Y N 260 
PHE OXT  O  N N 261 
PHE H    H  N N 262 
PHE H2   H  N N 263 
PHE HA   H  N N 264 
PHE HB2  H  N N 265 
PHE HB3  H  N N 266 
PHE HD1  H  N N 267 
PHE HD2  H  N N 268 
PHE HE1  H  N N 269 
PHE HE2  H  N N 270 
PHE HZ   H  N N 271 
PHE HXT  H  N N 272 
PRO N    N  N N 273 
PRO CA   C  N S 274 
PRO C    C  N N 275 
PRO O    O  N N 276 
PRO CB   C  N N 277 
PRO CG   C  N N 278 
PRO CD   C  N N 279 
PRO OXT  O  N N 280 
PRO H    H  N N 281 
PRO HA   H  N N 282 
PRO HB2  H  N N 283 
PRO HB3  H  N N 284 
PRO HG2  H  N N 285 
PRO HG3  H  N N 286 
PRO HD2  H  N N 287 
PRO HD3  H  N N 288 
PRO HXT  H  N N 289 
SER N    N  N N 290 
SER CA   C  N S 291 
SER C    C  N N 292 
SER O    O  N N 293 
SER CB   C  N N 294 
SER OG   O  N N 295 
SER OXT  O  N N 296 
SER H    H  N N 297 
SER H2   H  N N 298 
SER HA   H  N N 299 
SER HB2  H  N N 300 
SER HB3  H  N N 301 
SER HG   H  N N 302 
SER HXT  H  N N 303 
THR N    N  N N 304 
THR CA   C  N S 305 
THR C    C  N N 306 
THR O    O  N N 307 
THR CB   C  N R 308 
THR OG1  O  N N 309 
THR CG2  C  N N 310 
THR OXT  O  N N 311 
THR H    H  N N 312 
THR H2   H  N N 313 
THR HA   H  N N 314 
THR HB   H  N N 315 
THR HG1  H  N N 316 
THR HG21 H  N N 317 
THR HG22 H  N N 318 
THR HG23 H  N N 319 
THR HXT  H  N N 320 
TRP N    N  N N 321 
TRP CA   C  N S 322 
TRP C    C  N N 323 
TRP O    O  N N 324 
TRP CB   C  N N 325 
TRP CG   C  Y N 326 
TRP CD1  C  Y N 327 
TRP CD2  C  Y N 328 
TRP NE1  N  Y N 329 
TRP CE2  C  Y N 330 
TRP CE3  C  Y N 331 
TRP CZ2  C  Y N 332 
TRP CZ3  C  Y N 333 
TRP CH2  C  Y N 334 
TRP OXT  O  N N 335 
TRP H    H  N N 336 
TRP H2   H  N N 337 
TRP HA   H  N N 338 
TRP HB2  H  N N 339 
TRP HB3  H  N N 340 
TRP HD1  H  N N 341 
TRP HE1  H  N N 342 
TRP HE3  H  N N 343 
TRP HZ2  H  N N 344 
TRP HZ3  H  N N 345 
TRP HH2  H  N N 346 
TRP HXT  H  N N 347 
TYR N    N  N N 348 
TYR CA   C  N S 349 
TYR C    C  N N 350 
TYR O    O  N N 351 
TYR CB   C  N N 352 
TYR CG   C  Y N 353 
TYR CD1  C  Y N 354 
TYR CD2  C  Y N 355 
TYR CE1  C  Y N 356 
TYR CE2  C  Y N 357 
TYR CZ   C  Y N 358 
TYR OH   O  N N 359 
TYR OXT  O  N N 360 
TYR H    H  N N 361 
TYR H2   H  N N 362 
TYR HA   H  N N 363 
TYR HB2  H  N N 364 
TYR HB3  H  N N 365 
TYR HD1  H  N N 366 
TYR HD2  H  N N 367 
TYR HE1  H  N N 368 
TYR HE2  H  N N 369 
TYR HH   H  N N 370 
TYR HXT  H  N N 371 
VAL N    N  N N 372 
VAL CA   C  N S 373 
VAL C    C  N N 374 
VAL O    O  N N 375 
VAL CB   C  N N 376 
VAL CG1  C  N N 377 
VAL CG2  C  N N 378 
VAL OXT  O  N N 379 
VAL H    H  N N 380 
VAL H2   H  N N 381 
VAL HA   H  N N 382 
VAL HB   H  N N 383 
VAL HG11 H  N N 384 
VAL HG12 H  N N 385 
VAL HG13 H  N N 386 
VAL HG21 H  N N 387 
VAL HG22 H  N N 388 
VAL HG23 H  N N 389 
VAL HXT  H  N N 390 
# 
loop_
_chem_comp_bond.comp_id 
_chem_comp_bond.atom_id_1 
_chem_comp_bond.atom_id_2 
_chem_comp_bond.value_order 
_chem_comp_bond.pdbx_aromatic_flag 
_chem_comp_bond.pdbx_stereo_config 
_chem_comp_bond.pdbx_ordinal 
ALA N   CA   sing N N 1   
ALA N   H    sing N N 2   
ALA N   H2   sing N N 3   
ALA CA  C    sing N N 4   
ALA CA  CB   sing N N 5   
ALA CA  HA   sing N N 6   
ALA C   O    doub N N 7   
ALA C   OXT  sing N N 8   
ALA CB  HB1  sing N N 9   
ALA CB  HB2  sing N N 10  
ALA CB  HB3  sing N N 11  
ALA OXT HXT  sing N N 12  
ARG N   CA   sing N N 13  
ARG N   H    sing N N 14  
ARG N   H2   sing N N 15  
ARG CA  C    sing N N 16  
ARG CA  CB   sing N N 17  
ARG CA  HA   sing N N 18  
ARG C   O    doub N N 19  
ARG C   OXT  sing N N 20  
ARG CB  CG   sing N N 21  
ARG CB  HB2  sing N N 22  
ARG CB  HB3  sing N N 23  
ARG CG  CD   sing N N 24  
ARG CG  HG2  sing N N 25  
ARG CG  HG3  sing N N 26  
ARG CD  NE   sing N N 27  
ARG CD  HD2  sing N N 28  
ARG CD  HD3  sing N N 29  
ARG NE  CZ   sing N N 30  
ARG NE  HE   sing N N 31  
ARG CZ  NH1  sing N N 32  
ARG CZ  NH2  doub N N 33  
ARG NH1 HH11 sing N N 34  
ARG NH1 HH12 sing N N 35  
ARG NH2 HH21 sing N N 36  
ARG NH2 HH22 sing N N 37  
ARG OXT HXT  sing N N 38  
ASN N   CA   sing N N 39  
ASN N   H    sing N N 40  
ASN N   H2   sing N N 41  
ASN CA  C    sing N N 42  
ASN CA  CB   sing N N 43  
ASN CA  HA   sing N N 44  
ASN C   O    doub N N 45  
ASN C   OXT  sing N N 46  
ASN CB  CG   sing N N 47  
ASN CB  HB2  sing N N 48  
ASN CB  HB3  sing N N 49  
ASN CG  OD1  doub N N 50  
ASN CG  ND2  sing N N 51  
ASN ND2 HD21 sing N N 52  
ASN ND2 HD22 sing N N 53  
ASN OXT HXT  sing N N 54  
ASP N   CA   sing N N 55  
ASP N   H    sing N N 56  
ASP N   H2   sing N N 57  
ASP CA  C    sing N N 58  
ASP CA  CB   sing N N 59  
ASP CA  HA   sing N N 60  
ASP C   O    doub N N 61  
ASP C   OXT  sing N N 62  
ASP CB  CG   sing N N 63  
ASP CB  HB2  sing N N 64  
ASP CB  HB3  sing N N 65  
ASP CG  OD1  doub N N 66  
ASP CG  OD2  sing N N 67  
ASP OD2 HD2  sing N N 68  
ASP OXT HXT  sing N N 69  
CYS N   CA   sing N N 70  
CYS N   H    sing N N 71  
CYS N   H2   sing N N 72  
CYS CA  C    sing N N 73  
CYS CA  CB   sing N N 74  
CYS CA  HA   sing N N 75  
CYS C   O    doub N N 76  
CYS C   OXT  sing N N 77  
CYS CB  SG   sing N N 78  
CYS CB  HB2  sing N N 79  
CYS CB  HB3  sing N N 80  
CYS SG  HG   sing N N 81  
CYS OXT HXT  sing N N 82  
GLN N   CA   sing N N 83  
GLN N   H    sing N N 84  
GLN N   H2   sing N N 85  
GLN CA  C    sing N N 86  
GLN CA  CB   sing N N 87  
GLN CA  HA   sing N N 88  
GLN C   O    doub N N 89  
GLN C   OXT  sing N N 90  
GLN CB  CG   sing N N 91  
GLN CB  HB2  sing N N 92  
GLN CB  HB3  sing N N 93  
GLN CG  CD   sing N N 94  
GLN CG  HG2  sing N N 95  
GLN CG  HG3  sing N N 96  
GLN CD  OE1  doub N N 97  
GLN CD  NE2  sing N N 98  
GLN NE2 HE21 sing N N 99  
GLN NE2 HE22 sing N N 100 
GLN OXT HXT  sing N N 101 
GLU N   CA   sing N N 102 
GLU N   H    sing N N 103 
GLU N   H2   sing N N 104 
GLU CA  C    sing N N 105 
GLU CA  CB   sing N N 106 
GLU CA  HA   sing N N 107 
GLU C   O    doub N N 108 
GLU C   OXT  sing N N 109 
GLU CB  CG   sing N N 110 
GLU CB  HB2  sing N N 111 
GLU CB  HB3  sing N N 112 
GLU CG  CD   sing N N 113 
GLU CG  HG2  sing N N 114 
GLU CG  HG3  sing N N 115 
GLU CD  OE1  doub N N 116 
GLU CD  OE2  sing N N 117 
GLU OE2 HE2  sing N N 118 
GLU OXT HXT  sing N N 119 
GLY N   CA   sing N N 120 
GLY N   H    sing N N 121 
GLY N   H2   sing N N 122 
GLY CA  C    sing N N 123 
GLY CA  HA2  sing N N 124 
GLY CA  HA3  sing N N 125 
GLY C   O    doub N N 126 
GLY C   OXT  sing N N 127 
GLY OXT HXT  sing N N 128 
HIS N   CA   sing N N 129 
HIS N   H    sing N N 130 
HIS N   H2   sing N N 131 
HIS CA  C    sing N N 132 
HIS CA  CB   sing N N 133 
HIS CA  HA   sing N N 134 
HIS C   O    doub N N 135 
HIS C   OXT  sing N N 136 
HIS CB  CG   sing N N 137 
HIS CB  HB2  sing N N 138 
HIS CB  HB3  sing N N 139 
HIS CG  ND1  sing Y N 140 
HIS CG  CD2  doub Y N 141 
HIS ND1 CE1  doub Y N 142 
HIS ND1 HD1  sing N N 143 
HIS CD2 NE2  sing Y N 144 
HIS CD2 HD2  sing N N 145 
HIS CE1 NE2  sing Y N 146 
HIS CE1 HE1  sing N N 147 
HIS NE2 HE2  sing N N 148 
HIS OXT HXT  sing N N 149 
HOH O   H1   sing N N 150 
HOH O   H2   sing N N 151 
ILE N   CA   sing N N 152 
ILE N   H    sing N N 153 
ILE N   H2   sing N N 154 
ILE CA  C    sing N N 155 
ILE CA  CB   sing N N 156 
ILE CA  HA   sing N N 157 
ILE C   O    doub N N 158 
ILE C   OXT  sing N N 159 
ILE CB  CG1  sing N N 160 
ILE CB  CG2  sing N N 161 
ILE CB  HB   sing N N 162 
ILE CG1 CD1  sing N N 163 
ILE CG1 HG12 sing N N 164 
ILE CG1 HG13 sing N N 165 
ILE CG2 HG21 sing N N 166 
ILE CG2 HG22 sing N N 167 
ILE CG2 HG23 sing N N 168 
ILE CD1 HD11 sing N N 169 
ILE CD1 HD12 sing N N 170 
ILE CD1 HD13 sing N N 171 
ILE OXT HXT  sing N N 172 
LEU N   CA   sing N N 173 
LEU N   H    sing N N 174 
LEU N   H2   sing N N 175 
LEU CA  C    sing N N 176 
LEU CA  CB   sing N N 177 
LEU CA  HA   sing N N 178 
LEU C   O    doub N N 179 
LEU C   OXT  sing N N 180 
LEU CB  CG   sing N N 181 
LEU CB  HB2  sing N N 182 
LEU CB  HB3  sing N N 183 
LEU CG  CD1  sing N N 184 
LEU CG  CD2  sing N N 185 
LEU CG  HG   sing N N 186 
LEU CD1 HD11 sing N N 187 
LEU CD1 HD12 sing N N 188 
LEU CD1 HD13 sing N N 189 
LEU CD2 HD21 sing N N 190 
LEU CD2 HD22 sing N N 191 
LEU CD2 HD23 sing N N 192 
LEU OXT HXT  sing N N 193 
LYS N   CA   sing N N 194 
LYS N   H    sing N N 195 
LYS N   H2   sing N N 196 
LYS CA  C    sing N N 197 
LYS CA  CB   sing N N 198 
LYS CA  HA   sing N N 199 
LYS C   O    doub N N 200 
LYS C   OXT  sing N N 201 
LYS CB  CG   sing N N 202 
LYS CB  HB2  sing N N 203 
LYS CB  HB3  sing N N 204 
LYS CG  CD   sing N N 205 
LYS CG  HG2  sing N N 206 
LYS CG  HG3  sing N N 207 
LYS CD  CE   sing N N 208 
LYS CD  HD2  sing N N 209 
LYS CD  HD3  sing N N 210 
LYS CE  NZ   sing N N 211 
LYS CE  HE2  sing N N 212 
LYS CE  HE3  sing N N 213 
LYS NZ  HZ1  sing N N 214 
LYS NZ  HZ2  sing N N 215 
LYS NZ  HZ3  sing N N 216 
LYS OXT HXT  sing N N 217 
MSE N   CA   sing N N 218 
MSE N   H    sing N N 219 
MSE N   H2   sing N N 220 
MSE CA  C    sing N N 221 
MSE CA  CB   sing N N 222 
MSE CA  HA   sing N N 223 
MSE C   O    doub N N 224 
MSE C   OXT  sing N N 225 
MSE OXT HXT  sing N N 226 
MSE CB  CG   sing N N 227 
MSE CB  HB2  sing N N 228 
MSE CB  HB3  sing N N 229 
MSE CG  SE   sing N N 230 
MSE CG  HG2  sing N N 231 
MSE CG  HG3  sing N N 232 
MSE SE  CE   sing N N 233 
MSE CE  HE1  sing N N 234 
MSE CE  HE2  sing N N 235 
MSE CE  HE3  sing N N 236 
PHE N   CA   sing N N 237 
PHE N   H    sing N N 238 
PHE N   H2   sing N N 239 
PHE CA  C    sing N N 240 
PHE CA  CB   sing N N 241 
PHE CA  HA   sing N N 242 
PHE C   O    doub N N 243 
PHE C   OXT  sing N N 244 
PHE CB  CG   sing N N 245 
PHE CB  HB2  sing N N 246 
PHE CB  HB3  sing N N 247 
PHE CG  CD1  doub Y N 248 
PHE CG  CD2  sing Y N 249 
PHE CD1 CE1  sing Y N 250 
PHE CD1 HD1  sing N N 251 
PHE CD2 CE2  doub Y N 252 
PHE CD2 HD2  sing N N 253 
PHE CE1 CZ   doub Y N 254 
PHE CE1 HE1  sing N N 255 
PHE CE2 CZ   sing Y N 256 
PHE CE2 HE2  sing N N 257 
PHE CZ  HZ   sing N N 258 
PHE OXT HXT  sing N N 259 
PRO N   CA   sing N N 260 
PRO N   CD   sing N N 261 
PRO N   H    sing N N 262 
PRO CA  C    sing N N 263 
PRO CA  CB   sing N N 264 
PRO CA  HA   sing N N 265 
PRO C   O    doub N N 266 
PRO C   OXT  sing N N 267 
PRO CB  CG   sing N N 268 
PRO CB  HB2  sing N N 269 
PRO CB  HB3  sing N N 270 
PRO CG  CD   sing N N 271 
PRO CG  HG2  sing N N 272 
PRO CG  HG3  sing N N 273 
PRO CD  HD2  sing N N 274 
PRO CD  HD3  sing N N 275 
PRO OXT HXT  sing N N 276 
SER N   CA   sing N N 277 
SER N   H    sing N N 278 
SER N   H2   sing N N 279 
SER CA  C    sing N N 280 
SER CA  CB   sing N N 281 
SER CA  HA   sing N N 282 
SER C   O    doub N N 283 
SER C   OXT  sing N N 284 
SER CB  OG   sing N N 285 
SER CB  HB2  sing N N 286 
SER CB  HB3  sing N N 287 
SER OG  HG   sing N N 288 
SER OXT HXT  sing N N 289 
THR N   CA   sing N N 290 
THR N   H    sing N N 291 
THR N   H2   sing N N 292 
THR CA  C    sing N N 293 
THR CA  CB   sing N N 294 
THR CA  HA   sing N N 295 
THR C   O    doub N N 296 
THR C   OXT  sing N N 297 
THR CB  OG1  sing N N 298 
THR CB  CG2  sing N N 299 
THR CB  HB   sing N N 300 
THR OG1 HG1  sing N N 301 
THR CG2 HG21 sing N N 302 
THR CG2 HG22 sing N N 303 
THR CG2 HG23 sing N N 304 
THR OXT HXT  sing N N 305 
TRP N   CA   sing N N 306 
TRP N   H    sing N N 307 
TRP N   H2   sing N N 308 
TRP CA  C    sing N N 309 
TRP CA  CB   sing N N 310 
TRP CA  HA   sing N N 311 
TRP C   O    doub N N 312 
TRP C   OXT  sing N N 313 
TRP CB  CG   sing N N 314 
TRP CB  HB2  sing N N 315 
TRP CB  HB3  sing N N 316 
TRP CG  CD1  doub Y N 317 
TRP CG  CD2  sing Y N 318 
TRP CD1 NE1  sing Y N 319 
TRP CD1 HD1  sing N N 320 
TRP CD2 CE2  doub Y N 321 
TRP CD2 CE3  sing Y N 322 
TRP NE1 CE2  sing Y N 323 
TRP NE1 HE1  sing N N 324 
TRP CE2 CZ2  sing Y N 325 
TRP CE3 CZ3  doub Y N 326 
TRP CE3 HE3  sing N N 327 
TRP CZ2 CH2  doub Y N 328 
TRP CZ2 HZ2  sing N N 329 
TRP CZ3 CH2  sing Y N 330 
TRP CZ3 HZ3  sing N N 331 
TRP CH2 HH2  sing N N 332 
TRP OXT HXT  sing N N 333 
TYR N   CA   sing N N 334 
TYR N   H    sing N N 335 
TYR N   H2   sing N N 336 
TYR CA  C    sing N N 337 
TYR CA  CB   sing N N 338 
TYR CA  HA   sing N N 339 
TYR C   O    doub N N 340 
TYR C   OXT  sing N N 341 
TYR CB  CG   sing N N 342 
TYR CB  HB2  sing N N 343 
TYR CB  HB3  sing N N 344 
TYR CG  CD1  doub Y N 345 
TYR CG  CD2  sing Y N 346 
TYR CD1 CE1  sing Y N 347 
TYR CD1 HD1  sing N N 348 
TYR CD2 CE2  doub Y N 349 
TYR CD2 HD2  sing N N 350 
TYR CE1 CZ   doub Y N 351 
TYR CE1 HE1  sing N N 352 
TYR CE2 CZ   sing Y N 353 
TYR CE2 HE2  sing N N 354 
TYR CZ  OH   sing N N 355 
TYR OH  HH   sing N N 356 
TYR OXT HXT  sing N N 357 
VAL N   CA   sing N N 358 
VAL N   H    sing N N 359 
VAL N   H2   sing N N 360 
VAL CA  C    sing N N 361 
VAL CA  CB   sing N N 362 
VAL CA  HA   sing N N 363 
VAL C   O    doub N N 364 
VAL C   OXT  sing N N 365 
VAL CB  CG1  sing N N 366 
VAL CB  CG2  sing N N 367 
VAL CB  HB   sing N N 368 
VAL CG1 HG11 sing N N 369 
VAL CG1 HG12 sing N N 370 
VAL CG1 HG13 sing N N 371 
VAL CG2 HG21 sing N N 372 
VAL CG2 HG22 sing N N 373 
VAL CG2 HG23 sing N N 374 
VAL OXT HXT  sing N N 375 
# 
_atom_sites.entry_id                    4L9H 
_atom_sites.fract_transf_matrix[1][1]   0.00879662 
_atom_sites.fract_transf_matrix[1][2]   -0.01488137 
_atom_sites.fract_transf_matrix[1][3]   0.00143104 
_atom_sites.fract_transf_matrix[2][1]   -0.01180927 
_atom_sites.fract_transf_matrix[2][2]   -0.00589851 
_atom_sites.fract_transf_matrix[2][3]   0.01125311 
_atom_sites.fract_transf_matrix[3][1]   -0.00591722 
_atom_sites.fract_transf_matrix[3][2]   -0.00431227 
_atom_sites.fract_transf_matrix[3][3]   -0.00847002 
_atom_sites.fract_transf_vector[1]      0.102004 
_atom_sites.fract_transf_vector[2]      0.622767 
_atom_sites.fract_transf_vector[3]      0.436336 
# 
loop_
_atom_type.symbol 
C  
N  
O  
S  
SE 
# 
loop_
_atom_site.group_PDB 
_atom_site.id 
_atom_site.type_symbol 
_atom_site.label_atom_id 
_atom_site.label_alt_id 
_atom_site.label_comp_id 
_atom_site.label_asym_id 
_atom_site.label_entity_id 
_atom_site.label_seq_id 
_atom_site.pdbx_PDB_ins_code 
_atom_site.Cartn_x 
_atom_site.Cartn_y 
_atom_site.Cartn_z 
_atom_site.occupancy 
_atom_site.B_iso_or_equiv 
_atom_site.pdbx_formal_charge 
_atom_site.auth_seq_id 
_atom_site.auth_comp_id 
_atom_site.auth_asym_id 
_atom_site.auth_atom_id 
_atom_site.pdbx_PDB_model_num 
ATOM   1    N  N   . GLY A 1 1   ? 16.707  4.188   19.698  1.00 44.94 ? 176 GLY A N   1 
ATOM   2    C  CA  . GLY A 1 1   ? 16.338  3.747   18.373  1.00 40.07 ? 176 GLY A CA  1 
ATOM   3    C  C   . GLY A 1 1   ? 15.064  4.430   17.933  1.00 40.24 ? 176 GLY A C   1 
ATOM   4    O  O   . GLY A 1 1   ? 14.393  5.077   18.729  1.00 31.97 ? 176 GLY A O   1 
ATOM   5    N  N   . PRO A 1 2   ? 14.762  4.362   16.628  1.00 45.54 ? 177 PRO A N   1 
ATOM   6    C  CA  . PRO A 1 2   ? 13.387  4.621   16.180  1.00 45.61 ? 177 PRO A CA  1 
ATOM   7    C  C   . PRO A 1 2   ? 12.446  3.493   16.596  1.00 44.29 ? 177 PRO A C   1 
ATOM   8    O  O   . PRO A 1 2   ? 12.743  2.310   16.401  1.00 38.25 ? 177 PRO A O   1 
ATOM   9    C  CB  . PRO A 1 2   ? 13.515  4.701   14.647  1.00 31.59 ? 177 PRO A CB  1 
ATOM   10   C  CG  . PRO A 1 2   ? 14.931  4.322   14.327  1.00 38.61 ? 177 PRO A CG  1 
ATOM   11   C  CD  . PRO A 1 2   ? 15.737  4.592   15.548  1.00 59.24 ? 177 PRO A CD  1 
ATOM   12   N  N   . SER A 1 3   ? 11.327  3.880   17.199  1.00 36.45 ? 178 SER A N   1 
ATOM   13   C  CA  . SER A 1 3   ? 10.270  2.940   17.541  1.00 35.78 ? 178 SER A CA  1 
ATOM   14   C  C   . SER A 1 3   ? 9.606   2.451   16.265  1.00 33.45 ? 178 SER A C   1 
ATOM   15   O  O   . SER A 1 3   ? 9.249   3.244   15.391  1.00 35.19 ? 178 SER A O   1 
ATOM   16   C  CB  . SER A 1 3   ? 9.227   3.572   18.468  1.00 34.40 ? 178 SER A CB  1 
ATOM   17   O  OG  . SER A 1 3   ? 9.871   4.062   19.625  1.00 44.51 ? 178 SER A OG  1 
ATOM   18   N  N   . SER A 1 4   ? 9.475   1.137   16.157  1.00 34.61 ? 179 SER A N   1 
ATOM   19   C  CA  . SER A 1 4   ? 8.881   0.512   14.989  1.00 27.38 ? 179 SER A CA  1 
ATOM   20   C  C   . SER A 1 4   ? 7.381   0.786   14.975  1.00 34.35 ? 179 SER A C   1 
ATOM   21   O  O   . SER A 1 4   ? 6.837   1.273   15.950  1.00 25.91 ? 179 SER A O   1 
ATOM   22   C  CB  . SER A 1 4   ? 9.138   -0.996  15.030  1.00 40.12 ? 179 SER A CB  1 
ATOM   23   O  OG  . SER A 1 4   ? 9.197   -1.462  16.371  1.00 56.06 ? 179 SER A OG  1 
ATOM   24   N  N   . PRO A 1 5   ? 6.695   0.492   13.864  1.00 31.34 ? 180 PRO A N   1 
ATOM   25   C  CA  . PRO A 1 5   ? 5.250   0.718   13.963  1.00 29.74 ? 180 PRO A CA  1 
ATOM   26   C  C   . PRO A 1 5   ? 4.565   -0.397  14.767  1.00 30.69 ? 180 PRO A C   1 
ATOM   27   O  O   . PRO A 1 5   ? 4.931   -1.566  14.645  1.00 31.42 ? 180 PRO A O   1 
ATOM   28   C  CB  . PRO A 1 5   ? 4.790   0.735   12.500  1.00 24.24 ? 180 PRO A CB  1 
ATOM   29   C  CG  . PRO A 1 5   ? 5.829   0.105   11.760  1.00 29.93 ? 180 PRO A CG  1 
ATOM   30   C  CD  . PRO A 1 5   ? 7.123   0.243   12.482  1.00 47.26 ? 180 PRO A CD  1 
ATOM   31   N  N   . HIS A 1 6   ? 3.619   -0.024  15.626  1.00 28.66 ? 181 HIS A N   1 
ATOM   32   C  CA  . HIS A 1 6   ? 2.755   -1.013  16.263  1.00 35.49 ? 181 HIS A CA  1 
ATOM   33   C  C   . HIS A 1 6   ? 1.935   -1.701  15.174  1.00 26.03 ? 181 HIS A C   1 
ATOM   34   O  O   . HIS A 1 6   ? 1.677   -2.908  15.225  1.00 30.21 ? 181 HIS A O   1 
ATOM   35   C  CB  . HIS A 1 6   ? 1.834   -0.372  17.322  1.00 36.07 ? 181 HIS A CB  1 
ATOM   36   C  CG  . HIS A 1 6   ? 2.535   -0.012  18.593  1.00 41.08 ? 181 HIS A CG  1 
ATOM   37   N  ND1 . HIS A 1 6   ? 3.894   -0.192  18.761  1.00 41.10 ? 181 HIS A ND1 1 
ATOM   38   C  CD2 . HIS A 1 6   ? 2.085   0.517   19.758  1.00 33.51 ? 181 HIS A CD2 1 
ATOM   39   C  CE1 . HIS A 1 6   ? 4.246   0.208   19.966  1.00 42.84 ? 181 HIS A CE1 1 
ATOM   40   N  NE2 . HIS A 1 6   ? 3.167   0.644   20.594  1.00 41.64 ? 181 HIS A NE2 1 
ATOM   41   N  N   . SER A 1 7   ? 1.554   -0.919  14.170  1.00 24.63 ? 182 SER A N   1 
ATOM   42   C  CA  . SER A 1 7   ? 0.628   -1.375  13.138  1.00 26.06 ? 182 SER A CA  1 
ATOM   43   C  C   . SER A 1 7   ? 1.162   -2.442  12.174  1.00 29.14 ? 182 SER A C   1 
ATOM   44   O  O   . SER A 1 7   ? 0.436   -3.381  11.845  1.00 26.50 ? 182 SER A O   1 
ATOM   45   C  CB  . SER A 1 7   ? 0.055   -0.180  12.374  1.00 31.59 ? 182 SER A CB  1 
ATOM   46   O  OG  . SER A 1 7   ? -0.873  0.518   13.186  1.00 41.01 ? 182 SER A OG  1 
ATOM   47   N  N   . LEU A 1 8   ? 2.408   -2.306  11.718  1.00 20.90 ? 183 LEU A N   1 
ATOM   48   C  CA  . LEU A 1 8   ? 2.995   -3.313  10.828  1.00 32.22 ? 183 LEU A CA  1 
ATOM   49   C  C   . LEU A 1 8   ? 2.988   -4.680  11.492  1.00 27.94 ? 183 LEU A C   1 
ATOM   50   O  O   . LEU A 1 8   ? 2.642   -5.678  10.864  1.00 21.55 ? 183 LEU A O   1 
ATOM   51   C  CB  . LEU A 1 8   ? 4.432   -2.952  10.443  1.00 24.44 ? 183 LEU A CB  1 
ATOM   52   C  CG  . LEU A 1 8   ? 5.209   -3.923  9.539   1.00 27.92 ? 183 LEU A CG  1 
ATOM   53   C  CD1 . LEU A 1 8   ? 4.497   -4.169  8.210   1.00 10.96 ? 183 LEU A CD1 1 
ATOM   54   C  CD2 . LEU A 1 8   ? 6.624   -3.413  9.299   1.00 25.10 ? 183 LEU A CD2 1 
ATOM   55   N  N   . GLU A 1 9   ? 3.379   -4.711  12.763  1.00 26.03 ? 184 GLU A N   1 
ATOM   56   C  CA  . GLU A 1 9   ? 3.416   -5.949  13.529  1.00 31.84 ? 184 GLU A CA  1 
ATOM   57   C  C   . GLU A 1 9   ? 2.058   -6.644  13.522  1.00 24.59 ? 184 GLU A C   1 
ATOM   58   O  O   . GLU A 1 9   ? 1.961   -7.821  13.176  1.00 26.10 ? 184 GLU A O   1 
ATOM   59   C  CB  . GLU A 1 9   ? 3.848   -5.673  14.969  1.00 30.13 ? 184 GLU A CB  1 
ATOM   60   C  CG  . GLU A 1 9   ? 3.977   -6.924  15.820  1.00 36.69 ? 184 GLU A CG  1 
ATOM   61   C  CD  . GLU A 1 9   ? 5.164   -7.779  15.422  1.00 41.97 ? 184 GLU A CD  1 
ATOM   62   O  OE1 . GLU A 1 9   ? 6.199   -7.206  15.017  1.00 37.82 ? 184 GLU A OE1 1 
ATOM   63   O  OE2 . GLU A 1 9   ? 5.064   -9.020  15.514  1.00 44.18 ? 184 GLU A OE2 1 
ATOM   64   N  N   . THR A 1 10  ? 1.012   -5.912  13.892  1.00 23.22 ? 185 THR A N   1 
ATOM   65   C  CA  . THR A 1 10  ? -0.326  -6.489  13.963  1.00 20.61 ? 185 THR A CA  1 
ATOM   66   C  C   . THR A 1 10  ? -0.880  -6.802  12.572  1.00 25.54 ? 185 THR A C   1 
ATOM   67   O  O   . THR A 1 10  ? -1.462  -7.866  12.355  1.00 27.40 ? 185 THR A O   1 
ATOM   68   C  CB  . THR A 1 10  ? -1.304  -5.569  14.722  1.00 27.30 ? 185 THR A CB  1 
ATOM   69   O  OG1 . THR A 1 10  ? -1.387  -4.297  14.065  1.00 36.19 ? 185 THR A OG1 1 
ATOM   70   C  CG2 . THR A 1 10  ? -0.825  -5.357  16.148  1.00 26.39 ? 185 THR A CG2 1 
ATOM   71   N  N   . LEU A 1 11  ? -0.686  -5.875  11.635  1.00 24.34 ? 186 LEU A N   1 
ATOM   72   C  CA  . LEU A 1 11  ? -1.128  -6.071  10.255  1.00 23.69 ? 186 LEU A CA  1 
ATOM   73   C  C   . LEU A 1 11  ? -0.455  -7.282  9.612   1.00 20.18 ? 186 LEU A C   1 
ATOM   74   O  O   . LEU A 1 11  ? -1.100  -8.035  8.881   1.00 21.68 ? 186 LEU A O   1 
ATOM   75   C  CB  . LEU A 1 11  ? -0.868  -4.820  9.409   1.00 19.28 ? 186 LEU A CB  1 
ATOM   76   C  CG  . LEU A 1 11  ? -1.773  -3.619  9.693   1.00 25.01 ? 186 LEU A CG  1 
ATOM   77   C  CD1 . LEU A 1 11  ? -1.306  -2.389  8.931   1.00 22.68 ? 186 LEU A CD1 1 
ATOM   78   C  CD2 . LEU A 1 11  ? -3.211  -3.950  9.346   1.00 22.13 ? 186 LEU A CD2 1 
ATOM   79   N  N   . TYR A 1 12  ? 0.836   -7.466  9.885   1.00 18.28 ? 187 TYR A N   1 
ATOM   80   C  CA  . TYR A 1 12  ? 1.564   -8.609  9.340   1.00 22.25 ? 187 TYR A CA  1 
ATOM   81   C  C   . TYR A 1 12  ? 1.007   -9.907  9.910   1.00 29.15 ? 187 TYR A C   1 
ATOM   82   O  O   . TYR A 1 12  ? 0.855   -10.896 9.192   1.00 19.26 ? 187 TYR A O   1 
ATOM   83   C  CB  . TYR A 1 12  ? 3.066   -8.517  9.633   1.00 21.63 ? 187 TYR A CB  1 
ATOM   84   C  CG  . TYR A 1 12  ? 3.886   -9.499  8.823   1.00 21.81 ? 187 TYR A CG  1 
ATOM   85   C  CD1 . TYR A 1 12  ? 4.118   -10.793 9.282   1.00 17.28 ? 187 TYR A CD1 1 
ATOM   86   C  CD2 . TYR A 1 12  ? 4.410   -9.137  7.588   1.00 25.96 ? 187 TYR A CD2 1 
ATOM   87   C  CE1 . TYR A 1 12  ? 4.855   -11.692 8.535   1.00 28.62 ? 187 TYR A CE1 1 
ATOM   88   C  CE2 . TYR A 1 12  ? 5.147   -10.028 6.837   1.00 31.10 ? 187 TYR A CE2 1 
ATOM   89   C  CZ  . TYR A 1 12  ? 5.366   -11.302 7.313   1.00 27.31 ? 187 TYR A CZ  1 
ATOM   90   O  OH  . TYR A 1 12  ? 6.101   -12.186 6.561   1.00 29.20 ? 187 TYR A OH  1 
ATOM   91   N  N   . GLN A 1 13  ? 0.712   -9.896  11.207  1.00 24.84 ? 188 GLN A N   1 
ATOM   92   C  CA  . GLN A 1 13  ? 0.134   -11.053 11.879  1.00 27.31 ? 188 GLN A CA  1 
ATOM   93   C  C   . GLN A 1 13  ? -1.223  -11.389 11.269  1.00 30.07 ? 188 GLN A C   1 
ATOM   94   O  O   . GLN A 1 13  ? -1.519  -12.550 10.978  1.00 27.14 ? 188 GLN A O   1 
ATOM   95   C  CB  . GLN A 1 13  ? -0.016  -10.763 13.372  1.00 25.41 ? 188 GLN A CB  1 
ATOM   96   C  CG  . GLN A 1 13  ? -0.466  -11.949 14.211  1.00 30.57 ? 188 GLN A CG  1 
ATOM   97   C  CD  . GLN A 1 13  ? -0.763  -11.556 15.646  1.00 26.43 ? 188 GLN A CD  1 
ATOM   98   O  OE1 . GLN A 1 13  ? 0.114   -11.595 16.510  1.00 42.48 ? 188 GLN A OE1 1 
ATOM   99   N  NE2 . GLN A 1 13  ? -2.004  -11.164 15.907  1.00 28.09 ? 188 GLN A NE2 1 
ATOM   100  N  N   . SER A 1 14  ? -2.040  -10.360 11.072  1.00 24.78 ? 189 SER A N   1 
ATOM   101  C  CA  . SER A 1 14  ? -3.367  -10.517 10.489  1.00 26.38 ? 189 SER A CA  1 
ATOM   102  C  C   . SER A 1 14  ? -3.313  -11.012 9.046   1.00 30.42 ? 189 SER A C   1 
ATOM   103  O  O   . SER A 1 14  ? -4.223  -11.699 8.579   1.00 27.35 ? 189 SER A O   1 
ATOM   104  C  CB  . SER A 1 14  ? -4.120  -9.187  10.546  1.00 19.65 ? 189 SER A CB  1 
ATOM   105  O  OG  . SER A 1 14  ? -5.115  -9.122  9.539   1.00 37.78 ? 189 SER A OG  1 
ATOM   106  N  N   . ALA A 1 15  ? -2.242  -10.661 8.342   1.00 27.68 ? 190 ALA A N   1 
ATOM   107  C  CA  . ALA A 1 15  ? -2.131  -10.964 6.920   1.00 20.31 ? 190 ALA A CA  1 
ATOM   108  C  C   . ALA A 1 15  ? -1.900  -12.443 6.641   1.00 22.91 ? 190 ALA A C   1 
ATOM   109  O  O   . ALA A 1 15  ? -2.347  -12.954 5.613   1.00 21.52 ? 190 ALA A O   1 
ATOM   110  C  CB  . ALA A 1 15  ? -1.024  -10.146 6.297   1.00 21.16 ? 190 ALA A CB  1 
ATOM   111  N  N   . ASP A 1 16  ? -1.187  -13.113 7.544   1.00 27.42 ? 191 ASP A N   1 
ATOM   112  C  CA  . ASP A 1 16  ? -0.822  -14.517 7.360   1.00 32.36 ? 191 ASP A CA  1 
ATOM   113  C  C   . ASP A 1 16  ? -0.085  -14.691 6.034   1.00 33.07 ? 191 ASP A C   1 
ATOM   114  O  O   . ASP A 1 16  ? -0.548  -15.403 5.142   1.00 27.77 ? 191 ASP A O   1 
ATOM   115  C  CB  . ASP A 1 16  ? -2.066  -15.413 7.419   1.00 38.12 ? 191 ASP A CB  1 
ATOM   116  C  CG  . ASP A 1 16  ? -1.724  -16.886 7.589   1.00 49.87 ? 191 ASP A CG  1 
ATOM   117  O  OD1 . ASP A 1 16  ? -0.721  -17.194 8.268   1.00 57.06 ? 191 ASP A OD1 1 
ATOM   118  O  OD2 . ASP A 1 16  ? -2.466  -17.738 7.055   1.00 55.08 ? 191 ASP A OD2 1 
ATOM   119  N  N   . CYS A 1 17  ? 1.058   -14.023 5.915   1.00 28.65 ? 192 CYS A N   1 
ATOM   120  C  CA  . CYS A 1 17  ? 1.823   -14.006 4.672   1.00 30.50 ? 192 CYS A CA  1 
ATOM   121  C  C   . CYS A 1 17  ? 2.381   -15.377 4.306   1.00 32.99 ? 192 CYS A C   1 
ATOM   122  O  O   . CYS A 1 17  ? 2.937   -16.085 5.148   1.00 37.74 ? 192 CYS A O   1 
ATOM   123  C  CB  . CYS A 1 17  ? 2.958   -12.984 4.763   1.00 25.59 ? 192 CYS A CB  1 
ATOM   124  S  SG  . CYS A 1 17  ? 2.390   -11.285 5.015   1.00 26.03 ? 192 CYS A SG  1 
ATOM   125  N  N   . SER A 1 18  ? 2.235   -15.740 3.036   1.00 29.66 ? 193 SER A N   1 
ATOM   126  C  CA  . SER A 1 18  ? 2.679   -17.037 2.543   1.00 32.34 ? 193 SER A CA  1 
ATOM   127  C  C   . SER A 1 18  ? 4.001   -16.926 1.790   1.00 39.33 ? 193 SER A C   1 
ATOM   128  O  O   . SER A 1 18  ? 4.681   -17.929 1.562   1.00 37.83 ? 193 SER A O   1 
ATOM   129  C  CB  . SER A 1 18  ? 1.610   -17.642 1.632   1.00 29.30 ? 193 SER A CB  1 
ATOM   130  O  OG  . SER A 1 18  ? 0.347   -17.678 2.277   1.00 44.26 ? 193 SER A OG  1 
ATOM   131  N  N   . ASP A 1 19  ? 4.360   -15.701 1.409   1.00 31.38 ? 194 ASP A N   1 
ATOM   132  C  CA  . ASP A 1 19  ? 5.563   -15.456 0.617   1.00 32.09 ? 194 ASP A CA  1 
ATOM   133  C  C   . ASP A 1 19  ? 6.039   -14.004 0.722   1.00 30.06 ? 194 ASP A C   1 
ATOM   134  O  O   . ASP A 1 19  ? 5.446   -13.199 1.442   1.00 27.69 ? 194 ASP A O   1 
ATOM   135  C  CB  . ASP A 1 19  ? 5.321   -15.828 -0.852  1.00 28.77 ? 194 ASP A CB  1 
ATOM   136  C  CG  . ASP A 1 19  ? 4.077   -15.167 -1.430  1.00 35.38 ? 194 ASP A CG  1 
ATOM   137  O  OD1 . ASP A 1 19  ? 3.680   -14.089 -0.936  1.00 36.03 ? 194 ASP A OD1 1 
ATOM   138  O  OD2 . ASP A 1 19  ? 3.497   -15.725 -2.386  1.00 33.13 ? 194 ASP A OD2 1 
ATOM   139  N  N   . ALA A 1 20  ? 7.099   -13.673 -0.009  1.00 24.63 ? 195 ALA A N   1 
ATOM   140  C  CA  . ALA A 1 20  ? 7.648   -12.318 0.001   1.00 23.39 ? 195 ALA A CA  1 
ATOM   141  C  C   . ALA A 1 20  ? 6.680   -11.303 -0.609  1.00 21.55 ? 195 ALA A C   1 
ATOM   142  O  O   . ALA A 1 20  ? 6.639   -10.144 -0.191  1.00 21.32 ? 195 ALA A O   1 
ATOM   143  C  CB  . ALA A 1 20  ? 8.984   -12.281 -0.730  1.00 22.70 ? 195 ALA A CB  1 
ATOM   144  N  N   . ASN A 1 21  ? 5.912   -11.742 -1.602  1.00 20.04 ? 196 ASN A N   1 
ATOM   145  C  CA  . ASN A 1 21  ? 4.922   -10.879 -2.240  1.00 20.43 ? 196 ASN A CA  1 
ATOM   146  C  C   . ASN A 1 21  ? 3.888   -10.352 -1.248  1.00 21.63 ? 196 ASN A C   1 
ATOM   147  O  O   . ASN A 1 21  ? 3.582   -9.161  -1.241  1.00 20.45 ? 196 ASN A O   1 
ATOM   148  C  CB  . ASN A 1 21  ? 4.224   -11.605 -3.392  1.00 16.86 ? 196 ASN A CB  1 
ATOM   149  C  CG  . ASN A 1 21  ? 5.073   -11.660 -4.650  1.00 25.95 ? 196 ASN A CG  1 
ATOM   150  O  OD1 . ASN A 1 21  ? 6.110   -11.005 -4.742  1.00 28.80 ? 196 ASN A OD1 1 
ATOM   151  N  ND2 . ASN A 1 21  ? 4.627   -12.433 -5.634  1.00 25.70 ? 196 ASN A ND2 1 
ATOM   152  N  N   . ASP A 1 22  ? 3.356   -11.243 -0.413  1.00 17.20 ? 197 ASP A N   1 
ATOM   153  C  CA  . ASP A 1 22  ? 2.393   -10.855 0.616   1.00 20.01 ? 197 ASP A CA  1 
ATOM   154  C  C   . ASP A 1 22  ? 2.988   -9.828  1.576   1.00 21.37 ? 197 ASP A C   1 
ATOM   155  O  O   . ASP A 1 22  ? 2.329   -8.861  1.958   1.00 24.05 ? 197 ASP A O   1 
ATOM   156  C  CB  . ASP A 1 22  ? 1.925   -12.077 1.410   1.00 24.75 ? 197 ASP A CB  1 
ATOM   157  C  CG  . ASP A 1 22  ? 1.081   -13.026 0.586   1.00 27.41 ? 197 ASP A CG  1 
ATOM   158  O  OD1 . ASP A 1 22  ? 0.743   -12.675 -0.564  1.00 22.21 ? 197 ASP A OD1 1 
ATOM   159  O  OD2 . ASP A 1 22  ? 0.746   -14.116 1.095   1.00 26.12 ? 197 ASP A OD2 1 
ATOM   160  N  N   . ALA A 1 23  ? 4.240   -10.050 1.962   1.00 16.55 ? 198 ALA A N   1 
ATOM   161  C  CA  . ALA A 1 23  ? 4.922   -9.185  2.920   1.00 20.80 ? 198 ALA A CA  1 
ATOM   162  C  C   . ALA A 1 23  ? 5.093   -7.767  2.380   1.00 18.68 ? 198 ALA A C   1 
ATOM   163  O  O   . ALA A 1 23  ? 5.003   -6.791  3.129   1.00 14.23 ? 198 ALA A O   1 
ATOM   164  C  CB  . ALA A 1 23  ? 6.270   -9.778  3.288   1.00 20.44 ? 198 ALA A CB  1 
ATOM   165  N  N   . LEU A 1 24  ? 5.345   -7.661  1.078   1.00 16.67 ? 199 LEU A N   1 
ATOM   166  C  CA  . LEU A 1 24  ? 5.504   -6.362  0.432   1.00 17.77 ? 199 LEU A CA  1 
ATOM   167  C  C   . LEU A 1 24  ? 4.181   -5.599  0.396   1.00 16.38 ? 199 LEU A C   1 
ATOM   168  O  O   . LEU A 1 24  ? 4.142   -4.394  0.648   1.00 16.61 ? 199 LEU A O   1 
ATOM   169  C  CB  . LEU A 1 24  ? 6.056   -6.527  -0.988  1.00 16.08 ? 199 LEU A CB  1 
ATOM   170  C  CG  . LEU A 1 24  ? 6.313   -5.219  -1.742  1.00 16.25 ? 199 LEU A CG  1 
ATOM   171  C  CD1 . LEU A 1 24  ? 7.265   -4.346  -0.950  1.00 22.07 ? 199 LEU A CD1 1 
ATOM   172  C  CD2 . LEU A 1 24  ? 6.864   -5.473  -3.136  1.00 20.31 ? 199 LEU A CD2 1 
ATOM   173  N  N   . ILE A 1 25  ? 3.099   -6.307  0.081   1.00 15.14 ? 200 ILE A N   1 
ATOM   174  C  CA  . ILE A 1 25  ? 1.773   -5.697  0.008   1.00 14.86 ? 200 ILE A CA  1 
ATOM   175  C  C   . ILE A 1 25  ? 1.337   -5.157  1.375   1.00 9.75  ? 200 ILE A C   1 
ATOM   176  O  O   . ILE A 1 25  ? 0.729   -4.086  1.467   1.00 12.60 ? 200 ILE A O   1 
ATOM   177  C  CB  . ILE A 1 25  ? 0.718   -6.696  -0.514  1.00 15.22 ? 200 ILE A CB  1 
ATOM   178  C  CG1 . ILE A 1 25  ? 1.141   -7.270  -1.871  1.00 18.39 ? 200 ILE A CG1 1 
ATOM   179  C  CG2 . ILE A 1 25  ? -0.654  -6.034  -0.607  1.00 12.96 ? 200 ILE A CG2 1 
ATOM   180  C  CD1 . ILE A 1 25  ? 1.485   -6.216  -2.904  1.00 20.17 ? 200 ILE A CD1 1 
ATOM   181  N  N   . VAL A 1 26  ? 1.647   -5.904  2.431   1.00 13.63 ? 201 VAL A N   1 
ATOM   182  C  CA  . VAL A 1 26  ? 1.350   -5.473  3.795   1.00 14.83 ? 201 VAL A CA  1 
ATOM   183  C  C   . VAL A 1 26  ? 2.012   -4.135  4.099   1.00 14.48 ? 201 VAL A C   1 
ATOM   184  O  O   . VAL A 1 26  ? 1.396   -3.230  4.673   1.00 13.74 ? 201 VAL A O   1 
ATOM   185  C  CB  . VAL A 1 26  ? 1.841   -6.504  4.823   1.00 18.42 ? 201 VAL A CB  1 
ATOM   186  C  CG1 . VAL A 1 26  ? 1.827   -5.918  6.227   1.00 14.62 ? 201 VAL A CG1 1 
ATOM   187  C  CG2 . VAL A 1 26  ? 0.988   -7.752  4.760   1.00 12.58 ? 201 VAL A CG2 1 
ATOM   188  N  N   . LEU A 1 27  ? 3.272   -4.013  3.703   1.00 13.81 ? 202 LEU A N   1 
ATOM   189  C  CA  . LEU A 1 27  ? 4.023   -2.791  3.950   1.00 12.04 ? 202 LEU A CA  1 
ATOM   190  C  C   . LEU A 1 27  ? 3.468   -1.639  3.120   1.00 14.77 ? 202 LEU A C   1 
ATOM   191  O  O   . LEU A 1 27  ? 3.359   -0.510  3.600   1.00 18.38 ? 202 LEU A O   1 
ATOM   192  C  CB  . LEU A 1 27  ? 5.497   -3.006  3.634   1.00 14.87 ? 202 LEU A CB  1 
ATOM   193  C  CG  . LEU A 1 27  ? 6.417   -1.901  4.135   1.00 26.50 ? 202 LEU A CG  1 
ATOM   194  C  CD1 . LEU A 1 27  ? 6.124   -1.588  5.589   1.00 27.91 ? 202 LEU A CD1 1 
ATOM   195  C  CD2 . LEU A 1 27  ? 7.830   -2.359  3.988   1.00 31.70 ? 202 LEU A CD2 1 
ATOM   196  N  N   . ILE A 1 28  ? 3.121   -1.938  1.871   1.00 12.90 ? 203 ILE A N   1 
ATOM   197  C  CA  . ILE A 1 28  ? 2.509   -0.964  0.980   1.00 15.42 ? 203 ILE A CA  1 
ATOM   198  C  C   . ILE A 1 28  ? 1.222   -0.427  1.596   1.00 11.88 ? 203 ILE A C   1 
ATOM   199  O  O   . ILE A 1 28  ? 0.985   0.786   1.625   1.00 13.66 ? 203 ILE A O   1 
ATOM   200  C  CB  . ILE A 1 28  ? 2.173   -1.611  -0.377  1.00 20.65 ? 203 ILE A CB  1 
ATOM   201  C  CG1 . ILE A 1 28  ? 3.448   -1.893  -1.184  1.00 32.39 ? 203 ILE A CG1 1 
ATOM   202  C  CG2 . ILE A 1 28  ? 1.187   -0.757  -1.159  1.00 19.89 ? 203 ILE A CG2 1 
ATOM   203  C  CD1 . ILE A 1 28  ? 4.565   -0.884  -0.973  1.00 22.72 ? 203 ILE A CD1 1 
ATOM   204  N  N   . HIS A 1 29  ? 0.395   -1.346  2.083   1.00 12.71 ? 204 HIS A N   1 
ATOM   205  C  CA  . HIS A 1 29  ? -0.862  -0.991  2.728   1.00 10.98 ? 204 HIS A CA  1 
ATOM   206  C  C   . HIS A 1 29  ? -0.620  -0.089  3.935   1.00 15.81 ? 204 HIS A C   1 
ATOM   207  O  O   . HIS A 1 29  ? -1.330  0.900   4.137   1.00 17.80 ? 204 HIS A O   1 
ATOM   208  C  CB  . HIS A 1 29  ? -1.598  -2.260  3.161   1.00 11.73 ? 204 HIS A CB  1 
ATOM   209  C  CG  . HIS A 1 29  ? -2.878  -2.000  3.894   1.00 16.17 ? 204 HIS A CG  1 
ATOM   210  N  ND1 . HIS A 1 29  ? -3.950  -1.358  3.309   1.00 15.26 ? 204 HIS A ND1 1 
ATOM   211  C  CD2 . HIS A 1 29  ? -3.258  -2.288  5.160   1.00 14.22 ? 204 HIS A CD2 1 
ATOM   212  C  CE1 . HIS A 1 29  ? -4.934  -1.264  4.186   1.00 19.56 ? 204 HIS A CE1 1 
ATOM   213  N  NE2 . HIS A 1 29  ? -4.542  -1.820  5.316   1.00 16.39 ? 204 HIS A NE2 1 
ATOM   214  N  N   . LEU A 1 30  ? 0.387   -0.438  4.732   1.00 11.72 ? 205 LEU A N   1 
ATOM   215  C  CA  . LEU A 1 30  ? 0.738   0.340   5.916   1.00 13.74 ? 205 LEU A CA  1 
ATOM   216  C  C   . LEU A 1 30  ? 1.119   1.772   5.549   1.00 12.81 ? 205 LEU A C   1 
ATOM   217  O  O   . LEU A 1 30  ? 0.693   2.725   6.204   1.00 16.12 ? 205 LEU A O   1 
ATOM   218  C  CB  . LEU A 1 30  ? 1.885   -0.323  6.682   1.00 15.71 ? 205 LEU A CB  1 
ATOM   219  C  CG  . LEU A 1 30  ? 2.436   0.491   7.857   1.00 20.01 ? 205 LEU A CG  1 
ATOM   220  C  CD1 . LEU A 1 30  ? 1.355   0.733   8.900   1.00 18.19 ? 205 LEU A CD1 1 
ATOM   221  C  CD2 . LEU A 1 30  ? 3.640   -0.180  8.485   1.00 20.88 ? 205 LEU A CD2 1 
ATOM   222  N  N   . LEU A 1 31  ? 1.920   1.916   4.496   1.00 11.31 ? 206 LEU A N   1 
ATOM   223  C  CA  . LEU A 1 31  ? 2.346   3.232   4.032   1.00 12.66 ? 206 LEU A CA  1 
ATOM   224  C  C   . LEU A 1 31  ? 1.164   4.086   3.574   1.00 15.71 ? 206 LEU A C   1 
ATOM   225  O  O   . LEU A 1 31  ? 1.164   5.305   3.762   1.00 15.48 ? 206 LEU A O   1 
ATOM   226  C  CB  . LEU A 1 31  ? 3.386   3.100   2.917   1.00 12.57 ? 206 LEU A CB  1 
ATOM   227  C  CG  . LEU A 1 31  ? 4.699   2.450   3.358   1.00 18.73 ? 206 LEU A CG  1 
ATOM   228  C  CD1 . LEU A 1 31  ? 5.626   2.216   2.177   1.00 17.85 ? 206 LEU A CD1 1 
ATOM   229  C  CD2 . LEU A 1 31  ? 5.383   3.296   4.424   1.00 19.68 ? 206 LEU A CD2 1 
HETATM 230  N  N   . MSE A 1 32  ? 0.159   3.450   2.976   1.00 16.70 ? 207 MSE A N   1 
HETATM 231  C  CA  . MSE A 1 32  ? -1.062  4.157   2.596   1.00 13.32 ? 207 MSE A CA  1 
HETATM 232  C  C   . MSE A 1 32  ? -1.790  4.665   3.843   1.00 13.94 ? 207 MSE A C   1 
HETATM 233  O  O   . MSE A 1 32  ? -2.276  5.797   3.871   1.00 14.85 ? 207 MSE A O   1 
HETATM 234  C  CB  . MSE A 1 32  ? -1.987  3.260   1.765   1.00 13.71 ? 207 MSE A CB  1 
HETATM 235  C  CG  . MSE A 1 32  ? -1.460  2.925   0.367   1.00 12.67 ? 207 MSE A CG  1 
HETATM 236  SE SE  . MSE A 1 32  ? -1.415  4.447   -0.861  0.69 15.99 ? 207 MSE A SE  1 
HETATM 237  C  CE  . MSE A 1 32  ? -3.306  4.497   -1.342  1.00 15.72 ? 207 MSE A CE  1 
ATOM   238  N  N   . LEU A 1 33  ? -1.855  3.822   4.871   1.00 12.82 ? 208 LEU A N   1 
ATOM   239  C  CA  . LEU A 1 33  ? -2.476  4.194   6.141   1.00 17.58 ? 208 LEU A CA  1 
ATOM   240  C  C   . LEU A 1 33  ? -1.768  5.380   6.795   1.00 14.79 ? 208 LEU A C   1 
ATOM   241  O  O   . LEU A 1 33  ? -2.413  6.293   7.316   1.00 15.97 ? 208 LEU A O   1 
ATOM   242  C  CB  . LEU A 1 33  ? -2.460  3.008   7.109   1.00 14.34 ? 208 LEU A CB  1 
ATOM   243  C  CG  . LEU A 1 33  ? -3.282  1.776   6.733   1.00 21.36 ? 208 LEU A CG  1 
ATOM   244  C  CD1 . LEU A 1 33  ? -3.136  0.699   7.796   1.00 18.74 ? 208 LEU A CD1 1 
ATOM   245  C  CD2 . LEU A 1 33  ? -4.737  2.156   6.547   1.00 19.11 ? 208 LEU A CD2 1 
ATOM   246  N  N   . GLU A 1 34  ? -0.439  5.360   6.767   1.00 14.02 ? 209 GLU A N   1 
ATOM   247  C  CA  . GLU A 1 34  ? 0.357   6.389   7.430   1.00 17.83 ? 209 GLU A CA  1 
ATOM   248  C  C   . GLU A 1 34  ? 0.272   7.737   6.714   1.00 22.43 ? 209 GLU A C   1 
ATOM   249  O  O   . GLU A 1 34  ? 0.645   8.770   7.277   1.00 16.77 ? 209 GLU A O   1 
ATOM   250  C  CB  . GLU A 1 34  ? 1.817   5.950   7.551   1.00 16.12 ? 209 GLU A CB  1 
ATOM   251  C  CG  . GLU A 1 34  ? 2.026   4.700   8.399   1.00 24.01 ? 209 GLU A CG  1 
ATOM   252  C  CD  . GLU A 1 34  ? 3.490   4.443   8.706   1.00 29.18 ? 209 GLU A CD  1 
ATOM   253  O  OE1 . GLU A 1 34  ? 4.351   4.919   7.935   1.00 25.55 ? 209 GLU A OE1 1 
ATOM   254  O  OE2 . GLU A 1 34  ? 3.779   3.768   9.718   1.00 29.57 ? 209 GLU A OE2 1 
ATOM   255  N  N   . SER A 1 35  ? -0.212  7.724   5.475   1.00 16.10 ? 210 SER A N   1 
ATOM   256  C  CA  . SER A 1 35  ? -0.386  8.958   4.715   1.00 15.69 ? 210 SER A CA  1 
ATOM   257  C  C   . SER A 1 35  ? -1.820  9.467   4.807   1.00 19.61 ? 210 SER A C   1 
ATOM   258  O  O   . SER A 1 35  ? -2.166  10.491  4.210   1.00 23.23 ? 210 SER A O   1 
ATOM   259  C  CB  . SER A 1 35  ? 0.023   8.759   3.256   1.00 27.67 ? 210 SER A CB  1 
ATOM   260  O  OG  . SER A 1 35  ? 1.431   8.640   3.142   1.00 34.45 ? 210 SER A OG  1 
ATOM   261  N  N   . GLY A 1 36  ? -2.649  8.745   5.556   1.00 17.85 ? 211 GLY A N   1 
ATOM   262  C  CA  . GLY A 1 36  ? -3.996  9.199   5.853   1.00 16.22 ? 211 GLY A CA  1 
ATOM   263  C  C   . GLY A 1 36  ? -5.127  8.466   5.157   1.00 21.72 ? 211 GLY A C   1 
ATOM   264  O  O   . GLY A 1 36  ? -6.298  8.752   5.415   1.00 16.32 ? 211 GLY A O   1 
ATOM   265  N  N   . TYR A 1 37  ? -4.794  7.526   4.275   1.00 18.50 ? 212 TYR A N   1 
ATOM   266  C  CA  . TYR A 1 37  ? -5.827  6.786   3.555   1.00 21.22 ? 212 TYR A CA  1 
ATOM   267  C  C   . TYR A 1 37  ? -6.634  5.872   4.484   1.00 20.88 ? 212 TYR A C   1 
ATOM   268  O  O   . TYR A 1 37  ? -6.079  5.242   5.389   1.00 20.29 ? 212 TYR A O   1 
ATOM   269  C  CB  . TYR A 1 37  ? -5.230  5.996   2.383   1.00 15.38 ? 212 TYR A CB  1 
ATOM   270  C  CG  . TYR A 1 37  ? -4.914  6.852   1.170   1.00 16.87 ? 212 TYR A CG  1 
ATOM   271  C  CD1 . TYR A 1 37  ? -3.617  7.290   0.917   1.00 18.15 ? 212 TYR A CD1 1 
ATOM   272  C  CD2 . TYR A 1 37  ? -5.915  7.222   0.279   1.00 15.19 ? 212 TYR A CD2 1 
ATOM   273  C  CE1 . TYR A 1 37  ? -3.329  8.071   -0.189  1.00 16.78 ? 212 TYR A CE1 1 
ATOM   274  C  CE2 . TYR A 1 37  ? -5.637  8.003   -0.829  1.00 15.27 ? 212 TYR A CE2 1 
ATOM   275  C  CZ  . TYR A 1 37  ? -4.344  8.425   -1.056  1.00 21.07 ? 212 TYR A CZ  1 
ATOM   276  O  OH  . TYR A 1 37  ? -4.068  9.202   -2.157  1.00 23.27 ? 212 TYR A OH  1 
ATOM   277  N  N   . ILE A 1 38  ? -7.947  5.828   4.262   1.00 18.15 ? 213 ILE A N   1 
ATOM   278  C  CA  . ILE A 1 38  ? -8.851  4.986   5.040   1.00 19.75 ? 213 ILE A CA  1 
ATOM   279  C  C   . ILE A 1 38  ? -9.305  3.821   4.171   1.00 17.58 ? 213 ILE A C   1 
ATOM   280  O  O   . ILE A 1 38  ? -9.930  4.035   3.138   1.00 18.00 ? 213 ILE A O   1 
ATOM   281  C  CB  . ILE A 1 38  ? -10.113 5.763   5.471   1.00 23.67 ? 213 ILE A CB  1 
ATOM   282  C  CG1 . ILE A 1 38  ? -9.755  7.177   5.947   1.00 29.51 ? 213 ILE A CG1 1 
ATOM   283  C  CG2 . ILE A 1 38  ? -10.881 4.985   6.535   1.00 25.85 ? 213 ILE A CG2 1 
ATOM   284  C  CD1 . ILE A 1 38  ? -8.947  7.215   7.224   1.00 24.74 ? 213 ILE A CD1 1 
ATOM   285  N  N   . PRO A 1 39  ? -9.002  2.583   4.587   1.00 20.95 ? 214 PRO A N   1 
ATOM   286  C  CA  . PRO A 1 39  ? -9.307  1.434   3.730   1.00 19.91 ? 214 PRO A CA  1 
ATOM   287  C  C   . PRO A 1 39  ? -10.747 0.950   3.872   1.00 25.92 ? 214 PRO A C   1 
ATOM   288  O  O   . PRO A 1 39  ? -11.347 1.084   4.938   1.00 19.49 ? 214 PRO A O   1 
ATOM   289  C  CB  . PRO A 1 39  ? -8.340  0.366   4.239   1.00 19.74 ? 214 PRO A CB  1 
ATOM   290  C  CG  . PRO A 1 39  ? -8.192  0.675   5.692   1.00 22.51 ? 214 PRO A CG  1 
ATOM   291  C  CD  . PRO A 1 39  ? -8.332  2.178   5.837   1.00 25.32 ? 214 PRO A CD  1 
ATOM   292  N  N   . GLN A 1 40  ? -11.295 0.407   2.791   1.00 24.36 ? 215 GLN A N   1 
ATOM   293  C  CA  . GLN A 1 40  ? -12.584 -0.265  2.847   1.00 24.62 ? 215 GLN A CA  1 
ATOM   294  C  C   . GLN A 1 40  ? -12.312 -1.718  3.205   1.00 28.58 ? 215 GLN A C   1 
ATOM   295  O  O   . GLN A 1 40  ? -11.220 -2.225  2.947   1.00 28.00 ? 215 GLN A O   1 
ATOM   296  C  CB  . GLN A 1 40  ? -13.283 -0.200  1.489   1.00 31.22 ? 215 GLN A CB  1 
ATOM   297  C  CG  . GLN A 1 40  ? -12.844 0.955   0.597   1.00 39.70 ? 215 GLN A CG  1 
ATOM   298  C  CD  . GLN A 1 40  ? -13.580 2.253   0.885   1.00 51.49 ? 215 GLN A CD  1 
ATOM   299  O  OE1 . GLN A 1 40  ? -13.647 2.709   2.028   1.00 51.19 ? 215 GLN A OE1 1 
ATOM   300  N  NE2 . GLN A 1 40  ? -14.134 2.858   -0.161  1.00 45.16 ? 215 GLN A NE2 1 
ATOM   301  N  N   . GLY A 1 41  ? -13.290 -2.387  3.805   1.00 24.90 ? 216 GLY A N   1 
ATOM   302  C  CA  . GLY A 1 41  ? -13.165 -3.810  4.072   1.00 25.71 ? 216 GLY A CA  1 
ATOM   303  C  C   . GLY A 1 41  ? -12.551 -4.179  5.412   1.00 23.25 ? 216 GLY A C   1 
ATOM   304  O  O   . GLY A 1 41  ? -12.204 -5.341  5.640   1.00 31.66 ? 216 GLY A O   1 
ATOM   305  N  N   . THR A 1 42  ? -12.407 -3.198  6.299   1.00 28.69 ? 217 THR A N   1 
ATOM   306  C  CA  . THR A 1 42  ? -11.925 -3.472  7.652   1.00 31.83 ? 217 THR A CA  1 
ATOM   307  C  C   . THR A 1 42  ? -12.527 -2.503  8.672   1.00 30.29 ? 217 THR A C   1 
ATOM   308  O  O   . THR A 1 42  ? -12.807 -1.345  8.357   1.00 31.01 ? 217 THR A O   1 
ATOM   309  C  CB  . THR A 1 42  ? -10.379 -3.452  7.740   1.00 35.14 ? 217 THR A CB  1 
ATOM   310  O  OG1 . THR A 1 42  ? -9.965  -3.783  9.072   1.00 37.14 ? 217 THR A OG1 1 
ATOM   311  C  CG2 . THR A 1 42  ? -9.837  -2.084  7.369   1.00 26.67 ? 217 THR A CG2 1 
ATOM   312  N  N   . GLU A 1 43  ? -12.723 -2.993  9.894   1.00 38.18 ? 218 GLU A N   1 
ATOM   313  C  CA  . GLU A 1 43  ? -13.359 -2.214  10.953  1.00 48.18 ? 218 GLU A CA  1 
ATOM   314  C  C   . GLU A 1 43  ? -12.322 -1.508  11.825  1.00 41.07 ? 218 GLU A C   1 
ATOM   315  O  O   . GLU A 1 43  ? -12.611 -0.482  12.447  1.00 35.82 ? 218 GLU A O   1 
ATOM   316  C  CB  . GLU A 1 43  ? -14.261 -3.113  11.810  1.00 50.84 ? 218 GLU A CB  1 
ATOM   317  C  CG  . GLU A 1 43  ? -13.531 -4.017  12.807  1.00 56.93 ? 218 GLU A CG  1 
ATOM   318  C  CD  . GLU A 1 43  ? -12.571 -5.002  12.149  1.00 66.54 ? 218 GLU A CD  1 
ATOM   319  O  OE1 . GLU A 1 43  ? -12.724 -5.287  10.941  1.00 52.48 ? 218 GLU A OE1 1 
ATOM   320  O  OE2 . GLU A 1 43  ? -11.656 -5.490  12.845  1.00 64.18 ? 218 GLU A OE2 1 
ATOM   321  N  N   . ALA A 1 44  ? -11.120 -2.072  11.865  1.00 33.48 ? 219 ALA A N   1 
ATOM   322  C  CA  . ALA A 1 44  ? -9.994  -1.470  12.567  1.00 34.29 ? 219 ALA A CA  1 
ATOM   323  C  C   . ALA A 1 44  ? -8.780  -1.476  11.645  1.00 29.04 ? 219 ALA A C   1 
ATOM   324  O  O   . ALA A 1 44  ? -8.058  -2.470  11.569  1.00 27.26 ? 219 ALA A O   1 
ATOM   325  C  CB  . ALA A 1 44  ? -9.692  -2.231  13.845  1.00 35.43 ? 219 ALA A CB  1 
ATOM   326  N  N   . LYS A 1 45  ? -8.565  -0.363  10.952  1.00 26.58 ? 220 LYS A N   1 
ATOM   327  C  CA  . LYS A 1 45  ? -7.520  -0.257  9.931   1.00 26.27 ? 220 LYS A CA  1 
ATOM   328  C  C   . LYS A 1 45  ? -6.111  -0.591  10.428  1.00 20.28 ? 220 LYS A C   1 
ATOM   329  O  O   . LYS A 1 45  ? -5.275  -1.076  9.662   1.00 25.36 ? 220 LYS A O   1 
ATOM   330  C  CB  . LYS A 1 45  ? -7.529  1.143   9.310   1.00 25.94 ? 220 LYS A CB  1 
ATOM   331  C  CG  . LYS A 1 45  ? -7.340  2.269   10.320  1.00 24.86 ? 220 LYS A CG  1 
ATOM   332  C  CD  . LYS A 1 45  ? -7.173  3.616   9.633   1.00 26.44 ? 220 LYS A CD  1 
ATOM   333  C  CE  . LYS A 1 45  ? -7.006  4.734   10.653  1.00 26.57 ? 220 LYS A CE  1 
ATOM   334  N  NZ  . LYS A 1 45  ? -6.818  6.060   10.002  1.00 34.51 ? 220 LYS A NZ  1 
ATOM   335  N  N   . ALA A 1 46  ? -5.853  -0.331  11.705  1.00 24.25 ? 221 ALA A N   1 
ATOM   336  C  CA  . ALA A 1 46  ? -4.523  -0.527  12.272  1.00 22.84 ? 221 ALA A CA  1 
ATOM   337  C  C   . ALA A 1 46  ? -4.307  -1.953  12.779  1.00 29.84 ? 221 ALA A C   1 
ATOM   338  O  O   . ALA A 1 46  ? -3.189  -2.324  13.147  1.00 29.31 ? 221 ALA A O   1 
ATOM   339  C  CB  . ALA A 1 46  ? -4.284  0.473   13.390  1.00 28.17 ? 221 ALA A CB  1 
ATOM   340  N  N   . LEU A 1 47  ? -5.374  -2.749  12.793  1.00 24.39 ? 222 LEU A N   1 
ATOM   341  C  CA  . LEU A 1 47  ? -5.319  -4.087  13.378  1.00 31.79 ? 222 LEU A CA  1 
ATOM   342  C  C   . LEU A 1 47  ? -5.456  -5.228  12.368  1.00 31.16 ? 222 LEU A C   1 
ATOM   343  O  O   . LEU A 1 47  ? -4.854  -6.290  12.544  1.00 28.30 ? 222 LEU A O   1 
ATOM   344  C  CB  . LEU A 1 47  ? -6.374  -4.233  14.478  1.00 28.15 ? 222 LEU A CB  1 
ATOM   345  C  CG  . LEU A 1 47  ? -6.156  -3.365  15.719  1.00 33.22 ? 222 LEU A CG  1 
ATOM   346  C  CD1 . LEU A 1 47  ? -7.217  -3.646  16.769  1.00 31.80 ? 222 LEU A CD1 1 
ATOM   347  C  CD2 . LEU A 1 47  ? -4.768  -3.596  16.287  1.00 30.83 ? 222 LEU A CD2 1 
ATOM   348  N  N   . SER A 1 48  ? -6.246  -5.022  11.319  1.00 25.25 ? 223 SER A N   1 
ATOM   349  C  CA  . SER A 1 48  ? -6.501  -6.096  10.362  1.00 35.03 ? 223 SER A CA  1 
ATOM   350  C  C   . SER A 1 48  ? -6.475  -5.648  8.901   1.00 31.24 ? 223 SER A C   1 
ATOM   351  O  O   . SER A 1 48  ? -6.934  -4.554  8.561   1.00 25.55 ? 223 SER A O   1 
ATOM   352  C  CB  . SER A 1 48  ? -7.833  -6.786  10.679  1.00 31.02 ? 223 SER A CB  1 
ATOM   353  O  OG  . SER A 1 48  ? -8.862  -5.835  10.893  1.00 45.87 ? 223 SER A OG  1 
HETATM 354  N  N   . MSE A 1 49  ? -5.925  -6.506  8.045   1.00 26.79 ? 224 MSE A N   1 
HETATM 355  C  CA  . MSE A 1 49  ? -5.950  -6.284  6.607   1.00 24.21 ? 224 MSE A CA  1 
HETATM 356  C  C   . MSE A 1 49  ? -7.396  -6.247  6.133   1.00 27.95 ? 224 MSE A C   1 
HETATM 357  O  O   . MSE A 1 49  ? -8.261  -6.889  6.729   1.00 26.28 ? 224 MSE A O   1 
HETATM 358  C  CB  . MSE A 1 49  ? -5.202  -7.404  5.885   1.00 22.70 ? 224 MSE A CB  1 
HETATM 359  C  CG  . MSE A 1 49  ? -3.727  -7.493  6.238   1.00 25.94 ? 224 MSE A CG  1 
HETATM 360  SE SE  . MSE A 1 49  ? -2.739  -5.915  5.672   0.65 17.41 ? 224 MSE A SE  1 
HETATM 361  C  CE  . MSE A 1 49  ? -2.881  -6.142  3.743   1.00 17.09 ? 224 MSE A CE  1 
ATOM   362  N  N   . PRO A 1 50  ? -7.670  -5.480  5.067   1.00 24.23 ? 225 PRO A N   1 
ATOM   363  C  CA  . PRO A 1 50  ? -9.020  -5.455  4.495   1.00 29.52 ? 225 PRO A CA  1 
ATOM   364  C  C   . PRO A 1 50  ? -9.445  -6.845  4.042   1.00 29.70 ? 225 PRO A C   1 
ATOM   365  O  O   . PRO A 1 50  ? -8.588  -7.667  3.711   1.00 23.13 ? 225 PRO A O   1 
ATOM   366  C  CB  . PRO A 1 50  ? -8.863  -4.535  3.284   1.00 21.52 ? 225 PRO A CB  1 
ATOM   367  C  CG  . PRO A 1 50  ? -7.729  -3.627  3.654   1.00 23.42 ? 225 PRO A CG  1 
ATOM   368  C  CD  . PRO A 1 50  ? -6.776  -4.502  4.421   1.00 22.08 ? 225 PRO A CD  1 
ATOM   369  N  N   . GLU A 1 51  ? -10.747 -7.111  4.047   1.00 30.25 ? 226 GLU A N   1 
ATOM   370  C  CA  . GLU A 1 51  ? -11.259 -8.372  3.529   1.00 35.47 ? 226 GLU A CA  1 
ATOM   371  C  C   . GLU A 1 51  ? -10.951 -8.455  2.039   1.00 27.32 ? 226 GLU A C   1 
ATOM   372  O  O   . GLU A 1 51  ? -11.043 -7.451  1.331   1.00 27.03 ? 226 GLU A O   1 
ATOM   373  C  CB  . GLU A 1 51  ? -12.768 -8.482  3.763   1.00 38.97 ? 226 GLU A CB  1 
ATOM   374  C  CG  . GLU A 1 51  ? -13.183 -8.446  5.230   1.00 47.68 ? 226 GLU A CG  1 
ATOM   375  C  CD  . GLU A 1 51  ? -12.712 -9.664  6.002   1.00 55.30 ? 226 GLU A CD  1 
ATOM   376  O  OE1 . GLU A 1 51  ? -12.552 -10.735 5.379   1.00 62.21 ? 226 GLU A OE1 1 
ATOM   377  O  OE2 . GLU A 1 51  ? -12.501 -9.549  7.228   1.00 66.91 ? 226 GLU A OE2 1 
ATOM   378  N  N   . LYS A 1 52  ? -10.561 -9.642  1.580   1.00 29.67 ? 227 LYS A N   1 
ATOM   379  C  CA  . LYS A 1 52  ? -10.297 -9.890  0.161   1.00 29.42 ? 227 LYS A CA  1 
ATOM   380  C  C   . LYS A 1 52  ? -9.183  -9.012  -0.422  1.00 28.75 ? 227 LYS A C   1 
ATOM   381  O  O   . LYS A 1 52  ? -9.201  -8.684  -1.612  1.00 26.47 ? 227 LYS A O   1 
ATOM   382  C  CB  . LYS A 1 52  ? -11.588 -9.752  -0.655  1.00 36.77 ? 227 LYS A CB  1 
ATOM   383  C  CG  . LYS A 1 52  ? -12.698 -10.677 -0.184  1.00 39.25 ? 227 LYS A CG  1 
ATOM   384  C  CD  . LYS A 1 52  ? -14.025 -10.354 -0.852  1.00 54.19 ? 227 LYS A CD  1 
ATOM   385  C  CE  . LYS A 1 52  ? -14.004 -10.676 -2.335  1.00 66.38 ? 227 LYS A CE  1 
ATOM   386  N  NZ  . LYS A 1 52  ? -15.299 -10.325 -2.980  1.00 64.99 ? 227 LYS A NZ  1 
ATOM   387  N  N   . TRP A 1 53  ? -8.218  -8.637  0.418   1.00 21.62 ? 228 TRP A N   1 
ATOM   388  C  CA  . TRP A 1 53  ? -7.045  -7.898  -0.040  1.00 18.80 ? 228 TRP A CA  1 
ATOM   389  C  C   . TRP A 1 53  ? -6.200  -8.792  -0.930  1.00 23.26 ? 228 TRP A C   1 
ATOM   390  O  O   . TRP A 1 53  ? -5.492  -8.317  -1.818  1.00 20.48 ? 228 TRP A O   1 
ATOM   391  C  CB  . TRP A 1 53  ? -6.208  -7.400  1.143   1.00 16.29 ? 228 TRP A CB  1 
ATOM   392  C  CG  . TRP A 1 53  ? -5.568  -8.493  1.950   1.00 14.51 ? 228 TRP A CG  1 
ATOM   393  C  CD1 . TRP A 1 53  ? -6.163  -9.255  2.912   1.00 18.06 ? 228 TRP A CD1 1 
ATOM   394  C  CD2 . TRP A 1 53  ? -4.205  -8.934  1.873   1.00 15.44 ? 228 TRP A CD2 1 
ATOM   395  N  NE1 . TRP A 1 53  ? -5.259  -10.147 3.437   1.00 20.64 ? 228 TRP A NE1 1 
ATOM   396  C  CE2 . TRP A 1 53  ? -4.049  -9.971  2.818   1.00 17.37 ? 228 TRP A CE2 1 
ATOM   397  C  CE3 . TRP A 1 53  ? -3.104  -8.556  1.100   1.00 17.93 ? 228 TRP A CE3 1 
ATOM   398  C  CZ2 . TRP A 1 53  ? -2.835  -10.634 3.006   1.00 22.04 ? 228 TRP A CZ2 1 
ATOM   399  C  CZ3 . TRP A 1 53  ? -1.898  -9.215  1.288   1.00 17.44 ? 228 TRP A CZ3 1 
ATOM   400  C  CH2 . TRP A 1 53  ? -1.774  -10.242 2.235   1.00 21.03 ? 228 TRP A CH2 1 
ATOM   401  N  N   . LYS A 1 54  ? -6.280  -10.094 -0.673  1.00 20.64 ? 229 LYS A N   1 
ATOM   402  C  CA  . LYS A 1 54  ? -5.565  -11.084 -1.459  1.00 27.01 ? 229 LYS A CA  1 
ATOM   403  C  C   . LYS A 1 54  ? -6.561  -12.062 -2.066  1.00 29.35 ? 229 LYS A C   1 
ATOM   404  O  O   . LYS A 1 54  ? -7.268  -12.767 -1.339  1.00 32.65 ? 229 LYS A O   1 
ATOM   405  C  CB  . LYS A 1 54  ? -4.568  -11.836 -0.576  1.00 24.38 ? 229 LYS A CB  1 
ATOM   406  C  CG  . LYS A 1 54  ? -3.680  -12.822 -1.327  1.00 26.32 ? 229 LYS A CG  1 
ATOM   407  C  CD  . LYS A 1 54  ? -2.885  -13.684 -0.357  1.00 27.35 ? 229 LYS A CD  1 
ATOM   408  C  CE  . LYS A 1 54  ? -1.918  -14.606 -1.085  1.00 33.41 ? 229 LYS A CE  1 
ATOM   409  N  NZ  . LYS A 1 54  ? -1.166  -15.473 -0.132  1.00 42.93 ? 229 LYS A NZ  1 
ATOM   410  N  N   . LEU A 1 55  ? -6.628  -12.100 -3.394  1.00 29.25 ? 230 LEU A N   1 
ATOM   411  C  CA  . LEU A 1 55  ? -7.518  -13.037 -4.082  1.00 39.95 ? 230 LEU A CA  1 
ATOM   412  C  C   . LEU A 1 55  ? -7.106  -13.327 -5.525  1.00 40.83 ? 230 LEU A C   1 
ATOM   413  O  O   . LEU A 1 55  ? -6.654  -12.436 -6.245  1.00 41.99 ? 230 LEU A O   1 
ATOM   414  C  CB  . LEU A 1 55  ? -8.984  -12.574 -4.024  1.00 41.91 ? 230 LEU A CB  1 
ATOM   415  C  CG  . LEU A 1 55  ? -9.389  -11.094 -4.079  1.00 51.48 ? 230 LEU A CG  1 
ATOM   416  C  CD1 . LEU A 1 55  ? -8.716  -10.346 -5.215  1.00 50.45 ? 230 LEU A CD1 1 
ATOM   417  C  CD2 . LEU A 1 55  ? -10.901 -10.983 -4.207  1.00 48.82 ? 230 LEU A CD2 1 
ATOM   418  N  N   . SER A 1 56  ? -7.259  -14.587 -5.925  1.00 32.53 ? 231 SER A N   1 
ATOM   419  C  CA  . SER A 1 56  ? -7.025  -15.020 -7.301  1.00 35.62 ? 231 SER A CA  1 
ATOM   420  C  C   . SER A 1 56  ? -5.644  -14.639 -7.841  1.00 35.27 ? 231 SER A C   1 
ATOM   421  O  O   . SER A 1 56  ? -5.495  -14.314 -9.022  1.00 36.62 ? 231 SER A O   1 
ATOM   422  C  CB  . SER A 1 56  ? -8.127  -14.483 -8.214  1.00 36.65 ? 231 SER A CB  1 
ATOM   423  O  OG  . SER A 1 56  ? -9.407  -14.795 -7.691  1.00 43.55 ? 231 SER A OG  1 
ATOM   424  N  N   . GLY A 1 57  ? -4.641  -14.675 -6.969  1.00 34.80 ? 232 GLY A N   1 
ATOM   425  C  CA  . GLY A 1 57  ? -3.274  -14.392 -7.366  1.00 40.08 ? 232 GLY A CA  1 
ATOM   426  C  C   . GLY A 1 57  ? -2.935  -12.916 -7.430  1.00 37.19 ? 232 GLY A C   1 
ATOM   427  O  O   . GLY A 1 57  ? -1.763  -12.548 -7.509  1.00 41.33 ? 232 GLY A O   1 
ATOM   428  N  N   . VAL A 1 58  ? -3.956  -12.066 -7.402  1.00 29.08 ? 233 VAL A N   1 
ATOM   429  C  CA  . VAL A 1 58  ? -3.741  -10.622 -7.394  1.00 32.02 ? 233 VAL A CA  1 
ATOM   430  C  C   . VAL A 1 58  ? -4.088  -10.018 -6.031  1.00 27.84 ? 233 VAL A C   1 
ATOM   431  O  O   . VAL A 1 58  ? -4.645  -10.697 -5.161  1.00 22.64 ? 233 VAL A O   1 
ATOM   432  C  CB  . VAL A 1 58  ? -4.557  -9.909  -8.504  1.00 25.66 ? 233 VAL A CB  1 
ATOM   433  C  CG1 . VAL A 1 58  ? -4.225  -10.489 -9.874  1.00 30.04 ? 233 VAL A CG1 1 
ATOM   434  C  CG2 . VAL A 1 58  ? -6.048  -10.020 -8.232  1.00 25.00 ? 233 VAL A CG2 1 
ATOM   435  N  N   . TYR A 1 59  ? -3.747  -8.746  -5.846  1.00 20.30 ? 234 TYR A N   1 
ATOM   436  C  CA  . TYR A 1 59  ? -4.088  -8.036  -4.617  1.00 14.75 ? 234 TYR A CA  1 
ATOM   437  C  C   . TYR A 1 59  ? -4.911  -6.794  -4.945  1.00 19.88 ? 234 TYR A C   1 
ATOM   438  O  O   . TYR A 1 59  ? -4.672  -6.133  -5.962  1.00 15.17 ? 234 TYR A O   1 
ATOM   439  C  CB  . TYR A 1 59  ? -2.832  -7.632  -3.841  1.00 16.73 ? 234 TYR A CB  1 
ATOM   440  C  CG  . TYR A 1 59  ? -1.844  -8.755  -3.592  1.00 18.69 ? 234 TYR A CG  1 
ATOM   441  C  CD1 . TYR A 1 59  ? -0.876  -9.073  -4.538  1.00 13.70 ? 234 TYR A CD1 1 
ATOM   442  C  CD2 . TYR A 1 59  ? -1.865  -9.481  -2.403  1.00 18.03 ? 234 TYR A CD2 1 
ATOM   443  C  CE1 . TYR A 1 59  ? 0.033   -10.090 -4.317  1.00 15.06 ? 234 TYR A CE1 1 
ATOM   444  C  CE2 . TYR A 1 59  ? -0.958  -10.502 -2.173  1.00 18.95 ? 234 TYR A CE2 1 
ATOM   445  C  CZ  . TYR A 1 59  ? -0.011  -10.799 -3.134  1.00 20.37 ? 234 TYR A CZ  1 
ATOM   446  O  OH  . TYR A 1 59  ? 0.895   -11.810 -2.916  1.00 22.49 ? 234 TYR A OH  1 
ATOM   447  N  N   . LYS A 1 60  ? -5.878  -6.480  -4.090  1.00 15.33 ? 235 LYS A N   1 
ATOM   448  C  CA  . LYS A 1 60  ? -6.698  -5.289  -4.281  1.00 21.28 ? 235 LYS A CA  1 
ATOM   449  C  C   . LYS A 1 60  ? -6.921  -4.565  -2.955  1.00 21.15 ? 235 LYS A C   1 
ATOM   450  O  O   . LYS A 1 60  ? -7.361  -5.169  -1.974  1.00 22.56 ? 235 LYS A O   1 
ATOM   451  C  CB  . LYS A 1 60  ? -8.041  -5.651  -4.917  1.00 18.04 ? 235 LYS A CB  1 
ATOM   452  C  CG  . LYS A 1 60  ? -8.602  -4.567  -5.825  1.00 40.70 ? 235 LYS A CG  1 
ATOM   453  C  CD  . LYS A 1 60  ? -9.959  -4.959  -6.378  1.00 48.33 ? 235 LYS A CD  1 
ATOM   454  C  CE  . LYS A 1 60  ? -11.028 -4.927  -5.297  1.00 41.95 ? 235 LYS A CE  1 
ATOM   455  N  NZ  . LYS A 1 60  ? -12.365 -5.270  -5.853  1.00 40.91 ? 235 LYS A NZ  1 
ATOM   456  N  N   . LEU A 1 61  ? -6.612  -3.272  -2.930  1.00 18.66 ? 236 LEU A N   1 
ATOM   457  C  CA  . LEU A 1 61  ? -6.798  -2.459  -1.732  1.00 18.77 ? 236 LEU A CA  1 
ATOM   458  C  C   . LEU A 1 61  ? -7.513  -1.172  -2.118  1.00 17.50 ? 236 LEU A C   1 
ATOM   459  O  O   . LEU A 1 61  ? -7.085  -0.475  -3.041  1.00 15.39 ? 236 LEU A O   1 
ATOM   460  C  CB  . LEU A 1 61  ? -5.445  -2.130  -1.096  1.00 16.03 ? 236 LEU A CB  1 
ATOM   461  C  CG  . LEU A 1 61  ? -4.581  -3.309  -0.647  1.00 22.05 ? 236 LEU A CG  1 
ATOM   462  C  CD1 . LEU A 1 61  ? -3.124  -2.889  -0.543  1.00 17.95 ? 236 LEU A CD1 1 
ATOM   463  C  CD2 . LEU A 1 61  ? -5.069  -3.867  0.683   1.00 15.90 ? 236 LEU A CD2 1 
ATOM   464  N  N   . GLN A 1 62  ? -8.597  -0.852  -1.419  1.00 19.74 ? 237 GLN A N   1 
ATOM   465  C  CA  . GLN A 1 62  ? -9.381  0.332   -1.753  1.00 19.89 ? 237 GLN A CA  1 
ATOM   466  C  C   . GLN A 1 62  ? -9.423  1.314   -0.587  1.00 21.15 ? 237 GLN A C   1 
ATOM   467  O  O   . GLN A 1 62  ? -9.583  0.914   0.570   1.00 19.58 ? 237 GLN A O   1 
ATOM   468  C  CB  . GLN A 1 62  ? -10.790 -0.070  -2.188  1.00 22.86 ? 237 GLN A CB  1 
ATOM   469  C  CG  . GLN A 1 62  ? -10.795 -1.082  -3.329  1.00 33.62 ? 237 GLN A CG  1 
ATOM   470  C  CD  . GLN A 1 62  ? -12.155 -1.238  -3.978  1.00 41.13 ? 237 GLN A CD  1 
ATOM   471  O  OE1 . GLN A 1 62  ? -12.340 -0.888  -5.144  1.00 43.30 ? 237 GLN A OE1 1 
ATOM   472  N  NE2 . GLN A 1 62  ? -13.114 -1.771  -3.230  1.00 36.41 ? 237 GLN A NE2 1 
ATOM   473  N  N   . TYR A 1 63  ? -9.262  2.599   -0.896  1.00 15.17 ? 238 TYR A N   1 
ATOM   474  C  CA  . TYR A 1 63  ? -9.178  3.625   0.135   1.00 19.62 ? 238 TYR A CA  1 
ATOM   475  C  C   . TYR A 1 63  ? -9.993  4.862   -0.206  1.00 19.21 ? 238 TYR A C   1 
ATOM   476  O  O   . TYR A 1 63  ? -10.287 5.133   -1.371  1.00 19.65 ? 238 TYR A O   1 
ATOM   477  C  CB  . TYR A 1 63  ? -7.733  4.092   0.331   1.00 15.30 ? 238 TYR A CB  1 
ATOM   478  C  CG  . TYR A 1 63  ? -6.711  2.999   0.523   1.00 15.38 ? 238 TYR A CG  1 
ATOM   479  C  CD1 . TYR A 1 63  ? -6.356  2.566   1.795   1.00 16.91 ? 238 TYR A CD1 1 
ATOM   480  C  CD2 . TYR A 1 63  ? -6.079  2.423   -0.569  1.00 14.03 ? 238 TYR A CD2 1 
ATOM   481  C  CE1 . TYR A 1 63  ? -5.412  1.578   1.971   1.00 15.17 ? 238 TYR A CE1 1 
ATOM   482  C  CE2 . TYR A 1 63  ? -5.134  1.434   -0.404  1.00 13.53 ? 238 TYR A CE2 1 
ATOM   483  C  CZ  . TYR A 1 63  ? -4.803  1.017   0.868   1.00 14.76 ? 238 TYR A CZ  1 
ATOM   484  O  OH  . TYR A 1 63  ? -3.861  0.032   1.039   1.00 15.05 ? 238 TYR A OH  1 
HETATM 485  N  N   . MSE A 1 64  ? -10.341 5.613   0.830   1.00 16.91 ? 239 MSE A N   1 
HETATM 486  C  CA  . MSE A 1 64  ? -10.746 6.999   0.670   1.00 19.28 ? 239 MSE A CA  1 
HETATM 487  C  C   . MSE A 1 64  ? -9.758  7.833   1.478   1.00 21.51 ? 239 MSE A C   1 
HETATM 488  O  O   . MSE A 1 64  ? -9.020  7.293   2.308   1.00 22.89 ? 239 MSE A O   1 
HETATM 489  C  CB  . MSE A 1 64  ? -12.180 7.215   1.151   1.00 26.77 ? 239 MSE A CB  1 
HETATM 490  C  CG  . MSE A 1 64  ? -13.225 6.530   0.273   1.00 31.62 ? 239 MSE A CG  1 
HETATM 491  SE SE  . MSE A 1 64  ? -15.061 7.017   0.719   0.48 37.60 ? 239 MSE A SE  1 
HETATM 492  C  CE  . MSE A 1 64  ? -15.314 5.896   2.290   1.00 40.43 ? 239 MSE A CE  1 
ATOM   493  N  N   . HIS A 1 65  ? -9.712  9.137   1.224   1.00 25.96 ? 240 HIS A N   1 
ATOM   494  C  CA  . HIS A 1 65  ? -8.803  10.012  1.954   1.00 24.22 ? 240 HIS A CA  1 
ATOM   495  C  C   . HIS A 1 65  ? -9.577  11.222  2.461   1.00 29.11 ? 240 HIS A C   1 
ATOM   496  O  O   . HIS A 1 65  ? -10.385 11.794  1.728   1.00 29.37 ? 240 HIS A O   1 
ATOM   497  C  CB  . HIS A 1 65  ? -7.643  10.452  1.056   1.00 19.89 ? 240 HIS A CB  1 
ATOM   498  C  CG  . HIS A 1 65  ? -6.458  10.981  1.807   1.00 25.15 ? 240 HIS A CG  1 
ATOM   499  N  ND1 . HIS A 1 65  ? -6.400  12.265  2.303   1.00 27.41 ? 240 HIS A ND1 1 
ATOM   500  C  CD2 . HIS A 1 65  ? -5.281  10.397  2.140   1.00 20.84 ? 240 HIS A CD2 1 
ATOM   501  C  CE1 . HIS A 1 65  ? -5.241  12.450  2.911   1.00 27.34 ? 240 HIS A CE1 1 
ATOM   502  N  NE2 . HIS A 1 65  ? -4.544  11.333  2.825   1.00 26.03 ? 240 HIS A NE2 1 
ATOM   503  N  N   . PRO A 1 66  ? -9.340  11.611  3.723   1.00 24.16 ? 241 PRO A N   1 
ATOM   504  C  CA  . PRO A 1 66  ? -10.070 12.721  4.345   1.00 26.01 ? 241 PRO A CA  1 
ATOM   505  C  C   . PRO A 1 66  ? -9.881  14.062  3.628   1.00 25.70 ? 241 PRO A C   1 
ATOM   506  O  O   . PRO A 1 66  ? -10.757 14.924  3.731   1.00 27.87 ? 241 PRO A O   1 
ATOM   507  C  CB  . PRO A 1 66  ? -9.476  12.777  5.759   1.00 27.28 ? 241 PRO A CB  1 
ATOM   508  C  CG  . PRO A 1 66  ? -8.151  12.103  5.651   1.00 34.65 ? 241 PRO A CG  1 
ATOM   509  C  CD  . PRO A 1 66  ? -8.366  11.012  4.650   1.00 22.95 ? 241 PRO A CD  1 
ATOM   510  N  N   . LEU A 1 67  ? -8.770  14.233  2.914   1.00 21.78 ? 242 LEU A N   1 
ATOM   511  C  CA  . LEU A 1 67  ? -8.511  15.472  2.182   1.00 25.20 ? 242 LEU A CA  1 
ATOM   512  C  C   . LEU A 1 67  ? -8.877  15.350  0.702   1.00 31.17 ? 242 LEU A C   1 
ATOM   513  O  O   . LEU A 1 67  ? -8.566  16.238  -0.097  1.00 38.92 ? 242 LEU A O   1 
ATOM   514  C  CB  . LEU A 1 67  ? -7.041  15.884  2.314   1.00 26.20 ? 242 LEU A CB  1 
ATOM   515  C  CG  . LEU A 1 67  ? -6.456  16.012  3.723   1.00 34.71 ? 242 LEU A CG  1 
ATOM   516  C  CD1 . LEU A 1 67  ? -5.061  16.619  3.676   1.00 38.39 ? 242 LEU A CD1 1 
ATOM   517  C  CD2 . LEU A 1 67  ? -7.368  16.831  4.621   1.00 39.27 ? 242 LEU A CD2 1 
ATOM   518  N  N   . CYS A 1 68  ? -9.535  14.249  0.343   1.00 29.86 ? 243 CYS A N   1 
ATOM   519  C  CA  . CYS A 1 68  ? -9.897  13.985  -1.047  1.00 29.55 ? 243 CYS A CA  1 
ATOM   520  C  C   . CYS A 1 68  ? -11.337 13.496  -1.170  1.00 40.18 ? 243 CYS A C   1 
ATOM   521  O  O   . CYS A 1 68  ? -11.623 12.571  -1.932  1.00 31.62 ? 243 CYS A O   1 
ATOM   522  C  CB  . CYS A 1 68  ? -8.961  12.938  -1.652  1.00 24.87 ? 243 CYS A CB  1 
ATOM   523  S  SG  . CYS A 1 68  ? -7.222  13.413  -1.704  1.00 30.25 ? 243 CYS A SG  1 
ATOM   524  N  N   . GLU A 1 69  ? -12.239 14.119  -0.416  1.00 34.68 ? 244 GLU A N   1 
ATOM   525  C  CA  . GLU A 1 69  ? -13.655 13.761  -0.431  1.00 36.86 ? 244 GLU A CA  1 
ATOM   526  C  C   . GLU A 1 69  ? -14.249 13.841  -1.839  1.00 39.20 ? 244 GLU A C   1 
ATOM   527  O  O   . GLU A 1 69  ? -13.942 14.760  -2.599  1.00 46.06 ? 244 GLU A O   1 
ATOM   528  C  CB  . GLU A 1 69  ? -14.430 14.666  0.529   1.00 46.07 ? 244 GLU A CB  1 
ATOM   529  C  CG  . GLU A 1 69  ? -15.914 14.345  0.632   1.00 56.10 ? 244 GLU A CG  1 
ATOM   530  C  CD  . GLU A 1 69  ? -16.665 15.297  1.548   1.00 64.53 ? 244 GLU A CD  1 
ATOM   531  O  OE1 . GLU A 1 69  ? -16.051 16.260  2.058   1.00 63.36 ? 244 GLU A OE1 1 
ATOM   532  O  OE2 . GLU A 1 69  ? -17.876 15.078  1.759   1.00 69.09 ? 244 GLU A OE2 1 
ATOM   533  N  N   . GLY A 1 70  ? -15.096 12.872  -2.179  1.00 32.36 ? 245 GLY A N   1 
ATOM   534  C  CA  . GLY A 1 70  ? -15.697 12.811  -3.498  1.00 36.11 ? 245 GLY A CA  1 
ATOM   535  C  C   . GLY A 1 70  ? -14.976 11.864  -4.443  1.00 47.24 ? 245 GLY A C   1 
ATOM   536  O  O   . GLY A 1 70  ? -15.238 11.861  -5.648  1.00 35.00 ? 245 GLY A O   1 
ATOM   537  N  N   . SER A 1 71  ? -14.070 11.057  -3.897  1.00 32.33 ? 246 SER A N   1 
ATOM   538  C  CA  . SER A 1 71  ? -13.291 10.121  -4.704  1.00 26.66 ? 246 SER A CA  1 
ATOM   539  C  C   . SER A 1 71  ? -12.793 8.940   -3.878  1.00 29.21 ? 246 SER A C   1 
ATOM   540  O  O   . SER A 1 71  ? -12.751 9.002   -2.647  1.00 25.78 ? 246 SER A O   1 
ATOM   541  C  CB  . SER A 1 71  ? -12.090 10.832  -5.332  1.00 29.46 ? 246 SER A CB  1 
ATOM   542  O  OG  . SER A 1 71  ? -11.146 11.196  -4.337  1.00 27.51 ? 246 SER A OG  1 
ATOM   543  N  N   . SER A 1 72  ? -12.417 7.867   -4.566  1.00 19.82 ? 247 SER A N   1 
ATOM   544  C  CA  . SER A 1 72  ? -11.810 6.711   -3.918  1.00 23.47 ? 247 SER A CA  1 
ATOM   545  C  C   . SER A 1 72  ? -10.598 6.249   -4.723  1.00 21.98 ? 247 SER A C   1 
ATOM   546  O  O   . SER A 1 72  ? -10.551 6.418   -5.943  1.00 27.08 ? 247 SER A O   1 
ATOM   547  C  CB  . SER A 1 72  ? -12.824 5.573   -3.782  1.00 23.78 ? 247 SER A CB  1 
ATOM   548  O  OG  . SER A 1 72  ? -13.290 5.150   -5.051  1.00 26.66 ? 247 SER A OG  1 
ATOM   549  N  N   . ALA A 1 73  ? -9.615  5.677   -4.039  1.00 23.44 ? 248 ALA A N   1 
ATOM   550  C  CA  . ALA A 1 73  ? -8.399  5.219   -4.700  1.00 22.58 ? 248 ALA A CA  1 
ATOM   551  C  C   . ALA A 1 73  ? -8.259  3.708   -4.560  1.00 21.31 ? 248 ALA A C   1 
ATOM   552  O  O   . ALA A 1 73  ? -8.570  3.146   -3.508  1.00 18.52 ? 248 ALA A O   1 
ATOM   553  C  CB  . ALA A 1 73  ? -7.183  5.922   -4.118  1.00 19.50 ? 248 ALA A CB  1 
ATOM   554  N  N   . THR A 1 74  ? -7.789  3.055   -5.620  1.00 16.02 ? 249 THR A N   1 
ATOM   555  C  CA  . THR A 1 74  ? -7.606  1.609   -5.600  1.00 12.42 ? 249 THR A CA  1 
ATOM   556  C  C   . THR A 1 74  ? -6.197  1.236   -6.041  1.00 15.10 ? 249 THR A C   1 
ATOM   557  O  O   . THR A 1 74  ? -5.686  1.766   -7.031  1.00 17.03 ? 249 THR A O   1 
ATOM   558  C  CB  . THR A 1 74  ? -8.637  0.894   -6.509  1.00 18.42 ? 249 THR A CB  1 
ATOM   559  O  OG1 . THR A 1 74  ? -9.952  1.053   -5.963  1.00 26.37 ? 249 THR A OG1 1 
ATOM   560  C  CG2 . THR A 1 74  ? -8.331  -0.595  -6.622  1.00 19.97 ? 249 THR A CG2 1 
ATOM   561  N  N   . LEU A 1 75  ? -5.562  0.344   -5.286  1.00 14.21 ? 250 LEU A N   1 
ATOM   562  C  CA  . LEU A 1 75  ? -4.305  -0.255  -5.708  1.00 13.31 ? 250 LEU A CA  1 
ATOM   563  C  C   . LEU A 1 75  ? -4.584  -1.677  -6.171  1.00 18.26 ? 250 LEU A C   1 
ATOM   564  O  O   . LEU A 1 75  ? -5.103  -2.495  -5.407  1.00 15.11 ? 250 LEU A O   1 
ATOM   565  C  CB  . LEU A 1 75  ? -3.287  -0.265  -4.562  1.00 13.70 ? 250 LEU A CB  1 
ATOM   566  C  CG  . LEU A 1 75  ? -2.904  1.076   -3.932  1.00 14.06 ? 250 LEU A CG  1 
ATOM   567  C  CD1 . LEU A 1 75  ? -1.772  0.904   -2.925  1.00 13.20 ? 250 LEU A CD1 1 
ATOM   568  C  CD2 . LEU A 1 75  ? -2.523  2.087   -4.999  1.00 19.73 ? 250 LEU A CD2 1 
ATOM   569  N  N   . THR A 1 76  ? -4.268  -1.961  -7.430  1.00 15.44 ? 251 THR A N   1 
ATOM   570  C  CA  . THR A 1 76  ? -4.348  -3.318  -7.946  1.00 11.21 ? 251 THR A CA  1 
ATOM   571  C  C   . THR A 1 76  ? -2.921  -3.797  -8.152  1.00 16.84 ? 251 THR A C   1 
ATOM   572  O  O   . THR A 1 76  ? -2.184  -3.242  -8.968  1.00 18.34 ? 251 THR A O   1 
ATOM   573  C  CB  . THR A 1 76  ? -5.132  -3.385  -9.272  1.00 20.05 ? 251 THR A CB  1 
ATOM   574  O  OG1 . THR A 1 76  ? -6.399  -2.737  -9.109  1.00 24.68 ? 251 THR A OG1 1 
ATOM   575  C  CG2 . THR A 1 76  ? -5.360  -4.829  -9.688  1.00 18.44 ? 251 THR A CG2 1 
ATOM   576  N  N   . CYS A 1 77  ? -2.522  -4.811  -7.393  1.00 14.00 ? 252 CYS A N   1 
ATOM   577  C  CA  . CYS A 1 77  ? -1.138  -5.260  -7.413  1.00 17.55 ? 252 CYS A CA  1 
ATOM   578  C  C   . CYS A 1 77  ? -1.029  -6.632  -8.069  1.00 14.42 ? 252 CYS A C   1 
ATOM   579  O  O   . CYS A 1 77  ? -1.691  -7.586  -7.654  1.00 15.17 ? 252 CYS A O   1 
ATOM   580  C  CB  . CYS A 1 77  ? -0.574  -5.279  -5.993  1.00 18.46 ? 252 CYS A CB  1 
ATOM   581  S  SG  . CYS A 1 77  ? -0.896  -3.743  -5.081  1.00 24.50 ? 252 CYS A SG  1 
ATOM   582  N  N   . VAL A 1 78  ? -0.196  -6.725  -9.099  1.00 13.41 ? 253 VAL A N   1 
ATOM   583  C  CA  . VAL A 1 78  ? -0.110  -7.940  -9.903  1.00 12.85 ? 253 VAL A CA  1 
ATOM   584  C  C   . VAL A 1 78  ? 1.327   -8.432  -10.025 1.00 17.05 ? 253 VAL A C   1 
ATOM   585  O  O   . VAL A 1 78  ? 2.201   -7.704  -10.499 1.00 19.19 ? 253 VAL A O   1 
ATOM   586  C  CB  . VAL A 1 78  ? -0.689  -7.708  -11.316 1.00 17.52 ? 253 VAL A CB  1 
ATOM   587  C  CG1 . VAL A 1 78  ? -0.414  -8.901  -12.217 1.00 14.80 ? 253 VAL A CG1 1 
ATOM   588  C  CG2 . VAL A 1 78  ? -2.183  -7.431  -11.237 1.00 23.13 ? 253 VAL A CG2 1 
ATOM   589  N  N   . PRO A 1 79  ? 1.580   -9.674  -9.589  1.00 19.89 ? 254 PRO A N   1 
ATOM   590  C  CA  . PRO A 1 79  ? 2.912   -10.255 -9.767  1.00 21.15 ? 254 PRO A CA  1 
ATOM   591  C  C   . PRO A 1 79  ? 3.172   -10.509 -11.247 1.00 21.49 ? 254 PRO A C   1 
ATOM   592  O  O   . PRO A 1 79  ? 2.337   -11.117 -11.916 1.00 20.21 ? 254 PRO A O   1 
ATOM   593  C  CB  . PRO A 1 79  ? 2.820   -11.594 -9.022  1.00 20.76 ? 254 PRO A CB  1 
ATOM   594  C  CG  . PRO A 1 79  ? 1.566   -11.514 -8.188  1.00 28.59 ? 254 PRO A CG  1 
ATOM   595  C  CD  . PRO A 1 79  ? 0.649   -10.608 -8.934  1.00 25.52 ? 254 PRO A CD  1 
ATOM   596  N  N   . LEU A 1 80  ? 4.305   -10.033 -11.753 1.00 22.63 ? 255 LEU A N   1 
ATOM   597  C  CA  . LEU A 1 80  ? 4.692   -10.291 -13.134 1.00 26.26 ? 255 LEU A CA  1 
ATOM   598  C  C   . LEU A 1 80  ? 6.188   -10.562 -13.176 1.00 23.96 ? 255 LEU A C   1 
ATOM   599  O  O   . LEU A 1 80  ? 6.993   -9.665  -12.929 1.00 21.62 ? 255 LEU A O   1 
ATOM   600  C  CB  . LEU A 1 80  ? 4.337   -9.102  -14.030 1.00 20.01 ? 255 LEU A CB  1 
ATOM   601  C  CG  . LEU A 1 80  ? 4.460   -9.300  -15.543 1.00 25.22 ? 255 LEU A CG  1 
ATOM   602  C  CD1 . LEU A 1 80  ? 3.590   -10.458 -16.005 1.00 25.76 ? 255 LEU A CD1 1 
ATOM   603  C  CD2 . LEU A 1 80  ? 4.085   -8.025  -16.283 1.00 20.18 ? 255 LEU A CD2 1 
ATOM   604  N  N   . GLY A 1 81  ? 6.561   -11.800 -13.483 1.00 25.85 ? 256 GLY A N   1 
ATOM   605  C  CA  . GLY A 1 81  ? 7.950   -12.205 -13.380 1.00 26.47 ? 256 GLY A CA  1 
ATOM   606  C  C   . GLY A 1 81  ? 8.368   -12.214 -11.921 1.00 23.83 ? 256 GLY A C   1 
ATOM   607  O  O   . GLY A 1 81  ? 7.691   -12.809 -11.080 1.00 28.98 ? 256 GLY A O   1 
ATOM   608  N  N   . ASN A 1 82  ? 9.475   -11.545 -11.617 1.00 25.49 ? 257 ASN A N   1 
ATOM   609  C  CA  . ASN A 1 82  ? 9.950   -11.438 -10.241 1.00 29.55 ? 257 ASN A CA  1 
ATOM   610  C  C   . ASN A 1 82  ? 9.493   -10.143 -9.590  1.00 26.38 ? 257 ASN A C   1 
ATOM   611  O  O   . ASN A 1 82  ? 9.851   -9.851  -8.446  1.00 24.99 ? 257 ASN A O   1 
ATOM   612  C  CB  . ASN A 1 82  ? 11.475  -11.510 -10.198 1.00 41.17 ? 257 ASN A CB  1 
ATOM   613  C  CG  . ASN A 1 82  ? 12.012  -12.817 -10.737 1.00 43.57 ? 257 ASN A CG  1 
ATOM   614  O  OD1 . ASN A 1 82  ? 11.513  -13.890 -10.400 1.00 58.09 ? 257 ASN A OD1 1 
ATOM   615  N  ND2 . ASN A 1 82  ? 13.027  -12.735 -11.588 1.00 49.78 ? 257 ASN A ND2 1 
ATOM   616  N  N   . LEU A 1 83  ? 8.706   -9.365  -10.325 1.00 23.40 ? 258 LEU A N   1 
ATOM   617  C  CA  . LEU A 1 83  ? 8.275   -8.055  -9.859  1.00 23.88 ? 258 LEU A CA  1 
ATOM   618  C  C   . LEU A 1 83  ? 6.826   -8.075  -9.392  1.00 20.68 ? 258 LEU A C   1 
ATOM   619  O  O   . LEU A 1 83  ? 6.074   -9.005  -9.689  1.00 19.99 ? 258 LEU A O   1 
ATOM   620  C  CB  . LEU A 1 83  ? 8.416   -7.026  -10.982 1.00 25.93 ? 258 LEU A CB  1 
ATOM   621  C  CG  . LEU A 1 83  ? 9.781   -6.818  -11.632 1.00 33.38 ? 258 LEU A CG  1 
ATOM   622  C  CD1 . LEU A 1 83  ? 9.639   -5.885  -12.818 1.00 36.28 ? 258 LEU A CD1 1 
ATOM   623  C  CD2 . LEU A 1 83  ? 10.768  -6.252  -10.631 1.00 27.76 ? 258 LEU A CD2 1 
ATOM   624  N  N   . ILE A 1 84  ? 6.449   -7.041  -8.649  1.00 18.95 ? 259 ILE A N   1 
ATOM   625  C  CA  . ILE A 1 84  ? 5.049   -6.764  -8.371  1.00 17.23 ? 259 ILE A CA  1 
ATOM   626  C  C   . ILE A 1 84  ? 4.710   -5.421  -9.004  1.00 19.79 ? 259 ILE A C   1 
ATOM   627  O  O   . ILE A 1 84  ? 5.379   -4.421  -8.738  1.00 18.06 ? 259 ILE A O   1 
ATOM   628  C  CB  . ILE A 1 84  ? 4.749   -6.723  -6.860  1.00 21.73 ? 259 ILE A CB  1 
ATOM   629  C  CG1 . ILE A 1 84  ? 4.778   -8.136  -6.273  1.00 25.07 ? 259 ILE A CG1 1 
ATOM   630  C  CG2 . ILE A 1 84  ? 3.391   -6.084  -6.603  1.00 19.81 ? 259 ILE A CG2 1 
ATOM   631  C  CD1 . ILE A 1 84  ? 4.163   -8.242  -4.879  1.00 40.93 ? 259 ILE A CD1 1 
ATOM   632  N  N   . VAL A 1 85  ? 3.696   -5.402  -9.863  1.00 13.34 ? 260 VAL A N   1 
ATOM   633  C  CA  . VAL A 1 85  ? 3.286   -4.161  -10.506 1.00 16.54 ? 260 VAL A CA  1 
ATOM   634  C  C   . VAL A 1 85  ? 2.126   -3.538  -9.735  1.00 16.75 ? 260 VAL A C   1 
ATOM   635  O  O   . VAL A 1 85  ? 1.052   -4.132  -9.628  1.00 19.80 ? 260 VAL A O   1 
ATOM   636  C  CB  . VAL A 1 85  ? 2.881   -4.394  -11.974 1.00 18.40 ? 260 VAL A CB  1 
ATOM   637  C  CG1 . VAL A 1 85  ? 2.437   -3.088  -12.616 1.00 12.16 ? 260 VAL A CG1 1 
ATOM   638  C  CG2 . VAL A 1 85  ? 4.042   -5.004  -12.750 1.00 22.01 ? 260 VAL A CG2 1 
ATOM   639  N  N   . VAL A 1 86  ? 2.351   -2.349  -9.186  1.00 13.82 ? 261 VAL A N   1 
ATOM   640  C  CA  . VAL A 1 86  ? 1.318   -1.657  -8.422  1.00 16.92 ? 261 VAL A CA  1 
ATOM   641  C  C   . VAL A 1 86  ? 0.633   -0.616  -9.303  1.00 17.51 ? 261 VAL A C   1 
ATOM   642  O  O   . VAL A 1 86  ? 1.246   0.379   -9.696  1.00 18.74 ? 261 VAL A O   1 
ATOM   643  C  CB  . VAL A 1 86  ? 1.897   -0.984  -7.161  1.00 19.76 ? 261 VAL A CB  1 
ATOM   644  C  CG1 . VAL A 1 86  ? 0.804   -0.267  -6.381  1.00 16.76 ? 261 VAL A CG1 1 
ATOM   645  C  CG2 . VAL A 1 86  ? 2.586   -2.017  -6.278  1.00 18.29 ? 261 VAL A CG2 1 
ATOM   646  N  N   . ASN A 1 87  ? -0.631  -0.861  -9.631  1.00 13.84 ? 262 ASN A N   1 
ATOM   647  C  CA  . ASN A 1 87  ? -1.414  0.090   -10.406 1.00 12.79 ? 262 ASN A CA  1 
ATOM   648  C  C   . ASN A 1 87  ? -2.282  0.939   -9.486  1.00 17.06 ? 262 ASN A C   1 
ATOM   649  O  O   . ASN A 1 87  ? -3.083  0.408   -8.715  1.00 20.07 ? 262 ASN A O   1 
ATOM   650  C  CB  . ASN A 1 87  ? -2.292  -0.639  -11.429 1.00 13.98 ? 262 ASN A CB  1 
ATOM   651  C  CG  . ASN A 1 87  ? -1.485  -1.500  -12.388 1.00 24.00 ? 262 ASN A CG  1 
ATOM   652  O  OD1 . ASN A 1 87  ? -0.894  -0.996  -13.343 1.00 21.73 ? 262 ASN A OD1 1 
ATOM   653  N  ND2 . ASN A 1 87  ? -1.468  -2.806  -12.144 1.00 20.29 ? 262 ASN A ND2 1 
ATOM   654  N  N   . ALA A 1 88  ? -2.116  2.256   -9.558  1.00 16.11 ? 263 ALA A N   1 
ATOM   655  C  CA  . ALA A 1 88  ? -2.949  3.165   -8.781  1.00 13.43 ? 263 ALA A CA  1 
ATOM   656  C  C   . ALA A 1 88  ? -4.059  3.731   -9.655  1.00 17.87 ? 263 ALA A C   1 
ATOM   657  O  O   . ALA A 1 88  ? -3.807  4.213   -10.761 1.00 18.16 ? 263 ALA A O   1 
ATOM   658  C  CB  . ALA A 1 88  ? -2.112  4.286   -8.184  1.00 12.02 ? 263 ALA A CB  1 
ATOM   659  N  N   . THR A 1 89  ? -5.287  3.674   -9.148  1.00 12.22 ? 264 THR A N   1 
ATOM   660  C  CA  . THR A 1 89  ? -6.454  4.065   -9.919  1.00 19.43 ? 264 THR A CA  1 
ATOM   661  C  C   . THR A 1 89  ? -7.357  4.989   -9.108  1.00 22.70 ? 264 THR A C   1 
ATOM   662  O  O   . THR A 1 89  ? -7.563  4.774   -7.913  1.00 17.32 ? 264 THR A O   1 
ATOM   663  C  CB  . THR A 1 89  ? -7.245  2.818   -10.367 1.00 20.82 ? 264 THR A CB  1 
ATOM   664  O  OG1 . THR A 1 89  ? -6.526  2.147   -11.409 1.00 27.74 ? 264 THR A OG1 1 
ATOM   665  C  CG2 . THR A 1 89  ? -8.609  3.199   -10.886 1.00 30.23 ? 264 THR A CG2 1 
ATOM   666  N  N   . LEU A 1 90  ? -7.882  6.027   -9.755  1.00 15.24 ? 265 LEU A N   1 
ATOM   667  C  CA  . LEU A 1 90  ? -8.779  6.958   -9.084  1.00 18.77 ? 265 LEU A CA  1 
ATOM   668  C  C   . LEU A 1 90  ? -10.190 6.873   -9.655  1.00 23.28 ? 265 LEU A C   1 
ATOM   669  O  O   . LEU A 1 90  ? -10.376 6.853   -10.874 1.00 22.58 ? 265 LEU A O   1 
ATOM   670  C  CB  . LEU A 1 90  ? -8.260  8.390   -9.212  1.00 16.95 ? 265 LEU A CB  1 
ATOM   671  C  CG  . LEU A 1 90  ? -9.070  9.449   -8.463  1.00 25.70 ? 265 LEU A CG  1 
ATOM   672  C  CD1 . LEU A 1 90  ? -8.935  9.269   -6.959  1.00 21.15 ? 265 LEU A CD1 1 
ATOM   673  C  CD2 . LEU A 1 90  ? -8.642  10.842  -8.880  1.00 26.50 ? 265 LEU A CD2 1 
ATOM   674  N  N   . LYS A 1 91  ? -11.180 6.817   -8.768  1.00 23.02 ? 266 LYS A N   1 
ATOM   675  C  CA  . LYS A 1 91  ? -12.578 6.846   -9.180  1.00 23.74 ? 266 LYS A CA  1 
ATOM   676  C  C   . LYS A 1 91  ? -13.257 8.134   -8.718  1.00 34.57 ? 266 LYS A C   1 
ATOM   677  O  O   . LYS A 1 91  ? -13.376 8.380   -7.517  1.00 25.09 ? 266 LYS A O   1 
ATOM   678  C  CB  . LYS A 1 91  ? -13.337 5.639   -8.626  1.00 23.37 ? 266 LYS A CB  1 
ATOM   679  C  CG  . LYS A 1 91  ? -14.848 5.717   -8.842  1.00 23.60 ? 266 LYS A CG  1 
ATOM   680  C  CD  . LYS A 1 91  ? -15.570 4.482   -8.322  1.00 33.31 ? 266 LYS A CD  1 
ATOM   681  C  CE  . LYS A 1 91  ? -17.078 4.621   -8.488  1.00 52.75 ? 266 LYS A CE  1 
ATOM   682  N  NZ  . LYS A 1 91  ? -17.818 3.435   -7.970  1.00 51.34 ? 266 LYS A NZ  1 
ATOM   683  N  N   . ILE A 1 92  ? -13.685 8.958   -9.673  1.00 25.81 ? 267 ILE A N   1 
ATOM   684  C  CA  . ILE A 1 92  ? -14.481 10.144  -9.366  1.00 37.58 ? 267 ILE A CA  1 
ATOM   685  C  C   . ILE A 1 92  ? -15.735 10.165  -10.225 1.00 40.60 ? 267 ILE A C   1 
ATOM   686  O  O   . ILE A 1 92  ? -15.646 10.056  -11.450 1.00 46.72 ? 267 ILE A O   1 
ATOM   687  C  CB  . ILE A 1 92  ? -13.718 11.457  -9.635  1.00 40.48 ? 267 ILE A CB  1 
ATOM   688  C  CG1 . ILE A 1 92  ? -12.321 11.418  -9.019  1.00 39.73 ? 267 ILE A CG1 1 
ATOM   689  C  CG2 . ILE A 1 92  ? -14.510 12.653  -9.109  1.00 43.02 ? 267 ILE A CG2 1 
ATOM   690  C  CD1 . ILE A 1 92  ? -11.670 12.779  -8.936  1.00 37.91 ? 267 ILE A CD1 1 
ATOM   691  N  N   . ASN A 1 93  ? -16.892 10.313  -9.583  1.00 50.00 ? 268 ASN A N   1 
ATOM   692  C  CA  . ASN A 1 93  ? -18.170 10.407  -10.286 1.00 54.97 ? 268 ASN A CA  1 
ATOM   693  C  C   . ASN A 1 93  ? -18.357 9.292   -11.313 1.00 52.20 ? 268 ASN A C   1 
ATOM   694  O  O   . ASN A 1 93  ? -18.552 9.551   -12.503 1.00 57.94 ? 268 ASN A O   1 
ATOM   695  C  CB  . ASN A 1 93  ? -18.326 11.788  -10.932 1.00 57.77 ? 268 ASN A CB  1 
ATOM   696  C  CG  . ASN A 1 93  ? -18.431 12.900  -9.903  1.00 66.02 ? 268 ASN A CG  1 
ATOM   697  O  OD1 . ASN A 1 93  ? -17.615 13.822  -9.879  1.00 67.23 ? 268 ASN A OD1 1 
ATOM   698  N  ND2 . ASN A 1 93  ? -19.440 12.815  -9.043  1.00 59.31 ? 268 ASN A ND2 1 
ATOM   699  N  N   . ASN A 1 94  ? -18.268 8.054   -10.833 1.00 49.28 ? 269 ASN A N   1 
ATOM   700  C  CA  . ASN A 1 94  ? -18.331 6.853   -11.668 1.00 50.50 ? 269 ASN A CA  1 
ATOM   701  C  C   . ASN A 1 94  ? -17.450 6.872   -12.920 1.00 47.54 ? 269 ASN A C   1 
ATOM   702  O  O   . ASN A 1 94  ? -17.717 6.158   -13.886 1.00 52.88 ? 269 ASN A O   1 
ATOM   703  C  CB  . ASN A 1 94  ? -19.779 6.496   -12.021 1.00 60.61 ? 269 ASN A CB  1 
ATOM   704  C  CG  . ASN A 1 94  ? -20.227 5.193   -11.384 1.00 71.36 ? 269 ASN A CG  1 
ATOM   705  O  OD1 . ASN A 1 94  ? -20.259 5.070   -10.160 1.00 58.80 ? 269 ASN A OD1 1 
ATOM   706  N  ND2 . ASN A 1 94  ? -20.577 4.214   -12.212 1.00 69.93 ? 269 ASN A ND2 1 
ATOM   707  N  N   . GLU A 1 95  ? -16.407 7.696   -12.902 1.00 41.86 ? 270 GLU A N   1 
ATOM   708  C  CA  . GLU A 1 95  ? -15.390 7.658   -13.941 1.00 43.76 ? 270 GLU A CA  1 
ATOM   709  C  C   . GLU A 1 95  ? -14.131 7.063   -13.330 1.00 36.87 ? 270 GLU A C   1 
ATOM   710  O  O   . GLU A 1 95  ? -13.774 7.380   -12.195 1.00 25.97 ? 270 GLU A O   1 
ATOM   711  C  CB  . GLU A 1 95  ? -15.111 9.057   -14.500 1.00 43.42 ? 270 GLU A CB  1 
ATOM   712  C  CG  . GLU A 1 95  ? -14.113 9.087   -15.656 1.00 50.03 ? 270 GLU A CG  1 
ATOM   713  C  CD  . GLU A 1 95  ? -13.710 10.497  -16.064 1.00 67.31 ? 270 GLU A CD  1 
ATOM   714  O  OE1 . GLU A 1 95  ? -14.482 11.447  -15.807 1.00 67.99 ? 270 GLU A OE1 1 
ATOM   715  O  OE2 . GLU A 1 95  ? -12.613 10.654  -16.639 1.00 51.13 ? 270 GLU A OE2 1 
ATOM   716  N  N   . ILE A 1 96  ? -13.468 6.190   -14.080 1.00 23.73 ? 271 ILE A N   1 
ATOM   717  C  CA  . ILE A 1 96  ? -12.281 5.509   -13.590 1.00 27.08 ? 271 ILE A CA  1 
ATOM   718  C  C   . ILE A 1 96  ? -11.040 6.029   -14.309 1.00 35.20 ? 271 ILE A C   1 
ATOM   719  O  O   . ILE A 1 96  ? -10.981 6.005   -15.538 1.00 24.89 ? 271 ILE A O   1 
ATOM   720  C  CB  . ILE A 1 96  ? -12.394 3.992   -13.816 1.00 29.50 ? 271 ILE A CB  1 
ATOM   721  C  CG1 . ILE A 1 96  ? -13.676 3.449   -13.178 1.00 36.30 ? 271 ILE A CG1 1 
ATOM   722  C  CG2 . ILE A 1 96  ? -11.180 3.281   -13.266 1.00 24.48 ? 271 ILE A CG2 1 
ATOM   723  C  CD1 . ILE A 1 96  ? -13.778 3.712   -11.691 1.00 33.74 ? 271 ILE A CD1 1 
ATOM   724  N  N   . ARG A 1 97  ? -10.052 6.497   -13.550 1.00 19.37 ? 272 ARG A N   1 
ATOM   725  C  CA  . ARG A 1 97  ? -8.834  7.037   -14.150 1.00 15.15 ? 272 ARG A CA  1 
ATOM   726  C  C   . ARG A 1 97  ? -7.560  6.362   -13.643 1.00 25.43 ? 272 ARG A C   1 
ATOM   727  O  O   . ARG A 1 97  ? -7.385  6.158   -12.440 1.00 22.06 ? 272 ARG A O   1 
ATOM   728  C  CB  . ARG A 1 97  ? -8.730  8.543   -13.907 1.00 29.13 ? 272 ARG A CB  1 
ATOM   729  C  CG  . ARG A 1 97  ? -9.911  9.359   -14.399 1.00 26.75 ? 272 ARG A CG  1 
ATOM   730  C  CD  . ARG A 1 97  ? -9.541  10.832  -14.386 1.00 31.13 ? 272 ARG A CD  1 
ATOM   731  N  NE  . ARG A 1 97  ? -10.676 11.707  -14.109 1.00 48.67 ? 272 ARG A NE  1 
ATOM   732  C  CZ  . ARG A 1 97  ? -10.564 13.012  -13.885 1.00 55.66 ? 272 ARG A CZ  1 
ATOM   733  N  NH1 . ARG A 1 97  ? -9.368  13.588  -13.903 1.00 44.39 ? 272 ARG A NH1 1 
ATOM   734  N  NH2 . ARG A 1 97  ? -11.642 13.743  -13.638 1.00 57.35 ? 272 ARG A NH2 1 
ATOM   735  N  N   . SER A 1 98  ? -6.670  6.030   -14.574 1.00 18.93 ? 273 SER A N   1 
ATOM   736  C  CA  . SER A 1 98  ? -5.358  5.487   -14.244 1.00 17.86 ? 273 SER A CA  1 
ATOM   737  C  C   . SER A 1 98  ? -4.411  6.605   -13.815 1.00 19.96 ? 273 SER A C   1 
ATOM   738  O  O   . SER A 1 98  ? -4.323  7.642   -14.476 1.00 16.93 ? 273 SER A O   1 
ATOM   739  C  CB  . SER A 1 98  ? -4.780  4.743   -15.451 1.00 20.74 ? 273 SER A CB  1 
ATOM   740  O  OG  . SER A 1 98  ? -3.416  4.416   -15.254 1.00 34.56 ? 273 SER A OG  1 
ATOM   741  N  N   . VAL A 1 99  ? -3.706  6.396   -12.707 1.00 15.70 ? 274 VAL A N   1 
ATOM   742  C  CA  . VAL A 1 99  ? -2.813  7.418   -12.173 1.00 17.16 ? 274 VAL A CA  1 
ATOM   743  C  C   . VAL A 1 99  ? -1.345  7.032   -12.326 1.00 22.96 ? 274 VAL A C   1 
ATOM   744  O  O   . VAL A 1 99  ? -0.533  7.821   -12.817 1.00 27.93 ? 274 VAL A O   1 
ATOM   745  C  CB  . VAL A 1 99  ? -3.101  7.700   -10.685 1.00 17.79 ? 274 VAL A CB  1 
ATOM   746  C  CG1 . VAL A 1 99  ? -2.130  8.739   -10.141 1.00 18.00 ? 274 VAL A CG1 1 
ATOM   747  C  CG2 . VAL A 1 99  ? -4.539  8.164   -10.500 1.00 18.32 ? 274 VAL A CG2 1 
ATOM   748  N  N   . LYS A 1 100 ? -1.008  5.813   -11.912 1.00 18.17 ? 275 LYS A N   1 
ATOM   749  C  CA  . LYS A 1 100 ? 0.388   5.396   -11.878 1.00 23.76 ? 275 LYS A CA  1 
ATOM   750  C  C   . LYS A 1 100 ? 0.541   3.881   -11.947 1.00 22.49 ? 275 LYS A C   1 
ATOM   751  O  O   . LYS A 1 100 ? -0.257  3.140   -11.367 1.00 24.39 ? 275 LYS A O   1 
ATOM   752  C  CB  . LYS A 1 100 ? 1.049   5.914   -10.595 1.00 33.87 ? 275 LYS A CB  1 
ATOM   753  C  CG  . LYS A 1 100 ? 2.547   5.642   -10.498 1.00 29.08 ? 275 LYS A CG  1 
ATOM   754  C  CD  . LYS A 1 100 ? 3.357   6.835   -10.980 1.00 29.51 ? 275 LYS A CD  1 
ATOM   755  C  CE  . LYS A 1 100 ? 4.834   6.490   -11.096 1.00 30.51 ? 275 LYS A CE  1 
ATOM   756  N  NZ  . LYS A 1 100 ? 5.696   7.607   -10.609 1.00 40.59 ? 275 LYS A NZ  1 
ATOM   757  N  N   . ARG A 1 101 ? 1.559   3.426   -12.674 1.00 21.17 ? 276 ARG A N   1 
ATOM   758  C  CA  . ARG A 1 101 ? 2.012   2.046   -12.576 1.00 27.95 ? 276 ARG A CA  1 
ATOM   759  C  C   . ARG A 1 101 ? 3.428   2.060   -12.008 1.00 33.86 ? 276 ARG A C   1 
ATOM   760  O  O   . ARG A 1 101 ? 4.302   2.771   -12.509 1.00 31.61 ? 276 ARG A O   1 
ATOM   761  C  CB  . ARG A 1 101 ? 1.947   1.321   -13.930 1.00 27.21 ? 276 ARG A CB  1 
ATOM   762  C  CG  . ARG A 1 101 ? 2.753   1.961   -15.053 1.00 24.55 ? 276 ARG A CG  1 
ATOM   763  C  CD  . ARG A 1 101 ? 2.464   1.306   -16.404 1.00 37.91 ? 276 ARG A CD  1 
ATOM   764  N  NE  . ARG A 1 101 ? 3.317   0.147   -16.670 1.00 35.23 ? 276 ARG A NE  1 
ATOM   765  C  CZ  . ARG A 1 101 ? 4.541   0.225   -17.187 1.00 43.39 ? 276 ARG A CZ  1 
ATOM   766  N  NH1 . ARG A 1 101 ? 5.064   1.408   -17.485 1.00 41.52 ? 276 ARG A NH1 1 
ATOM   767  N  NH2 . ARG A 1 101 ? 5.248   -0.877  -17.401 1.00 26.65 ? 276 ARG A NH2 1 
ATOM   768  N  N   . LEU A 1 102 ? 3.637   1.306   -10.935 1.00 20.84 ? 277 LEU A N   1 
ATOM   769  C  CA  . LEU A 1 102 ? 4.939   1.258   -10.279 1.00 19.69 ? 277 LEU A CA  1 
ATOM   770  C  C   . LEU A 1 102 ? 5.462   -0.171  -10.206 1.00 21.55 ? 277 LEU A C   1 
ATOM   771  O  O   . LEU A 1 102 ? 4.755   -1.079  -9.767  1.00 24.57 ? 277 LEU A O   1 
ATOM   772  C  CB  . LEU A 1 102 ? 4.860   1.857   -8.872  1.00 26.73 ? 277 LEU A CB  1 
ATOM   773  C  CG  . LEU A 1 102 ? 6.142   1.781   -8.036  1.00 22.63 ? 277 LEU A CG  1 
ATOM   774  C  CD1 . LEU A 1 102 ? 7.235   2.638   -8.655  1.00 20.65 ? 277 LEU A CD1 1 
ATOM   775  C  CD2 . LEU A 1 102 ? 5.892   2.191   -6.593  1.00 25.92 ? 277 LEU A CD2 1 
ATOM   776  N  N   . GLN A 1 103 ? 6.701   -0.366  -10.646 1.00 18.97 ? 278 GLN A N   1 
ATOM   777  C  CA  . GLN A 1 103 ? 7.339   -1.676  -10.581 1.00 23.56 ? 278 GLN A CA  1 
ATOM   778  C  C   . GLN A 1 103 ? 8.110   -1.809  -9.271  1.00 24.36 ? 278 GLN A C   1 
ATOM   779  O  O   . GLN A 1 103 ? 8.923   -0.947  -8.934  1.00 29.09 ? 278 GLN A O   1 
ATOM   780  C  CB  . GLN A 1 103 ? 8.294   -1.856  -11.759 1.00 21.35 ? 278 GLN A CB  1 
ATOM   781  C  CG  . GLN A 1 103 ? 7.737   -1.372  -13.096 1.00 24.41 ? 278 GLN A CG  1 
ATOM   782  C  CD  . GLN A 1 103 ? 6.832   -2.390  -13.762 1.00 35.13 ? 278 GLN A CD  1 
ATOM   783  O  OE1 . GLN A 1 103 ? 7.165   -3.572  -13.852 1.00 27.91 ? 278 GLN A OE1 1 
ATOM   784  N  NE2 . GLN A 1 103 ? 5.680   -1.933  -14.243 1.00 31.47 ? 278 GLN A NE2 1 
ATOM   785  N  N   . LEU A 1 104 ? 7.849   -2.883  -8.531  1.00 17.02 ? 279 LEU A N   1 
ATOM   786  C  CA  . LEU A 1 104 ? 8.546   -3.130  -7.270  1.00 21.21 ? 279 LEU A CA  1 
ATOM   787  C  C   . LEU A 1 104 ? 9.191   -4.514  -7.250  1.00 27.23 ? 279 LEU A C   1 
ATOM   788  O  O   . LEU A 1 104 ? 8.573   -5.502  -7.652  1.00 19.79 ? 279 LEU A O   1 
ATOM   789  C  CB  . LEU A 1 104 ? 7.588   -2.993  -6.082  1.00 19.15 ? 279 LEU A CB  1 
ATOM   790  C  CG  . LEU A 1 104 ? 7.081   -1.599  -5.704  1.00 21.65 ? 279 LEU A CG  1 
ATOM   791  C  CD1 . LEU A 1 104 ? 6.184   -1.664  -4.472  1.00 16.68 ? 279 LEU A CD1 1 
ATOM   792  C  CD2 . LEU A 1 104 ? 8.245   -0.653  -5.464  1.00 19.72 ? 279 LEU A CD2 1 
ATOM   793  N  N   . LEU A 1 105 ? 10.434  -4.579  -6.781  1.00 17.64 ? 280 LEU A N   1 
ATOM   794  C  CA  . LEU A 1 105 ? 11.121  -5.854  -6.598  1.00 22.92 ? 280 LEU A CA  1 
ATOM   795  C  C   . LEU A 1 105 ? 11.154  -6.215  -5.115  1.00 18.67 ? 280 LEU A C   1 
ATOM   796  O  O   . LEU A 1 105 ? 11.876  -5.588  -4.340  1.00 22.24 ? 280 LEU A O   1 
ATOM   797  C  CB  . LEU A 1 105 ? 12.548  -5.787  -7.146  1.00 20.41 ? 280 LEU A CB  1 
ATOM   798  C  CG  . LEU A 1 105 ? 13.409  -7.040  -6.949  1.00 24.86 ? 280 LEU A CG  1 
ATOM   799  C  CD1 . LEU A 1 105 ? 13.030  -8.130  -7.942  1.00 22.37 ? 280 LEU A CD1 1 
ATOM   800  C  CD2 . LEU A 1 105 ? 14.893  -6.711  -7.050  1.00 29.71 ? 280 LEU A CD2 1 
ATOM   801  N  N   . PRO A 1 106 ? 10.364  -7.227  -4.720  1.00 18.94 ? 281 PRO A N   1 
ATOM   802  C  CA  . PRO A 1 106 ? 10.257  -7.675  -3.327  1.00 20.96 ? 281 PRO A CA  1 
ATOM   803  C  C   . PRO A 1 106 ? 11.605  -7.990  -2.680  1.00 20.29 ? 281 PRO A C   1 
ATOM   804  O  O   . PRO A 1 106 ? 11.794  -7.671  -1.507  1.00 20.98 ? 281 PRO A O   1 
ATOM   805  C  CB  . PRO A 1 106 ? 9.433   -8.956  -3.440  1.00 26.91 ? 281 PRO A CB  1 
ATOM   806  C  CG  . PRO A 1 106 ? 8.576   -8.732  -4.641  1.00 24.53 ? 281 PRO A CG  1 
ATOM   807  C  CD  . PRO A 1 106 ? 9.434   -7.954  -5.604  1.00 20.68 ? 281 PRO A CD  1 
ATOM   808  N  N   . GLU A 1 107 ? 12.518  -8.603  -3.433  1.00 21.63 ? 282 GLU A N   1 
ATOM   809  C  CA  . GLU A 1 107 ? 13.814  -9.017  -2.892  1.00 23.63 ? 282 GLU A CA  1 
ATOM   810  C  C   . GLU A 1 107 ? 14.636  -7.847  -2.350  1.00 21.65 ? 282 GLU A C   1 
ATOM   811  O  O   . GLU A 1 107 ? 15.465  -8.024  -1.456  1.00 25.58 ? 282 GLU A O   1 
ATOM   812  C  CB  . GLU A 1 107 ? 14.626  -9.777  -3.944  1.00 25.04 ? 282 GLU A CB  1 
ATOM   813  C  CG  . GLU A 1 107 ? 14.075  -11.149 -4.306  1.00 45.10 ? 282 GLU A CG  1 
ATOM   814  C  CD  . GLU A 1 107 ? 15.019  -11.927 -5.203  1.00 71.57 ? 282 GLU A CD  1 
ATOM   815  O  OE1 . GLU A 1 107 ? 16.009  -11.331 -5.680  1.00 60.28 ? 282 GLU A OE1 1 
ATOM   816  O  OE2 . GLU A 1 107 ? 14.777  -13.132 -5.429  1.00 76.25 ? 282 GLU A OE2 1 
ATOM   817  N  N   . SER A 1 108 ? 14.408  -6.654  -2.893  1.00 19.97 ? 283 SER A N   1 
ATOM   818  C  CA  . SER A 1 108 ? 15.111  -5.462  -2.431  1.00 20.08 ? 283 SER A CA  1 
ATOM   819  C  C   . SER A 1 108 ? 14.699  -5.079  -1.015  1.00 28.42 ? 283 SER A C   1 
ATOM   820  O  O   . SER A 1 108 ? 15.456  -4.425  -0.296  1.00 28.94 ? 283 SER A O   1 
ATOM   821  C  CB  . SER A 1 108 ? 14.852  -4.283  -3.372  1.00 21.51 ? 283 SER A CB  1 
ATOM   822  O  OG  . SER A 1 108 ? 15.418  -4.510  -4.650  1.00 24.39 ? 283 SER A OG  1 
ATOM   823  N  N   . PHE A 1 109 ? 13.503  -5.499  -0.615  1.00 19.41 ? 284 PHE A N   1 
ATOM   824  C  CA  . PHE A 1 109 ? 12.917  -5.023  0.634   1.00 24.37 ? 284 PHE A CA  1 
ATOM   825  C  C   . PHE A 1 109 ? 12.537  -6.151  1.602   1.00 22.75 ? 284 PHE A C   1 
ATOM   826  O  O   . PHE A 1 109 ? 12.330  -5.911  2.795   1.00 27.62 ? 284 PHE A O   1 
ATOM   827  C  CB  . PHE A 1 109 ? 11.704  -4.140  0.329   1.00 22.30 ? 284 PHE A CB  1 
ATOM   828  C  CG  . PHE A 1 109 ? 11.954  -3.113  -0.747  1.00 25.65 ? 284 PHE A CG  1 
ATOM   829  C  CD1 . PHE A 1 109 ? 12.790  -2.029  -0.511  1.00 27.87 ? 284 PHE A CD1 1 
ATOM   830  C  CD2 . PHE A 1 109 ? 11.346  -3.225  -1.990  1.00 26.11 ? 284 PHE A CD2 1 
ATOM   831  C  CE1 . PHE A 1 109 ? 13.018  -1.079  -1.495  1.00 31.16 ? 284 PHE A CE1 1 
ATOM   832  C  CE2 . PHE A 1 109 ? 11.569  -2.280  -2.978  1.00 26.51 ? 284 PHE A CE2 1 
ATOM   833  C  CZ  . PHE A 1 109 ? 12.407  -1.206  -2.730  1.00 31.45 ? 284 PHE A CZ  1 
ATOM   834  N  N   . ILE A 1 110 ? 12.452  -7.375  1.089   1.00 20.81 ? 285 ILE A N   1 
ATOM   835  C  CA  . ILE A 1 110 ? 12.095  -8.528  1.909   1.00 21.57 ? 285 ILE A CA  1 
ATOM   836  C  C   . ILE A 1 110 ? 13.235  -9.543  1.951   1.00 30.30 ? 285 ILE A C   1 
ATOM   837  O  O   . ILE A 1 110 ? 13.742  -9.952  0.905   1.00 25.45 ? 285 ILE A O   1 
ATOM   838  C  CB  . ILE A 1 110 ? 10.827  -9.235  1.367   1.00 24.31 ? 285 ILE A CB  1 
ATOM   839  C  CG1 . ILE A 1 110 ? 9.718   -8.220  1.072   1.00 21.70 ? 285 ILE A CG1 1 
ATOM   840  C  CG2 . ILE A 1 110 ? 10.348  -10.313 2.339   1.00 21.85 ? 285 ILE A CG2 1 
ATOM   841  C  CD1 . ILE A 1 110 ? 9.285   -7.424  2.278   1.00 22.85 ? 285 ILE A CD1 1 
ATOM   842  N  N   . CYS A 1 111 ? 13.645  -9.936  3.155   1.00 24.25 ? 286 CYS A N   1 
ATOM   843  C  CA  . CYS A 1 111 ? 14.576  -11.046 3.310   1.00 31.25 ? 286 CYS A CA  1 
ATOM   844  C  C   . CYS A 1 111 ? 13.754  -12.329 3.347   1.00 32.65 ? 286 CYS A C   1 
ATOM   845  O  O   . CYS A 1 111 ? 13.283  -12.726 4.413   1.00 37.27 ? 286 CYS A O   1 
ATOM   846  C  CB  . CYS A 1 111 ? 15.367  -10.913 4.616   1.00 34.09 ? 286 CYS A CB  1 
ATOM   847  S  SG  . CYS A 1 111 ? 16.153  -9.312  4.900   1.00 62.53 ? 286 CYS A SG  1 
ATOM   848  N  N   . LYS A 1 112 ? 13.564  -12.969 2.194   1.00 33.07 ? 287 LYS A N   1 
ATOM   849  C  CA  . LYS A 1 112 ? 12.720  -14.162 2.131   1.00 40.29 ? 287 LYS A CA  1 
ATOM   850  C  C   . LYS A 1 112 ? 13.238  -15.328 2.976   1.00 39.91 ? 287 LYS A C   1 
ATOM   851  O  O   . LYS A 1 112 ? 12.467  -16.204 3.368   1.00 50.33 ? 287 LYS A O   1 
ATOM   852  C  CB  . LYS A 1 112 ? 12.504  -14.615 0.685   1.00 45.49 ? 287 LYS A CB  1 
ATOM   853  C  CG  . LYS A 1 112 ? 13.777  -14.977 -0.061  1.00 58.44 ? 287 LYS A CG  1 
ATOM   854  C  CD  . LYS A 1 112 ? 13.591  -16.240 -0.888  1.00 56.29 ? 287 LYS A CD  1 
ATOM   855  C  CE  . LYS A 1 112 ? 12.557  -16.049 -1.980  1.00 63.48 ? 287 LYS A CE  1 
ATOM   856  N  NZ  . LYS A 1 112 ? 12.148  -17.353 -2.575  1.00 68.21 ? 287 LYS A NZ  1 
ATOM   857  N  N   . GLU A 1 113 ? 14.538  -15.343 3.259   1.00 42.21 ? 288 GLU A N   1 
ATOM   858  C  CA  . GLU A 1 113 ? 15.111  -16.405 4.081   1.00 53.74 ? 288 GLU A CA  1 
ATOM   859  C  C   . GLU A 1 113 ? 14.912  -16.170 5.581   1.00 48.60 ? 288 GLU A C   1 
ATOM   860  O  O   . GLU A 1 113 ? 15.275  -17.013 6.406   1.00 48.08 ? 288 GLU A O   1 
ATOM   861  C  CB  . GLU A 1 113 ? 16.591  -16.607 3.751   1.00 51.27 ? 288 GLU A CB  1 
ATOM   862  C  CG  . GLU A 1 113 ? 16.867  -17.948 3.100   1.00 62.60 ? 288 GLU A CG  1 
ATOM   863  C  CD  . GLU A 1 113 ? 15.766  -18.350 2.137   1.00 74.96 ? 288 GLU A CD  1 
ATOM   864  O  OE1 . GLU A 1 113 ? 15.003  -19.284 2.460   1.00 69.69 ? 288 GLU A OE1 1 
ATOM   865  O  OE2 . GLU A 1 113 ? 15.662  -17.728 1.059   1.00 72.78 ? 288 GLU A OE2 1 
ATOM   866  N  N   . LYS A 1 114 ? 14.328  -15.025 5.923   1.00 45.60 ? 289 LYS A N   1 
ATOM   867  C  CA  . LYS A 1 114 ? 14.003  -14.704 7.309   1.00 31.54 ? 289 LYS A CA  1 
ATOM   868  C  C   . LYS A 1 114 ? 12.492  -14.567 7.509   1.00 39.70 ? 289 LYS A C   1 
ATOM   869  O  O   . LYS A 1 114 ? 12.042  -13.957 8.482   1.00 33.81 ? 289 LYS A O   1 
ATOM   870  C  CB  . LYS A 1 114 ? 14.708  -13.419 7.748   1.00 43.03 ? 289 LYS A CB  1 
ATOM   871  C  CG  . LYS A 1 114 ? 16.203  -13.570 8.014   1.00 46.78 ? 289 LYS A CG  1 
ATOM   872  C  CD  . LYS A 1 114 ? 16.819  -12.236 8.419   1.00 37.31 ? 289 LYS A CD  1 
ATOM   873  C  CE  . LYS A 1 114 ? 18.187  -12.415 9.066   1.00 58.93 ? 289 LYS A CE  1 
ATOM   874  N  NZ  . LYS A 1 114 ? 19.194  -13.000 8.136   1.00 63.63 ? 289 LYS A NZ  1 
ATOM   875  N  N   . LEU A 1 115 ? 11.716  -15.140 6.590   1.00 38.71 ? 290 LEU A N   1 
ATOM   876  C  CA  . LEU A 1 115 ? 10.255  -15.078 6.654   1.00 38.95 ? 290 LEU A CA  1 
ATOM   877  C  C   . LEU A 1 115 ? 9.684   -15.776 7.887   1.00 36.79 ? 290 LEU A C   1 
ATOM   878  O  O   . LEU A 1 115 ? 8.555   -15.498 8.296   1.00 36.70 ? 290 LEU A O   1 
ATOM   879  C  CB  . LEU A 1 115 ? 9.629   -15.682 5.394   1.00 33.19 ? 290 LEU A CB  1 
ATOM   880  C  CG  . LEU A 1 115 ? 9.396   -14.759 4.196   1.00 35.47 ? 290 LEU A CG  1 
ATOM   881  C  CD1 . LEU A 1 115 ? 8.646   -15.495 3.096   1.00 36.22 ? 290 LEU A CD1 1 
ATOM   882  C  CD2 . LEU A 1 115 ? 8.636   -13.513 4.618   1.00 25.25 ? 290 LEU A CD2 1 
ATOM   883  N  N   . GLY A 1 116 ? 10.461  -16.686 8.469   1.00 38.10 ? 291 GLY A N   1 
ATOM   884  C  CA  . GLY A 1 116 ? 10.019  -17.429 9.637   1.00 33.21 ? 291 GLY A CA  1 
ATOM   885  C  C   . GLY A 1 116 ? 10.560  -16.850 10.928  1.00 39.50 ? 291 GLY A C   1 
ATOM   886  O  O   . GLY A 1 116 ? 10.643  -17.539 11.946  1.00 54.12 ? 291 GLY A O   1 
ATOM   887  N  N   . GLU A 1 117 ? 10.932  -15.574 10.881  1.00 34.65 ? 292 GLU A N   1 
ATOM   888  C  CA  . GLU A 1 117 ? 11.457  -14.882 12.049  1.00 37.22 ? 292 GLU A CA  1 
ATOM   889  C  C   . GLU A 1 117 ? 10.579  -13.693 12.409  1.00 34.46 ? 292 GLU A C   1 
ATOM   890  O  O   . GLU A 1 117 ? 9.356   -13.749 12.272  1.00 31.36 ? 292 GLU A O   1 
ATOM   891  C  CB  . GLU A 1 117 ? 12.891  -14.419 11.796  1.00 33.25 ? 292 GLU A CB  1 
ATOM   892  C  CG  . GLU A 1 117 ? 13.853  -15.562 11.525  1.00 32.34 ? 292 GLU A CG  1 
ATOM   893  C  CD  . GLU A 1 117 ? 15.289  -15.106 11.381  1.00 59.41 ? 292 GLU A CD  1 
ATOM   894  O  OE1 . GLU A 1 117 ? 15.556  -13.898 11.554  1.00 59.74 ? 292 GLU A OE1 1 
ATOM   895  O  OE2 . GLU A 1 117 ? 16.153  -15.964 11.095  1.00 63.50 ? 292 GLU A OE2 1 
ATOM   896  N  N   . ASN A 1 118 ? 11.204  -12.614 12.860  1.00 30.36 ? 293 ASN A N   1 
ATOM   897  C  CA  . ASN A 1 118 ? 10.446  -11.452 13.305  1.00 28.22 ? 293 ASN A CA  1 
ATOM   898  C  C   . ASN A 1 118 ? 10.311  -10.355 12.254  1.00 28.84 ? 293 ASN A C   1 
ATOM   899  O  O   . ASN A 1 118 ? 11.052  -10.325 11.269  1.00 26.47 ? 293 ASN A O   1 
ATOM   900  C  CB  . ASN A 1 118 ? 11.039  -10.883 14.598  1.00 29.82 ? 293 ASN A CB  1 
ATOM   901  C  CG  . ASN A 1 118 ? 10.921  -11.851 15.756  1.00 37.49 ? 293 ASN A CG  1 
ATOM   902  O  OD1 . ASN A 1 118 ? 11.705  -11.826 16.709  1.00 40.95 ? 293 ASN A OD1 1 
ATOM   903  N  ND2 . ASN A 1 118 ? 9.947   -12.731 15.663  1.00 31.83 ? 293 ASN A ND2 1 
ATOM   904  N  N   . VAL A 1 119 ? 9.359   -9.453  12.482  1.00 27.80 ? 294 VAL A N   1 
ATOM   905  C  CA  . VAL A 1 119 ? 9.124   -8.336  11.578  1.00 28.89 ? 294 VAL A CA  1 
ATOM   906  C  C   . VAL A 1 119 ? 10.399  -7.506  11.422  1.00 30.86 ? 294 VAL A C   1 
ATOM   907  O  O   . VAL A 1 119 ? 10.708  -7.014  10.334  1.00 30.00 ? 294 VAL A O   1 
ATOM   908  C  CB  . VAL A 1 119 ? 7.947   -7.458  12.063  1.00 30.22 ? 294 VAL A CB  1 
ATOM   909  C  CG1 . VAL A 1 119 ? 7.812   -6.214  11.206  1.00 33.05 ? 294 VAL A CG1 1 
ATOM   910  C  CG2 . VAL A 1 119 ? 6.648   -8.253  12.040  1.00 33.96 ? 294 VAL A CG2 1 
ATOM   911  N  N   . ALA A 1 120 ? 11.158  -7.383  12.509  1.00 22.60 ? 295 ALA A N   1 
ATOM   912  C  CA  . ALA A 1 120 ? 12.440  -6.684  12.479  1.00 30.86 ? 295 ALA A CA  1 
ATOM   913  C  C   . ALA A 1 120 ? 13.437  -7.353  11.533  1.00 20.89 ? 295 ALA A C   1 
ATOM   914  O  O   . ALA A 1 120 ? 14.353  -6.704  11.024  1.00 27.15 ? 295 ALA A O   1 
ATOM   915  C  CB  . ALA A 1 120 ? 13.025  -6.596  13.881  1.00 23.63 ? 295 ALA A CB  1 
ATOM   916  N  N   . ASN A 1 121 ? 13.255  -8.652  11.310  1.00 20.91 ? 296 ASN A N   1 
ATOM   917  C  CA  . ASN A 1 121 ? 14.154  -9.429  10.465  1.00 24.62 ? 296 ASN A CA  1 
ATOM   918  C  C   . ASN A 1 121 ? 13.659  -9.546  9.026   1.00 34.65 ? 296 ASN A C   1 
ATOM   919  O  O   . ASN A 1 121 ? 14.454  -9.665  8.095   1.00 31.68 ? 296 ASN A O   1 
ATOM   920  C  CB  . ASN A 1 121 ? 14.334  -10.836 11.037  1.00 23.13 ? 296 ASN A CB  1 
ATOM   921  C  CG  . ASN A 1 121 ? 14.667  -10.832 12.515  1.00 36.01 ? 296 ASN A CG  1 
ATOM   922  O  OD1 . ASN A 1 121 ? 13.865  -11.263 13.341  1.00 38.24 ? 296 ASN A OD1 1 
ATOM   923  N  ND2 . ASN A 1 121 ? 15.857  -10.357 12.855  1.00 31.33 ? 296 ASN A ND2 1 
ATOM   924  N  N   . ILE A 1 122 ? 12.340  -9.527  8.855   1.00 24.58 ? 297 ILE A N   1 
ATOM   925  C  CA  . ILE A 1 122 ? 11.718  -9.769  7.553   1.00 23.20 ? 297 ILE A CA  1 
ATOM   926  C  C   . ILE A 1 122 ? 11.943  -8.618  6.577   1.00 22.63 ? 297 ILE A C   1 
ATOM   927  O  O   . ILE A 1 122 ? 12.283  -8.831  5.408   1.00 26.03 ? 297 ILE A O   1 
ATOM   928  C  CB  . ILE A 1 122 ? 10.205  -10.048 7.704   1.00 19.86 ? 297 ILE A CB  1 
ATOM   929  C  CG1 . ILE A 1 122 ? 9.992   -11.387 8.411   1.00 25.30 ? 297 ILE A CG1 1 
ATOM   930  C  CG2 . ILE A 1 122 ? 9.512   -10.055 6.349   1.00 24.87 ? 297 ILE A CG2 1 
ATOM   931  C  CD1 . ILE A 1 122 ? 8.542   -11.777 8.583   1.00 28.47 ? 297 ILE A CD1 1 
ATOM   932  N  N   . TYR A 1 123 ? 11.756  -7.398  7.067   1.00 21.98 ? 298 TYR A N   1 
ATOM   933  C  CA  . TYR A 1 123 ? 11.928  -6.211  6.243   1.00 23.06 ? 298 TYR A CA  1 
ATOM   934  C  C   . TYR A 1 123 ? 13.323  -5.620  6.389   1.00 32.22 ? 298 TYR A C   1 
ATOM   935  O  O   . TYR A 1 123 ? 13.856  -5.508  7.496   1.00 24.18 ? 298 TYR A O   1 
ATOM   936  C  CB  . TYR A 1 123 ? 10.874  -5.163  6.596   1.00 28.10 ? 298 TYR A CB  1 
ATOM   937  C  CG  . TYR A 1 123 ? 9.458   -5.625  6.355   1.00 26.73 ? 298 TYR A CG  1 
ATOM   938  C  CD1 . TYR A 1 123 ? 8.845   -5.430  5.125   1.00 18.92 ? 298 TYR A CD1 1 
ATOM   939  C  CD2 . TYR A 1 123 ? 8.735   -6.260  7.355   1.00 24.40 ? 298 TYR A CD2 1 
ATOM   940  C  CE1 . TYR A 1 123 ? 7.549   -5.854  4.899   1.00 21.52 ? 298 TYR A CE1 1 
ATOM   941  C  CE2 . TYR A 1 123 ? 7.441   -6.688  7.140   1.00 19.68 ? 298 TYR A CE2 1 
ATOM   942  C  CZ  . TYR A 1 123 ? 6.852   -6.482  5.911   1.00 21.35 ? 298 TYR A CZ  1 
ATOM   943  O  OH  . TYR A 1 123 ? 5.563   -6.906  5.693   1.00 18.29 ? 298 TYR A OH  1 
ATOM   944  N  N   . LYS A 1 124 ? 13.914  -5.254  5.257   1.00 24.81 ? 299 LYS A N   1 
ATOM   945  C  CA  . LYS A 1 124 ? 15.192  -4.555  5.238   1.00 27.95 ? 299 LYS A CA  1 
ATOM   946  C  C   . LYS A 1 124 ? 15.035  -3.291  4.403   1.00 40.35 ? 299 LYS A C   1 
ATOM   947  O  O   . LYS A 1 124 ? 14.183  -3.239  3.515   1.00 44.41 ? 299 LYS A O   1 
ATOM   948  C  CB  . LYS A 1 124 ? 16.287  -5.444  4.643   1.00 39.27 ? 299 LYS A CB  1 
ATOM   949  C  CG  . LYS A 1 124 ? 15.893  -6.101  3.328   1.00 21.79 ? 299 LYS A CG  1 
ATOM   950  C  CD  . LYS A 1 124 ? 17.088  -6.759  2.654   1.00 37.08 ? 299 LYS A CD  1 
ATOM   951  C  CE  . LYS A 1 124 ? 16.631  -7.681  1.535   1.00 31.92 ? 299 LYS A CE  1 
ATOM   952  N  NZ  . LYS A 1 124 ? 17.767  -8.213  0.732   1.00 32.19 ? 299 LYS A NZ  1 
ATOM   953  N  N   . ASP A 1 125 ? 15.846  -2.279  4.699   1.00 35.67 ? 300 ASP A N   1 
ATOM   954  C  CA  . ASP A 1 125 ? 15.828  -1.007  3.972   1.00 38.99 ? 300 ASP A CA  1 
ATOM   955  C  C   . ASP A 1 125 ? 14.443  -0.363  3.947   1.00 36.42 ? 300 ASP A C   1 
ATOM   956  O  O   . ASP A 1 125 ? 13.913  -0.032  2.884   1.00 34.06 ? 300 ASP A O   1 
ATOM   957  C  CB  . ASP A 1 125 ? 16.361  -1.193  2.550   1.00 44.10 ? 300 ASP A CB  1 
ATOM   958  C  CG  . ASP A 1 125 ? 17.738  -1.813  2.530   1.00 51.28 ? 300 ASP A CG  1 
ATOM   959  O  OD1 . ASP A 1 125 ? 18.473  -1.646  3.526   1.00 61.62 ? 300 ASP A OD1 1 
ATOM   960  O  OD2 . ASP A 1 125 ? 18.086  -2.468  1.526   1.00 61.67 ? 300 ASP A OD2 1 
ATOM   961  N  N   . LEU A 1 126 ? 13.871  -0.178  5.133   1.00 29.42 ? 301 LEU A N   1 
ATOM   962  C  CA  . LEU A 1 126 ? 12.507  0.317   5.264   1.00 33.47 ? 301 LEU A CA  1 
ATOM   963  C  C   . LEU A 1 126 ? 12.330  1.773   4.834   1.00 31.47 ? 301 LEU A C   1 
ATOM   964  O  O   . LEU A 1 126 ? 11.374  2.102   4.126   1.00 29.25 ? 301 LEU A O   1 
ATOM   965  C  CB  . LEU A 1 126 ? 11.995  0.117   6.692   1.00 35.32 ? 301 LEU A CB  1 
ATOM   966  C  CG  . LEU A 1 126 ? 10.664  -0.631  6.719   1.00 35.24 ? 301 LEU A CG  1 
ATOM   967  C  CD1 . LEU A 1 126 ? 10.742  -1.788  5.757   1.00 42.93 ? 301 LEU A CD1 1 
ATOM   968  C  CD2 . LEU A 1 126 ? 10.318  -1.131  8.105   1.00 42.01 ? 301 LEU A CD2 1 
ATOM   969  N  N   . GLN A 1 127 ? 13.240  2.643   5.265   1.00 24.98 ? 302 GLN A N   1 
ATOM   970  C  CA  . GLN A 1 127 ? 13.175  4.048   4.878   1.00 29.18 ? 302 GLN A CA  1 
ATOM   971  C  C   . GLN A 1 127 ? 13.297  4.192   3.364   1.00 24.38 ? 302 GLN A C   1 
ATOM   972  O  O   . GLN A 1 127 ? 12.699  5.088   2.760   1.00 25.25 ? 302 GLN A O   1 
ATOM   973  C  CB  . GLN A 1 127 ? 14.265  4.866   5.574   1.00 30.79 ? 302 GLN A CB  1 
ATOM   974  C  CG  . GLN A 1 127 ? 14.280  6.329   5.136   1.00 40.91 ? 302 GLN A CG  1 
ATOM   975  C  CD  . GLN A 1 127 ? 15.250  7.187   5.923   1.00 51.69 ? 302 GLN A CD  1 
ATOM   976  O  OE1 . GLN A 1 127 ? 14.848  7.930   6.818   1.00 41.55 ? 302 GLN A OE1 1 
ATOM   977  N  NE2 . GLN A 1 127 ? 16.531  7.102   5.581   1.00 38.22 ? 302 GLN A NE2 1 
ATOM   978  N  N   . LYS A 1 128 ? 14.066  3.294   2.754   1.00 24.39 ? 303 LYS A N   1 
ATOM   979  C  CA  . LYS A 1 128 ? 14.255  3.302   1.309   1.00 27.51 ? 303 LYS A CA  1 
ATOM   980  C  C   . LYS A 1 128 ? 12.958  2.987   0.560   1.00 25.28 ? 303 LYS A C   1 
ATOM   981  O  O   . LYS A 1 128 ? 12.635  3.648   -0.430  1.00 24.65 ? 303 LYS A O   1 
ATOM   982  C  CB  . LYS A 1 128 ? 15.366  2.328   0.902   1.00 31.54 ? 303 LYS A CB  1 
ATOM   983  C  CG  . LYS A 1 128 ? 16.747  2.726   1.415   1.00 37.86 ? 303 LYS A CG  1 
ATOM   984  C  CD  . LYS A 1 128 ? 17.846  1.874   0.796   1.00 43.11 ? 303 LYS A CD  1 
ATOM   985  C  CE  . LYS A 1 128 ? 19.218  2.251   1.344   1.00 56.07 ? 303 LYS A CE  1 
ATOM   986  N  NZ  . LYS A 1 128 ? 19.617  3.637   0.967   1.00 50.04 ? 303 LYS A NZ  1 
ATOM   987  N  N   . LEU A 1 129 ? 12.218  1.984   1.028   1.00 24.55 ? 304 LEU A N   1 
ATOM   988  C  CA  . LEU A 1 129 ? 10.937  1.646   0.411   1.00 23.31 ? 304 LEU A CA  1 
ATOM   989  C  C   . LEU A 1 129 ? 9.915   2.761   0.625   1.00 22.39 ? 304 LEU A C   1 
ATOM   990  O  O   . LEU A 1 129 ? 9.181   3.123   -0.298  1.00 18.98 ? 304 LEU A O   1 
ATOM   991  C  CB  . LEU A 1 129 ? 10.391  0.313   0.940   1.00 23.08 ? 304 LEU A CB  1 
ATOM   992  C  CG  . LEU A 1 129 ? 9.037   -0.107  0.354   1.00 25.82 ? 304 LEU A CG  1 
ATOM   993  C  CD1 . LEU A 1 129 ? 9.043   0.008   -1.162  1.00 16.36 ? 304 LEU A CD1 1 
ATOM   994  C  CD2 . LEU A 1 129 ? 8.677   -1.518  0.748   1.00 31.32 ? 304 LEU A CD2 1 
ATOM   995  N  N   . SER A 1 130 ? 9.881   3.301   1.841   1.00 17.03 ? 305 SER A N   1 
ATOM   996  C  CA  . SER A 1 130 ? 8.958   4.378   2.186   1.00 19.83 ? 305 SER A CA  1 
ATOM   997  C  C   . SER A 1 130 ? 9.165   5.588   1.289   1.00 20.70 ? 305 SER A C   1 
ATOM   998  O  O   . SER A 1 130 ? 8.210   6.122   0.734   1.00 15.82 ? 305 SER A O   1 
ATOM   999  C  CB  . SER A 1 130 ? 9.139   4.788   3.647   1.00 26.94 ? 305 SER A CB  1 
ATOM   1000 O  OG  . SER A 1 130 ? 9.032   3.666   4.503   1.00 42.36 ? 305 SER A OG  1 
ATOM   1001 N  N   . ARG A 1 131 ? 10.416  6.019   1.150   1.00 17.06 ? 306 ARG A N   1 
ATOM   1002 C  CA  . ARG A 1 131 ? 10.731  7.154   0.290   1.00 21.55 ? 306 ARG A CA  1 
ATOM   1003 C  C   . ARG A 1 131 ? 10.395  6.854   -1.167  1.00 18.19 ? 306 ARG A C   1 
ATOM   1004 O  O   . ARG A 1 131 ? 9.808   7.688   -1.851  1.00 22.94 ? 306 ARG A O   1 
ATOM   1005 C  CB  . ARG A 1 131 ? 12.199  7.559   0.422   1.00 18.65 ? 306 ARG A CB  1 
ATOM   1006 C  CG  . ARG A 1 131 ? 12.512  8.312   1.703   1.00 27.56 ? 306 ARG A CG  1 
ATOM   1007 C  CD  . ARG A 1 131 ? 13.971  8.734   1.755   1.00 25.93 ? 306 ARG A CD  1 
ATOM   1008 N  NE  . ARG A 1 131 ? 14.256  9.553   2.928   1.00 39.50 ? 306 ARG A NE  1 
ATOM   1009 C  CZ  . ARG A 1 131 ? 15.452  10.055  3.215   1.00 40.15 ? 306 ARG A CZ  1 
ATOM   1010 N  NH1 . ARG A 1 131 ? 16.481  9.820   2.411   1.00 37.11 ? 306 ARG A NH1 1 
ATOM   1011 N  NH2 . ARG A 1 131 ? 15.624  10.790  4.305   1.00 29.85 ? 306 ARG A NH2 1 
ATOM   1012 N  N   . LEU A 1 132 ? 10.759  5.662   -1.635  1.00 17.20 ? 307 LEU A N   1 
ATOM   1013 C  CA  . LEU A 1 132 ? 10.431  5.257   -3.000  1.00 16.82 ? 307 LEU A CA  1 
ATOM   1014 C  C   . LEU A 1 132 ? 8.926   5.253   -3.248  1.00 18.24 ? 307 LEU A C   1 
ATOM   1015 O  O   . LEU A 1 132 ? 8.443   5.863   -4.205  1.00 17.99 ? 307 LEU A O   1 
ATOM   1016 C  CB  . LEU A 1 132 ? 10.992  3.871   -3.314  1.00 20.59 ? 307 LEU A CB  1 
ATOM   1017 C  CG  . LEU A 1 132 ? 10.535  3.349   -4.680  1.00 25.59 ? 307 LEU A CG  1 
ATOM   1018 C  CD1 . LEU A 1 132 ? 11.249  4.086   -5.793  1.00 28.09 ? 307 LEU A CD1 1 
ATOM   1019 C  CD2 . LEU A 1 132 ? 10.745  1.858   -4.817  1.00 33.25 ? 307 LEU A CD2 1 
ATOM   1020 N  N   . PHE A 1 133 ? 8.189   4.556   -2.389  1.00 19.66 ? 308 PHE A N   1 
ATOM   1021 C  CA  . PHE A 1 133 ? 6.751   4.388   -2.581  1.00 14.52 ? 308 PHE A CA  1 
ATOM   1022 C  C   . PHE A 1 133 ? 5.998   5.712   -2.457  1.00 15.43 ? 308 PHE A C   1 
ATOM   1023 O  O   . PHE A 1 133 ? 5.096   5.998   -3.248  1.00 16.32 ? 308 PHE A O   1 
ATOM   1024 C  CB  . PHE A 1 133 ? 6.188   3.352   -1.603  1.00 13.40 ? 308 PHE A CB  1 
ATOM   1025 C  CG  . PHE A 1 133 ? 4.764   2.966   -1.888  1.00 23.31 ? 308 PHE A CG  1 
ATOM   1026 C  CD1 . PHE A 1 133 ? 4.448   2.214   -3.013  1.00 18.45 ? 308 PHE A CD1 1 
ATOM   1027 C  CD2 . PHE A 1 133 ? 3.742   3.350   -1.033  1.00 20.85 ? 308 PHE A CD2 1 
ATOM   1028 C  CE1 . PHE A 1 133 ? 3.139   1.858   -3.283  1.00 21.71 ? 308 PHE A CE1 1 
ATOM   1029 C  CE2 . PHE A 1 133 ? 2.430   2.994   -1.294  1.00 23.46 ? 308 PHE A CE2 1 
ATOM   1030 C  CZ  . PHE A 1 133 ? 2.129   2.252   -2.421  1.00 15.51 ? 308 PHE A CZ  1 
ATOM   1031 N  N   . LYS A 1 134 ? 6.372   6.519   -1.466  1.00 13.73 ? 309 LYS A N   1 
ATOM   1032 C  CA  . LYS A 1 134 ? 5.761   7.834   -1.285  1.00 18.06 ? 309 LYS A CA  1 
ATOM   1033 C  C   . LYS A 1 134 ? 6.100   8.778   -2.438  1.00 16.39 ? 309 LYS A C   1 
ATOM   1034 O  O   . LYS A 1 134 ? 5.213   9.429   -2.993  1.00 17.26 ? 309 LYS A O   1 
ATOM   1035 C  CB  . LYS A 1 134 ? 6.199   8.458   0.039   1.00 22.31 ? 309 LYS A CB  1 
ATOM   1036 C  CG  . LYS A 1 134 ? 5.570   7.824   1.270   1.00 21.11 ? 309 LYS A CG  1 
ATOM   1037 C  CD  . LYS A 1 134 ? 6.425   8.096   2.497   1.00 23.77 ? 309 LYS A CD  1 
ATOM   1038 C  CE  . LYS A 1 134 ? 5.585   8.489   3.695   1.00 28.63 ? 309 LYS A CE  1 
ATOM   1039 N  NZ  . LYS A 1 134 ? 6.440   8.950   4.828   1.00 43.47 ? 309 LYS A NZ  1 
ATOM   1040 N  N   . ASP A 1 135 ? 7.382   8.854   -2.793  1.00 13.70 ? 310 ASP A N   1 
ATOM   1041 C  CA  . ASP A 1 135 ? 7.817   9.743   -3.870  1.00 12.94 ? 310 ASP A CA  1 
ATOM   1042 C  C   . ASP A 1 135 ? 7.202   9.352   -5.211  1.00 16.69 ? 310 ASP A C   1 
ATOM   1043 O  O   . ASP A 1 135 ? 6.776   10.215  -5.980  1.00 15.51 ? 310 ASP A O   1 
ATOM   1044 C  CB  . ASP A 1 135 ? 9.344   9.760   -4.008  1.00 12.70 ? 310 ASP A CB  1 
ATOM   1045 C  CG  . ASP A 1 135 ? 10.031  10.479  -2.861  1.00 24.18 ? 310 ASP A CG  1 
ATOM   1046 O  OD1 . ASP A 1 135 ? 9.323   11.090  -2.031  1.00 22.55 ? 310 ASP A OD1 1 
ATOM   1047 O  OD2 . ASP A 1 135 ? 11.280  10.439  -2.795  1.00 23.17 ? 310 ASP A OD2 1 
ATOM   1048 N  N   . GLN A 1 136 ? 7.153   8.053   -5.489  1.00 13.71 ? 311 GLN A N   1 
ATOM   1049 C  CA  . GLN A 1 136 ? 6.758   7.601   -6.818  1.00 15.59 ? 311 GLN A CA  1 
ATOM   1050 C  C   . GLN A 1 136 ? 5.294   7.171   -6.953  1.00 21.36 ? 311 GLN A C   1 
ATOM   1051 O  O   . GLN A 1 136 ? 4.816   6.989   -8.070  1.00 20.68 ? 311 GLN A O   1 
ATOM   1052 C  CB  . GLN A 1 136 ? 7.704   6.507   -7.328  1.00 16.83 ? 311 GLN A CB  1 
ATOM   1053 C  CG  . GLN A 1 136 ? 9.104   7.028   -7.653  1.00 23.81 ? 311 GLN A CG  1 
ATOM   1054 C  CD  . GLN A 1 136 ? 9.985   5.994   -8.332  1.00 35.04 ? 311 GLN A CD  1 
ATOM   1055 O  OE1 . GLN A 1 136 ? 9.500   5.008   -8.887  1.00 27.74 ? 311 GLN A OE1 1 
ATOM   1056 N  NE2 . GLN A 1 136 ? 11.294  6.219   -8.289  1.00 29.38 ? 311 GLN A NE2 1 
ATOM   1057 N  N   . LEU A 1 137 ? 4.575   7.018   -5.842  1.00 19.50 ? 312 LEU A N   1 
ATOM   1058 C  CA  . LEU A 1 137 ? 3.156   6.665   -5.945  1.00 11.94 ? 312 LEU A CA  1 
ATOM   1059 C  C   . LEU A 1 137 ? 2.210   7.478   -5.061  1.00 16.11 ? 312 LEU A C   1 
ATOM   1060 O  O   . LEU A 1 137 ? 1.293   8.119   -5.573  1.00 19.00 ? 312 LEU A O   1 
ATOM   1061 C  CB  . LEU A 1 137 ? 2.924   5.168   -5.718  1.00 20.89 ? 312 LEU A CB  1 
ATOM   1062 C  CG  . LEU A 1 137 ? 1.541   4.681   -6.176  1.00 21.81 ? 312 LEU A CG  1 
ATOM   1063 C  CD1 . LEU A 1 137 ? 1.647   3.336   -6.864  1.00 20.90 ? 312 LEU A CD1 1 
ATOM   1064 C  CD2 . LEU A 1 137 ? 0.551   4.606   -5.018  1.00 13.28 ? 312 LEU A CD2 1 
ATOM   1065 N  N   . VAL A 1 138 ? 2.412   7.427   -3.744  1.00 15.14 ? 313 VAL A N   1 
ATOM   1066 C  CA  . VAL A 1 138 ? 1.477   8.055   -2.806  1.00 14.25 ? 313 VAL A CA  1 
ATOM   1067 C  C   . VAL A 1 138 ? 1.300   9.547   -3.063  1.00 19.59 ? 313 VAL A C   1 
ATOM   1068 O  O   . VAL A 1 138 ? 0.176   10.034  -3.194  1.00 16.65 ? 313 VAL A O   1 
ATOM   1069 C  CB  . VAL A 1 138 ? 1.903   7.859   -1.334  1.00 20.61 ? 313 VAL A CB  1 
ATOM   1070 C  CG1 . VAL A 1 138 ? 0.953   8.608   -0.402  1.00 18.22 ? 313 VAL A CG1 1 
ATOM   1071 C  CG2 . VAL A 1 138 ? 1.938   6.385   -0.982  1.00 18.30 ? 313 VAL A CG2 1 
ATOM   1072 N  N   . TYR A 1 139 ? 2.413   10.270  -3.133  1.00 15.44 ? 314 TYR A N   1 
ATOM   1073 C  CA  . TYR A 1 139 ? 2.360   11.715  -3.339  1.00 19.07 ? 314 TYR A CA  1 
ATOM   1074 C  C   . TYR A 1 139 ? 1.864   12.135  -4.738  1.00 20.50 ? 314 TYR A C   1 
ATOM   1075 O  O   . TYR A 1 139 ? 1.065   13.068  -4.851  1.00 19.74 ? 314 TYR A O   1 
ATOM   1076 C  CB  . TYR A 1 139 ? 3.691   12.378  -2.951  1.00 17.42 ? 314 TYR A CB  1 
ATOM   1077 C  CG  . TYR A 1 139 ? 3.987   12.290  -1.463  1.00 20.70 ? 314 TYR A CG  1 
ATOM   1078 C  CD1 . TYR A 1 139 ? 2.986   11.948  -0.557  1.00 23.82 ? 314 TYR A CD1 1 
ATOM   1079 C  CD2 . TYR A 1 139 ? 5.259   12.553  -0.963  1.00 24.62 ? 314 TYR A CD2 1 
ATOM   1080 C  CE1 . TYR A 1 139 ? 3.240   11.865  0.796   1.00 30.01 ? 314 TYR A CE1 1 
ATOM   1081 C  CE2 . TYR A 1 139 ? 5.523   12.474  0.394   1.00 23.44 ? 314 TYR A CE2 1 
ATOM   1082 C  CZ  . TYR A 1 139 ? 4.508   12.130  1.268   1.00 27.66 ? 314 TYR A CZ  1 
ATOM   1083 O  OH  . TYR A 1 139 ? 4.755   12.048  2.620   1.00 30.24 ? 314 TYR A OH  1 
ATOM   1084 N  N   . PRO A 1 140 ? 2.323   11.453  -5.807  1.00 20.87 ? 315 PRO A N   1 
ATOM   1085 C  CA  . PRO A 1 140 ? 1.698   11.746  -7.104  1.00 21.04 ? 315 PRO A CA  1 
ATOM   1086 C  C   . PRO A 1 140 ? 0.204   11.401  -7.147  1.00 15.73 ? 315 PRO A C   1 
ATOM   1087 O  O   . PRO A 1 140 ? -0.541  12.085  -7.851  1.00 19.25 ? 315 PRO A O   1 
ATOM   1088 C  CB  . PRO A 1 140 ? 2.471   10.849  -8.073  1.00 19.28 ? 315 PRO A CB  1 
ATOM   1089 C  CG  . PRO A 1 140 ? 3.813   10.705  -7.447  1.00 18.22 ? 315 PRO A CG  1 
ATOM   1090 C  CD  . PRO A 1 140 ? 3.542   10.636  -5.966  1.00 21.09 ? 315 PRO A CD  1 
ATOM   1091 N  N   . LEU A 1 141 ? -0.223  10.368  -6.419  1.00 14.73 ? 316 LEU A N   1 
ATOM   1092 C  CA  . LEU A 1 141 ? -1.643  10.010  -6.359  1.00 15.51 ? 316 LEU A CA  1 
ATOM   1093 C  C   . LEU A 1 141 ? -2.457  11.122  -5.699  1.00 16.85 ? 316 LEU A C   1 
ATOM   1094 O  O   . LEU A 1 141 ? -3.518  11.514  -6.197  1.00 17.72 ? 316 LEU A O   1 
ATOM   1095 C  CB  . LEU A 1 141 ? -1.849  8.688   -5.609  1.00 15.64 ? 316 LEU A CB  1 
ATOM   1096 C  CG  . LEU A 1 141 ? -3.296  8.237   -5.367  1.00 15.32 ? 316 LEU A CG  1 
ATOM   1097 C  CD1 . LEU A 1 141 ? -4.049  8.053   -6.680  1.00 19.18 ? 316 LEU A CD1 1 
ATOM   1098 C  CD2 . LEU A 1 141 ? -3.356  6.958   -4.540  1.00 16.91 ? 316 LEU A CD2 1 
ATOM   1099 N  N   . LEU A 1 142 ? -1.955  11.627  -4.575  1.00 17.88 ? 317 LEU A N   1 
ATOM   1100 C  CA  . LEU A 1 142 ? -2.612  12.719  -3.864  1.00 17.47 ? 317 LEU A CA  1 
ATOM   1101 C  C   . LEU A 1 142 ? -2.696  13.976  -4.727  1.00 16.78 ? 317 LEU A C   1 
ATOM   1102 O  O   . LEU A 1 142 ? -3.736  14.633  -4.780  1.00 24.87 ? 317 LEU A O   1 
ATOM   1103 C  CB  . LEU A 1 142 ? -1.877  13.022  -2.554  1.00 19.57 ? 317 LEU A CB  1 
ATOM   1104 C  CG  . LEU A 1 142 ? -2.177  12.074  -1.390  1.00 20.23 ? 317 LEU A CG  1 
ATOM   1105 C  CD1 . LEU A 1 142 ? -1.164  12.244  -0.272  1.00 22.46 ? 317 LEU A CD1 1 
ATOM   1106 C  CD2 . LEU A 1 142 ? -3.583  12.317  -0.868  1.00 18.25 ? 317 LEU A CD2 1 
ATOM   1107 N  N   . ALA A 1 143 ? -1.599  14.300  -5.402  1.00 15.22 ? 318 ALA A N   1 
ATOM   1108 C  CA  . ALA A 1 143 ? -1.550  15.460  -6.284  1.00 21.47 ? 318 ALA A CA  1 
ATOM   1109 C  C   . ALA A 1 143 ? -2.546  15.313  -7.431  1.00 20.32 ? 318 ALA A C   1 
ATOM   1110 O  O   . ALA A 1 143 ? -3.304  16.241  -7.727  1.00 22.89 ? 318 ALA A O   1 
ATOM   1111 C  CB  . ALA A 1 143 ? -0.144  15.649  -6.824  1.00 17.57 ? 318 ALA A CB  1 
ATOM   1112 N  N   . PHE A 1 144 ? -2.531  14.148  -8.077  1.00 18.37 ? 319 PHE A N   1 
ATOM   1113 C  CA  . PHE A 1 144 ? -3.472  13.832  -9.148  1.00 18.57 ? 319 PHE A CA  1 
ATOM   1114 C  C   . PHE A 1 144 ? -4.900  13.990  -8.644  1.00 21.07 ? 319 PHE A C   1 
ATOM   1115 O  O   . PHE A 1 144 ? -5.738  14.603  -9.306  1.00 21.62 ? 319 PHE A O   1 
ATOM   1116 C  CB  . PHE A 1 144 ? -3.251  12.395  -9.640  1.00 22.85 ? 319 PHE A CB  1 
ATOM   1117 C  CG  . PHE A 1 144 ? -4.089  12.010  -10.840 1.00 18.70 ? 319 PHE A CG  1 
ATOM   1118 C  CD1 . PHE A 1 144 ? -5.424  11.646  -10.694 1.00 20.61 ? 319 PHE A CD1 1 
ATOM   1119 C  CD2 . PHE A 1 144 ? -3.526  11.982  -12.111 1.00 23.70 ? 319 PHE A CD2 1 
ATOM   1120 C  CE1 . PHE A 1 144 ? -6.186  11.286  -11.795 1.00 26.00 ? 319 PHE A CE1 1 
ATOM   1121 C  CE2 . PHE A 1 144 ? -4.280  11.618  -13.215 1.00 30.97 ? 319 PHE A CE2 1 
ATOM   1122 C  CZ  . PHE A 1 144 ? -5.612  11.271  -13.056 1.00 25.83 ? 319 PHE A CZ  1 
ATOM   1123 N  N   . THR A 1 145 ? -5.168  13.431  -7.467  1.00 16.99 ? 320 THR A N   1 
ATOM   1124 C  CA  . THR A 1 145 ? -6.511  13.444  -6.896  1.00 16.61 ? 320 THR A CA  1 
ATOM   1125 C  C   . THR A 1 145 ? -6.973  14.858  -6.550  1.00 27.76 ? 320 THR A C   1 
ATOM   1126 O  O   . THR A 1 145 ? -8.115  15.232  -6.829  1.00 23.28 ? 320 THR A O   1 
ATOM   1127 C  CB  . THR A 1 145 ? -6.598  12.549  -5.647  1.00 18.46 ? 320 THR A CB  1 
ATOM   1128 O  OG1 . THR A 1 145 ? -6.201  11.216  -5.991  1.00 21.17 ? 320 THR A OG1 1 
ATOM   1129 C  CG2 . THR A 1 145 ? -8.018  12.517  -5.115  1.00 22.40 ? 320 THR A CG2 1 
ATOM   1130 N  N   . ARG A 1 146 ? -6.079  15.638  -5.946  1.00 20.74 ? 321 ARG A N   1 
ATOM   1131 C  CA  . ARG A 1 146 ? -6.375  17.027  -5.604  1.00 27.88 ? 321 ARG A CA  1 
ATOM   1132 C  C   . ARG A 1 146 ? -6.682  17.845  -6.856  1.00 26.99 ? 321 ARG A C   1 
ATOM   1133 O  O   . ARG A 1 146 ? -7.615  18.653  -6.864  1.00 29.42 ? 321 ARG A O   1 
ATOM   1134 C  CB  . ARG A 1 146 ? -5.209  17.659  -4.838  1.00 19.76 ? 321 ARG A CB  1 
ATOM   1135 C  CG  . ARG A 1 146 ? -5.041  17.139  -3.418  1.00 26.08 ? 321 ARG A CG  1 
ATOM   1136 C  CD  . ARG A 1 146 ? -6.178  17.592  -2.512  1.00 31.56 ? 321 ARG A CD  1 
ATOM   1137 N  NE  . ARG A 1 146 ? -5.969  18.947  -2.007  1.00 32.27 ? 321 ARG A NE  1 
ATOM   1138 C  CZ  . ARG A 1 146 ? -6.587  19.451  -0.943  1.00 36.60 ? 321 ARG A CZ  1 
ATOM   1139 N  NH1 . ARG A 1 146 ? -7.455  18.709  -0.266  1.00 28.49 ? 321 ARG A NH1 1 
ATOM   1140 N  NH2 . ARG A 1 146 ? -6.338  20.694  -0.551  1.00 31.61 ? 321 ARG A NH2 1 
ATOM   1141 N  N   . GLN A 1 147 ? -5.895  17.628  -7.908  1.00 24.50 ? 322 GLN A N   1 
ATOM   1142 C  CA  . GLN A 1 147 ? -6.106  18.292  -9.193  1.00 29.55 ? 322 GLN A CA  1 
ATOM   1143 C  C   . GLN A 1 147 ? -7.482  17.977  -9.776  1.00 32.95 ? 322 GLN A C   1 
ATOM   1144 O  O   . GLN A 1 147 ? -8.242  18.878  -10.132 1.00 31.16 ? 322 GLN A O   1 
ATOM   1145 C  CB  . GLN A 1 147 ? -5.027  17.871  -10.195 1.00 33.01 ? 322 GLN A CB  1 
ATOM   1146 C  CG  . GLN A 1 147 ? -3.707  18.619  -10.063 1.00 39.45 ? 322 GLN A CG  1 
ATOM   1147 C  CD  . GLN A 1 147 ? -3.327  19.355  -11.336 1.00 65.81 ? 322 GLN A CD  1 
ATOM   1148 O  OE1 . GLN A 1 147 ? -4.003  19.239  -12.360 1.00 69.47 ? 322 GLN A OE1 1 
ATOM   1149 N  NE2 . GLN A 1 147 ? -2.244  20.120  -11.277 1.00 64.30 ? 322 GLN A NE2 1 
ATOM   1150 N  N   . ALA A 1 148 ? -7.789  16.688  -9.871  1.00 27.71 ? 323 ALA A N   1 
ATOM   1151 C  CA  . ALA A 1 148 ? -9.058  16.231  -10.423 1.00 29.26 ? 323 ALA A CA  1 
ATOM   1152 C  C   . ALA A 1 148 ? -10.254 16.802  -9.659  1.00 29.32 ? 323 ALA A C   1 
ATOM   1153 O  O   . ALA A 1 148 ? -11.311 17.051  -10.243 1.00 29.52 ? 323 ALA A O   1 
ATOM   1154 C  CB  . ALA A 1 148 ? -9.106  14.714  -10.430 1.00 27.21 ? 323 ALA A CB  1 
ATOM   1155 N  N   . LEU A 1 149 ? -10.078 17.010  -8.357  1.00 29.56 ? 324 LEU A N   1 
ATOM   1156 C  CA  . LEU A 1 149 ? -11.142 17.531  -7.505  1.00 29.20 ? 324 LEU A CA  1 
ATOM   1157 C  C   . LEU A 1 149 ? -11.163 19.059  -7.453  1.00 33.68 ? 324 LEU A C   1 
ATOM   1158 O  O   . LEU A 1 149 ? -11.978 19.645  -6.736  1.00 36.76 ? 324 LEU A O   1 
ATOM   1159 C  CB  . LEU A 1 149 ? -11.006 16.976  -6.084  1.00 31.98 ? 324 LEU A CB  1 
ATOM   1160 C  CG  . LEU A 1 149 ? -11.265 15.485  -5.873  1.00 40.47 ? 324 LEU A CG  1 
ATOM   1161 C  CD1 . LEU A 1 149 ? -10.889 15.079  -4.459  1.00 32.91 ? 324 LEU A CD1 1 
ATOM   1162 C  CD2 . LEU A 1 149 ? -12.717 15.148  -6.151  1.00 34.82 ? 324 LEU A CD2 1 
ATOM   1163 N  N   . ASN A 1 150 ? -10.272 19.694  -8.213  1.00 36.36 ? 325 ASN A N   1 
ATOM   1164 C  CA  . ASN A 1 150 ? -10.143 21.153  -8.214  1.00 37.99 ? 325 ASN A CA  1 
ATOM   1165 C  C   . ASN A 1 150 ? -9.863  21.729  -6.826  1.00 45.55 ? 325 ASN A C   1 
ATOM   1166 O  O   . ASN A 1 150 ? -10.557 22.636  -6.360  1.00 37.50 ? 325 ASN A O   1 
ATOM   1167 C  CB  . ASN A 1 150 ? -11.366 21.818  -8.853  1.00 38.88 ? 325 ASN A CB  1 
ATOM   1168 C  CG  . ASN A 1 150 ? -11.514 21.474  -10.323 1.00 48.23 ? 325 ASN A CG  1 
ATOM   1169 O  OD1 . ASN A 1 150 ? -10.645 21.795  -11.134 1.00 56.73 ? 325 ASN A OD1 1 
ATOM   1170 N  ND2 . ASN A 1 150 ? -12.627 20.842  -10.679 1.00 41.99 ? 325 ASN A ND2 1 
ATOM   1171 N  N   . LEU A 1 151 ? -8.839  21.184  -6.176  1.00 39.31 ? 326 LEU A N   1 
ATOM   1172 C  CA  . LEU A 1 151 ? -8.436  21.606  -4.841  1.00 36.00 ? 326 LEU A CA  1 
ATOM   1173 C  C   . LEU A 1 151 ? -6.964  22.014  -4.864  1.00 35.30 ? 326 LEU A C   1 
ATOM   1174 O  O   . LEU A 1 151 ? -6.219  21.597  -5.754  1.00 40.74 ? 326 LEU A O   1 
ATOM   1175 C  CB  . LEU A 1 151 ? -8.666  20.468  -3.841  1.00 34.67 ? 326 LEU A CB  1 
ATOM   1176 C  CG  . LEU A 1 151 ? -10.129 20.054  -3.658  1.00 36.08 ? 326 LEU A CG  1 
ATOM   1177 C  CD1 . LEU A 1 151 ? -10.258 18.771  -2.851  1.00 36.88 ? 326 LEU A CD1 1 
ATOM   1178 C  CD2 . LEU A 1 151 ? -10.911 21.177  -2.998  1.00 39.52 ? 326 LEU A CD2 1 
ATOM   1179 N  N   . PRO A 1 152 ? -6.539  22.849  -3.901  1.00 38.18 ? 327 PRO A N   1 
ATOM   1180 C  CA  . PRO A 1 152 ? -5.130  23.255  -3.844  1.00 42.20 ? 327 PRO A CA  1 
ATOM   1181 C  C   . PRO A 1 152 ? -4.207  22.091  -3.497  1.00 41.91 ? 327 PRO A C   1 
ATOM   1182 O  O   . PRO A 1 152 ? -4.652  21.100  -2.918  1.00 41.60 ? 327 PRO A O   1 
ATOM   1183 C  CB  . PRO A 1 152 ? -5.106  24.290  -2.713  1.00 32.01 ? 327 PRO A CB  1 
ATOM   1184 C  CG  . PRO A 1 152 ? -6.519  24.762  -2.587  1.00 45.90 ? 327 PRO A CG  1 
ATOM   1185 C  CD  . PRO A 1 152 ? -7.359  23.566  -2.910  1.00 40.66 ? 327 PRO A CD  1 
ATOM   1186 N  N   . ASP A 1 153 ? -2.933  22.225  -3.849  1.00 34.70 ? 328 ASP A N   1 
ATOM   1187 C  CA  . ASP A 1 153 ? -1.931  21.210  -3.552  1.00 51.14 ? 328 ASP A CA  1 
ATOM   1188 C  C   . ASP A 1 153 ? -1.806  21.004  -2.045  1.00 45.63 ? 328 ASP A C   1 
ATOM   1189 O  O   . ASP A 1 153 ? -1.876  21.960  -1.273  1.00 42.38 ? 328 ASP A O   1 
ATOM   1190 C  CB  . ASP A 1 153 ? -0.584  21.630  -4.133  1.00 54.10 ? 328 ASP A CB  1 
ATOM   1191 C  CG  . ASP A 1 153 ? -0.730  22.605  -5.284  1.00 57.32 ? 328 ASP A CG  1 
ATOM   1192 O  OD1 . ASP A 1 153 ? -1.653  22.423  -6.106  1.00 60.47 ? 328 ASP A OD1 1 
ATOM   1193 O  OD2 . ASP A 1 153 ? 0.071   23.561  -5.361  1.00 66.92 ? 328 ASP A OD2 1 
ATOM   1194 N  N   . VAL A 1 154 ? -1.625  19.753  -1.636  1.00 36.95 ? 329 VAL A N   1 
ATOM   1195 C  CA  . VAL A 1 154 ? -1.519  19.405  -0.224  1.00 38.27 ? 329 VAL A CA  1 
ATOM   1196 C  C   . VAL A 1 154 ? -0.138  19.780  0.323   1.00 46.58 ? 329 VAL A C   1 
ATOM   1197 O  O   . VAL A 1 154 ? 0.011   20.125  1.497   1.00 43.47 ? 329 VAL A O   1 
ATOM   1198 C  CB  . VAL A 1 154 ? -1.832  17.899  -0.006  1.00 40.51 ? 329 VAL A CB  1 
ATOM   1199 C  CG1 . VAL A 1 154 ? -1.380  17.424  1.364   1.00 49.65 ? 329 VAL A CG1 1 
ATOM   1200 C  CG2 . VAL A 1 154 ? -3.320  17.642  -0.189  1.00 40.87 ? 329 VAL A CG2 1 
ATOM   1201 N  N   . PHE A 1 155 ? 0.867   19.741  -0.546  1.00 47.49 ? 330 PHE A N   1 
ATOM   1202 C  CA  . PHE A 1 155 ? 2.228   20.083  -0.149  1.00 36.33 ? 330 PHE A CA  1 
ATOM   1203 C  C   . PHE A 1 155 ? 2.671   21.407  -0.766  1.00 42.89 ? 330 PHE A C   1 
ATOM   1204 O  O   . PHE A 1 155 ? 3.414   22.175  -0.153  1.00 47.72 ? 330 PHE A O   1 
ATOM   1205 C  CB  . PHE A 1 155 ? 3.196   18.965  -0.541  1.00 38.73 ? 330 PHE A CB  1 
ATOM   1206 C  CG  . PHE A 1 155 ? 2.790   17.613  -0.035  1.00 37.63 ? 330 PHE A CG  1 
ATOM   1207 C  CD1 . PHE A 1 155 ? 2.903   17.301  1.312   1.00 31.55 ? 330 PHE A CD1 1 
ATOM   1208 C  CD2 . PHE A 1 155 ? 2.295   16.653  -0.904  1.00 30.67 ? 330 PHE A CD2 1 
ATOM   1209 C  CE1 . PHE A 1 155 ? 2.526   16.057  1.786   1.00 24.48 ? 330 PHE A CE1 1 
ATOM   1210 C  CE2 . PHE A 1 155 ? 1.918   15.406  -0.438  1.00 34.80 ? 330 PHE A CE2 1 
ATOM   1211 C  CZ  . PHE A 1 155 ? 2.035   15.108  0.910   1.00 41.06 ? 330 PHE A CZ  1 
HETATM 1212 O  O   . HOH B 2 .   ? 4.662   -13.870 -14.331 1.00 20.05 ? 401 HOH A O   1 
HETATM 1213 O  O   . HOH B 2 .   ? 8.541   1.548   -11.751 1.00 24.66 ? 402 HOH A O   1 
HETATM 1214 O  O   . HOH B 2 .   ? -6.026  -2.055  7.497   1.00 16.43 ? 403 HOH A O   1 
HETATM 1215 O  O   . HOH B 2 .   ? -5.034  6.161   7.685   1.00 19.60 ? 404 HOH A O   1 
HETATM 1216 O  O   . HOH B 2 .   ? 14.479  -2.381  -6.109  1.00 24.83 ? 405 HOH A O   1 
HETATM 1217 O  O   . HOH B 2 .   ? -6.079  -0.012  -9.328  1.00 21.50 ? 406 HOH A O   1 
HETATM 1218 O  O   . HOH B 2 .   ? 6.530   12.817  -5.331  1.00 23.15 ? 407 HOH A O   1 
HETATM 1219 O  O   . HOH B 2 .   ? -9.201  9.180   -3.062  1.00 29.14 ? 408 HOH A O   1 
HETATM 1220 O  O   . HOH B 2 .   ? -6.384  9.570   -3.912  1.00 22.14 ? 409 HOH A O   1 
HETATM 1221 O  O   . HOH B 2 .   ? 11.803  -2.059  -6.318  1.00 24.93 ? 410 HOH A O   1 
HETATM 1222 O  O   . HOH B 2 .   ? 7.203   11.695  3.924   1.00 24.41 ? 411 HOH A O   1 
HETATM 1223 O  O   . HOH B 2 .   ? -4.900  -7.814  14.520  1.00 26.60 ? 412 HOH A O   1 
HETATM 1224 O  O   . HOH B 2 .   ? 12.920  11.461  -0.994  1.00 24.48 ? 413 HOH A O   1 
HETATM 1225 O  O   . HOH B 2 .   ? 8.741   -15.955 -1.087  1.00 34.68 ? 414 HOH A O   1 
HETATM 1226 O  O   . HOH B 2 .   ? 8.018   -9.269  15.060  1.00 28.63 ? 415 HOH A O   1 
HETATM 1227 O  O   . HOH B 2 .   ? 6.409   -14.325 7.255   1.00 35.33 ? 416 HOH A O   1 
HETATM 1228 O  O   . HOH B 2 .   ? 7.757   -15.334 10.945  1.00 37.44 ? 417 HOH A O   1 
HETATM 1229 O  O   . HOH B 2 .   ? 17.476  11.435  5.968   1.00 37.85 ? 418 HOH A O   1 
HETATM 1230 O  O   . HOH B 2 .   ? -11.316 9.878   -0.872  1.00 29.66 ? 419 HOH A O   1 
HETATM 1231 O  O   . HOH B 2 .   ? -9.542  -2.533  0.645   1.00 21.74 ? 420 HOH A O   1 
HETATM 1232 O  O   . HOH B 2 .   ? 7.006   -4.749  15.842  1.00 35.31 ? 421 HOH A O   1 
HETATM 1233 O  O   . HOH B 2 .   ? 2.690   2.989   12.147  1.00 27.57 ? 422 HOH A O   1 
HETATM 1234 O  O   . HOH B 2 .   ? 6.415   -11.693 -8.574  1.00 29.05 ? 423 HOH A O   1 
HETATM 1235 O  O   . HOH B 2 .   ? -5.698  15.041  -12.296 1.00 32.52 ? 424 HOH A O   1 
HETATM 1236 O  O   . HOH B 2 .   ? 17.105  -8.429  8.065   1.00 40.16 ? 425 HOH A O   1 
HETATM 1237 O  O   . HOH B 2 .   ? 10.627  -4.054  10.377  1.00 32.00 ? 426 HOH A O   1 
HETATM 1238 O  O   . HOH B 2 .   ? 0.619   13.261  -10.064 1.00 20.22 ? 427 HOH A O   1 
HETATM 1239 O  O   . HOH B 2 .   ? 11.884  -8.498  17.340  1.00 36.84 ? 428 HOH A O   1 
HETATM 1240 O  O   . HOH B 2 .   ? 10.474  2.474   -9.507  1.00 31.21 ? 429 HOH A O   1 
HETATM 1241 O  O   . HOH B 2 .   ? 10.246  -7.703  15.378  1.00 27.32 ? 430 HOH A O   1 
HETATM 1242 O  O   . HOH B 2 .   ? 7.889   -8.025  -14.958 1.00 31.70 ? 431 HOH A O   1 
HETATM 1243 O  O   . HOH B 2 .   ? 2.235   15.274  -4.258  1.00 27.20 ? 432 HOH A O   1 
HETATM 1244 O  O   . HOH B 2 .   ? 2.663   5.497   -14.830 1.00 19.60 ? 433 HOH A O   1 
HETATM 1245 O  O   . HOH B 2 .   ? -2.153  14.599  2.956   1.00 22.44 ? 434 HOH A O   1 
HETATM 1246 O  O   . HOH B 2 .   ? -0.183  12.270  3.467   1.00 33.92 ? 435 HOH A O   1 
HETATM 1247 O  O   . HOH B 2 .   ? 9.834   -4.874  15.774  1.00 30.33 ? 436 HOH A O   1 
HETATM 1248 O  O   . HOH B 2 .   ? 4.373   4.293   -16.978 1.00 36.26 ? 437 HOH A O   1 
HETATM 1249 O  O   . HOH B 2 .   ? 5.676   -3.414  17.940  1.00 32.23 ? 438 HOH A O   1 
HETATM 1250 O  O   . HOH B 2 .   ? 11.523  0.140   -8.118  1.00 25.68 ? 439 HOH A O   1 
HETATM 1251 O  O   . HOH B 2 .   ? -11.677 8.049   -17.579 1.00 31.34 ? 440 HOH A O   1 
HETATM 1252 O  O   . HOH B 2 .   ? -0.546  4.442   -15.672 1.00 15.44 ? 441 HOH A O   1 
HETATM 1253 O  O   . HOH B 2 .   ? 12.135  0.549   14.446  1.00 39.37 ? 442 HOH A O   1 
HETATM 1254 O  O   . HOH B 2 .   ? 10.830  -3.437  13.741  1.00 25.75 ? 443 HOH A O   1 
HETATM 1255 O  O   . HOH B 2 .   ? 9.256   -2.383  11.872  1.00 26.24 ? 444 HOH A O   1 
HETATM 1256 O  O   . HOH B 2 .   ? 14.144  -9.947  16.254  1.00 40.31 ? 445 HOH A O   1 
HETATM 1257 O  O   . HOH B 2 .   ? -11.288 1.362   7.839   1.00 37.38 ? 446 HOH A O   1 
HETATM 1258 O  O   . HOH B 2 .   ? -0.106  -1.172  -15.760 1.00 20.78 ? 447 HOH A O   1 
HETATM 1259 O  O   . HOH B 2 .   ? 17.761  5.992   18.620  1.00 30.22 ? 448 HOH A O   1 
HETATM 1260 O  O   . HOH B 2 .   ? -7.672  -11.845 1.454   1.00 37.70 ? 449 HOH A O   1 
HETATM 1261 O  O   . HOH B 2 .   ? 18.739  6.710   20.410  1.00 29.80 ? 450 HOH A O   1 
HETATM 1262 O  O   . HOH B 2 .   ? 13.512  5.702   21.470  1.00 42.60 ? 451 HOH A O   1 
HETATM 1263 O  O   . HOH B 2 .   ? -10.447 1.914   11.554  1.00 32.55 ? 452 HOH A O   1 
HETATM 1264 O  O   . HOH B 2 .   ? 17.992  -4.203  -0.734  1.00 33.99 ? 453 HOH A O   1 
HETATM 1265 O  O   . HOH B 2 .   ? -9.549  -5.271  -0.052  1.00 31.41 ? 454 HOH A O   1 
HETATM 1266 O  O   . HOH B 2 .   ? 7.646   -17.979 11.767  1.00 39.21 ? 455 HOH A O   1 
HETATM 1267 O  O   . HOH B 2 .   ? -8.887  -12.099 4.145   1.00 46.15 ? 456 HOH A O   1 
# 
